data_5E65
#
_entry.id   5E65
#
_cell.length_a   164.897
_cell.length_b   164.897
_cell.length_c   164.897
_cell.angle_alpha   90.00
_cell.angle_beta   90.00
_cell.angle_gamma   90.00
#
_symmetry.space_group_name_H-M   'P 21 3'
#
loop_
_entity.id
_entity.type
_entity.pdbx_description
1 polymer Hemagglutinin-esterase
2 polymer Hemagglutinin-esterase
3 branched alpha-D-mannopyranose-(1-3)-[alpha-D-mannopyranose-(1-6)]alpha-D-mannopyranose-(1-6)-beta-D-mannopyranose-(1-4)-2-acetamido-2-deoxy-beta-D-glucopyranose-(1-4)-2-acetamido-2-deoxy-beta-D-glucopyranose
4 branched 2-acetamido-2-deoxy-beta-D-glucopyranose-(1-4)-2-acetamido-2-deoxy-beta-D-glucopyranose
5 branched '9-O-acetyl-5-acetamido-3,5-dideoxy-D-glycero-alpha-D-galacto-non-2-ulopyranosonic acid-(2-3)-beta-D-galactopyranose'
6 non-polymer 2-acetamido-2-deoxy-beta-D-glucopyranose
7 water water
#
loop_
_entity_poly.entity_id
_entity_poly.type
_entity_poly.pdbx_seq_one_letter_code
_entity_poly.pdbx_strand_id
1 'polypeptide(L)'
;ELICIVQRVNESFSLHSGFGGNVYSMKTEPMTGFTNVTKGASVINQKDWIGFGDARTDLTNDQFPASSDVPLAVAKKFRS
LSGASLMLSAFGPPGKVDYLYQGCGKEKVFYEGVNWSPEAGIDCFGSNWTQTKKDFYSRIYEAARSSTCMTLVNSLDTKI
SSTTATAGTASSCSSSWMKSPLWYAESSVNPGAKPQVCGTEQSATFTLPTSFGIYKCNKHVVQLCYFVYENKAKFNTFGC
GDYYQNYYDGNGNLIGGMDNRVAAYRGIANAGVKIECPSKILNPGTYSIKSTPRFLLVPKRSYCFDTDGGYPIQVVQSEW
SASRRSDNATEEACLQTEGCIFIKKTTPYVGEAADNAGDIEMRQLLSGLGNNDTVCVSQSGYTKGETPFVKDYLSPPKYG
RCQLKTDSGRIPTLPSGLIIPQAGTDS
;
A,C
2 'polypeptide(L)'
;IFGIDDLIFGLLFVGFVAGGVAGGYFWGRSNGGGGGASVSSTQAGFDKIGKDIQQLRNDTNAAIEGFNGRIAHDEQAIKN
LAKEIEDARAEALVGELGIIRSLIVANISMNLKESLYELANQITKRGGGIAQEAGPGCWYVDSENCDASCKEYIFNFNGS
ATVPTL
;
B,D
#
loop_
_chem_comp.id
_chem_comp.type
_chem_comp.name
_chem_comp.formula
5N6 D-saccharide, alpha linking '9-O-acetyl-5-acetamido-3,5-dideoxy-D-glycero-alpha-D-galacto-non-2-ulopyranosonic acid' 'C13 H21 N O10'
BMA D-saccharide, beta linking beta-D-mannopyranose 'C6 H12 O6'
GAL D-saccharide, beta linking beta-D-galactopyranose 'C6 H12 O6'
MAN D-saccharide, alpha linking alpha-D-mannopyranose 'C6 H12 O6'
NAG D-saccharide, beta linking 2-acetamido-2-deoxy-beta-D-glucopyranose 'C8 H15 N O6'
#
# COMPACT_ATOMS: atom_id res chain seq x y z
N GLU A 1 43.59 38.71 36.99
CA GLU A 1 43.07 38.28 35.70
C GLU A 1 41.71 37.60 35.83
N LEU A 2 40.79 37.98 34.94
CA LEU A 2 39.47 37.38 34.90
C LEU A 2 39.46 36.15 33.99
N ILE A 3 39.14 35.00 34.57
CA ILE A 3 39.06 33.75 33.79
C ILE A 3 37.64 33.20 33.82
N CYS A 4 37.07 32.97 32.64
CA CYS A 4 35.68 32.57 32.54
C CYS A 4 35.45 31.41 31.59
N ILE A 5 34.54 30.52 31.96
CA ILE A 5 33.96 29.58 31.01
C ILE A 5 33.04 30.38 30.10
N VAL A 6 33.22 30.25 28.80
CA VAL A 6 32.39 31.01 27.86
C VAL A 6 31.53 30.06 27.00
N GLN A 7 30.26 30.41 26.87
CA GLN A 7 29.31 29.62 26.10
C GLN A 7 29.02 30.29 24.76
N ARG A 8 29.22 29.56 23.67
CA ARG A 8 28.95 30.13 22.35
C ARG A 8 28.26 29.15 21.42
N VAL A 9 27.41 29.69 20.53
CA VAL A 9 26.70 28.87 19.56
C VAL A 9 27.01 29.33 18.14
N ASN A 10 26.78 28.42 17.19
CA ASN A 10 26.97 28.69 15.77
C ASN A 10 25.67 29.03 15.06
N GLU A 11 25.76 29.24 13.75
CA GLU A 11 24.56 29.38 12.92
C GLU A 11 23.87 28.03 12.83
N SER A 12 24.62 26.98 13.14
CA SER A 12 24.13 25.61 13.09
C SER A 12 23.26 25.28 14.30
N PHE A 13 23.39 26.09 15.35
CA PHE A 13 22.58 25.91 16.55
C PHE A 13 21.23 26.60 16.40
N SER A 14 20.18 25.89 16.79
CA SER A 14 18.83 26.47 16.83
C SER A 14 18.29 26.41 18.25
N LEU A 15 17.47 27.39 18.60
CA LEU A 15 16.98 27.52 19.97
C LEU A 15 15.68 26.75 20.18
N HIS A 16 15.66 25.91 21.22
CA HIS A 16 14.46 25.18 21.60
C HIS A 16 13.91 25.69 22.93
N SER A 17 12.65 26.12 22.93
CA SER A 17 12.07 26.75 24.10
C SER A 17 11.56 25.74 25.14
N GLY A 18 11.64 26.12 26.40
CA GLY A 18 11.14 25.30 27.49
C GLY A 18 10.44 26.16 28.51
N PHE A 19 9.60 25.54 29.33
CA PHE A 19 9.00 26.22 30.47
C PHE A 19 9.96 26.18 31.66
N GLY A 20 10.86 27.15 31.73
CA GLY A 20 11.85 27.17 32.79
C GLY A 20 13.26 26.91 32.29
N GLY A 21 13.52 27.29 31.05
CA GLY A 21 14.86 27.16 30.49
C GLY A 21 14.84 26.71 29.04
N ASN A 22 15.62 27.40 28.21
CA ASN A 22 15.73 27.05 26.80
C ASN A 22 17.01 26.26 26.54
N VAL A 23 17.10 25.67 25.35
CA VAL A 23 18.25 24.85 24.98
C VAL A 23 18.71 25.12 23.54
N TYR A 24 20.00 25.37 23.38
CA TYR A 24 20.61 25.45 22.05
C TYR A 24 21.17 24.08 21.66
N SER A 25 20.89 23.65 20.44
CA SER A 25 21.45 22.41 19.92
C SER A 25 21.57 22.46 18.41
N MET A 26 22.37 21.55 17.85
CA MET A 26 22.56 21.49 16.40
C MET A 26 21.68 20.42 15.77
N LYS A 27 21.41 19.37 16.54
CA LYS A 27 20.63 18.24 16.04
C LYS A 27 19.34 18.09 16.83
N THR A 28 18.31 17.54 16.19
CA THR A 28 17.09 17.20 16.89
C THR A 28 16.73 15.76 16.60
N GLU A 29 15.96 15.15 17.48
CA GLU A 29 15.42 13.81 17.26
C GLU A 29 13.94 13.82 17.58
N PRO A 30 13.14 13.16 16.74
CA PRO A 30 11.70 13.10 17.03
C PRO A 30 11.44 12.43 18.38
N MET A 31 10.44 12.93 19.10
CA MET A 31 10.15 12.47 20.45
C MET A 31 9.50 11.08 20.45
N THR A 32 8.71 10.80 19.41
CA THR A 32 8.10 9.49 19.25
C THR A 32 7.74 9.28 17.77
N GLY A 33 7.04 8.19 17.46
CA GLY A 33 6.80 7.85 16.07
C GLY A 33 5.55 7.02 15.82
N PHE A 34 5.52 6.36 14.66
CA PHE A 34 4.36 5.60 14.26
C PHE A 34 4.49 4.12 14.62
N THR A 35 3.36 3.49 14.93
CA THR A 35 3.33 2.05 15.17
C THR A 35 2.94 1.32 13.88
N ASN A 36 3.67 0.26 13.54
CA ASN A 36 3.36 -0.52 12.35
C ASN A 36 1.95 -1.10 12.43
N VAL A 37 1.34 -1.28 11.26
CA VAL A 37 0.03 -1.92 11.17
C VAL A 37 0.17 -3.20 10.34
N THR A 38 -0.29 -4.31 10.90
CA THR A 38 -0.20 -5.60 10.23
C THR A 38 -1.57 -6.04 9.69
N LYS A 39 -1.63 -6.34 8.40
CA LYS A 39 -2.89 -6.82 7.80
C LYS A 39 -3.25 -8.20 8.30
N GLY A 40 -4.55 -8.47 8.40
CA GLY A 40 -5.00 -9.78 8.82
C GLY A 40 -5.83 -9.76 10.09
N ALA A 41 -6.07 -10.94 10.65
CA ALA A 41 -6.92 -11.07 11.83
C ALA A 41 -6.11 -11.23 13.10
N SER A 42 -6.64 -10.78 14.21
CA SER A 42 -6.00 -10.96 15.50
C SER A 42 -7.00 -10.73 16.63
N VAL A 43 -6.52 -10.74 17.87
CA VAL A 43 -7.38 -10.52 19.03
C VAL A 43 -6.64 -9.72 20.09
N ILE A 44 -7.36 -8.91 20.86
CA ILE A 44 -6.75 -8.15 21.95
C ILE A 44 -6.77 -8.92 23.26
N ASN A 45 -7.62 -9.95 23.34
CA ASN A 45 -7.71 -10.76 24.56
C ASN A 45 -7.77 -12.27 24.24
N GLN A 46 -6.64 -12.94 24.41
CA GLN A 46 -6.54 -14.36 24.08
C GLN A 46 -7.46 -15.26 24.91
N LYS A 47 -7.95 -14.76 26.03
CA LYS A 47 -8.79 -15.56 26.91
C LYS A 47 -10.29 -15.35 26.69
N ASP A 48 -10.66 -14.46 25.77
CA ASP A 48 -12.08 -14.25 25.51
C ASP A 48 -12.38 -14.07 24.02
N TRP A 49 -12.12 -15.10 23.23
CA TRP A 49 -12.50 -15.08 21.81
C TRP A 49 -12.85 -16.47 21.30
N ILE A 50 -13.66 -16.51 20.23
CA ILE A 50 -14.14 -17.77 19.69
C ILE A 50 -14.13 -17.75 18.16
N GLY A 51 -13.75 -18.87 17.56
CA GLY A 51 -13.73 -18.99 16.11
C GLY A 51 -14.74 -20.02 15.64
N PHE A 52 -15.36 -19.77 14.50
CA PHE A 52 -16.25 -20.73 13.87
C PHE A 52 -15.77 -21.01 12.46
N GLY A 53 -15.55 -22.29 12.13
CA GLY A 53 -14.94 -22.60 10.85
C GLY A 53 -15.28 -23.93 10.22
N ASP A 54 -14.42 -24.32 9.27
CA ASP A 54 -14.58 -25.55 8.52
C ASP A 54 -13.28 -26.35 8.56
N ALA A 55 -12.98 -27.10 7.49
CA ALA A 55 -11.78 -27.92 7.44
C ALA A 55 -10.50 -27.13 7.68
N ARG A 56 -10.49 -25.87 7.23
CA ARG A 56 -9.27 -25.06 7.26
C ARG A 56 -8.86 -24.64 8.67
N THR A 57 -9.71 -24.93 9.66
CA THR A 57 -9.36 -24.71 11.07
C THR A 57 -9.76 -25.91 11.92
N ASP A 58 -9.88 -27.07 11.28
CA ASP A 58 -10.31 -28.28 11.97
C ASP A 58 -9.11 -29.18 12.29
N LEU A 59 -8.69 -29.20 13.55
CA LEU A 59 -7.52 -29.99 13.94
C LEU A 59 -7.73 -31.50 13.82
N THR A 60 -8.98 -31.94 13.67
CA THR A 60 -9.27 -33.37 13.54
C THR A 60 -9.25 -33.86 12.09
N ASN A 61 -9.04 -32.95 11.14
CA ASN A 61 -8.92 -33.33 9.73
C ASN A 61 -7.74 -34.26 9.53
N ASP A 62 -7.91 -35.28 8.69
CA ASP A 62 -6.89 -36.30 8.45
C ASP A 62 -5.56 -35.73 7.97
N GLN A 63 -5.60 -34.56 7.33
CA GLN A 63 -4.39 -33.99 6.76
C GLN A 63 -3.82 -32.82 7.58
N PHE A 64 -4.29 -32.68 8.82
CA PHE A 64 -3.74 -31.65 9.72
C PHE A 64 -2.27 -31.96 9.99
N PRO A 65 -1.41 -30.92 10.00
CA PRO A 65 -1.71 -29.49 9.87
C PRO A 65 -1.60 -28.95 8.45
N ALA A 66 -1.38 -29.83 7.46
CA ALA A 66 -1.23 -29.40 6.07
C ALA A 66 -2.52 -28.79 5.54
N SER A 67 -3.64 -29.22 6.10
CA SER A 67 -4.95 -28.74 5.67
C SER A 67 -5.42 -27.51 6.45
N SER A 68 -4.57 -26.97 7.31
CA SER A 68 -4.98 -25.90 8.23
C SER A 68 -4.38 -24.54 7.90
N ASP A 69 -5.18 -23.50 8.09
CA ASP A 69 -4.69 -22.14 7.88
C ASP A 69 -4.25 -21.52 9.20
N VAL A 70 -4.34 -22.31 10.27
CA VAL A 70 -3.89 -21.87 11.59
C VAL A 70 -3.13 -22.97 12.32
N PRO A 71 -2.18 -22.60 13.19
CA PRO A 71 -1.48 -23.62 13.98
C PRO A 71 -2.40 -24.27 15.02
N LEU A 72 -1.92 -25.36 15.62
CA LEU A 72 -2.68 -26.13 16.59
C LEU A 72 -3.33 -25.29 17.70
N ALA A 73 -2.52 -24.44 18.35
CA ALA A 73 -2.99 -23.67 19.49
C ALA A 73 -4.16 -22.75 19.13
N VAL A 74 -4.12 -22.19 17.93
CA VAL A 74 -5.22 -21.38 17.43
C VAL A 74 -6.41 -22.25 17.06
N ALA A 75 -6.15 -23.42 16.46
CA ALA A 75 -7.24 -24.33 16.08
C ALA A 75 -8.06 -24.80 17.29
N LYS A 76 -7.41 -24.91 18.45
CA LYS A 76 -8.12 -25.34 19.65
C LYS A 76 -9.19 -24.30 20.05
N LYS A 77 -9.00 -23.06 19.62
CA LYS A 77 -9.93 -21.98 19.94
C LYS A 77 -11.08 -21.90 18.94
N PHE A 78 -11.05 -22.73 17.90
CA PHE A 78 -12.11 -22.75 16.89
C PHE A 78 -13.12 -23.86 17.16
N ARG A 79 -14.36 -23.61 16.76
CA ARG A 79 -15.38 -24.65 16.68
C ARG A 79 -15.58 -24.94 15.20
N SER A 80 -14.93 -25.99 14.71
CA SER A 80 -14.92 -26.28 13.27
C SER A 80 -15.11 -27.77 12.98
N LEU A 81 -15.72 -28.05 11.84
CA LEU A 81 -15.77 -29.41 11.30
C LEU A 81 -15.62 -29.33 9.79
N SER A 82 -14.81 -30.23 9.25
CA SER A 82 -14.60 -30.34 7.81
C SER A 82 -15.93 -30.46 7.08
N GLY A 83 -16.10 -29.68 6.02
CA GLY A 83 -17.32 -29.72 5.23
C GLY A 83 -18.46 -28.86 5.73
N ALA A 84 -18.30 -28.22 6.89
CA ALA A 84 -19.42 -27.50 7.52
C ALA A 84 -19.49 -26.02 7.14
N SER A 85 -20.65 -25.43 7.38
CA SER A 85 -20.83 -23.97 7.30
C SER A 85 -22.05 -23.57 8.12
N LEU A 86 -22.07 -22.34 8.61
CA LEU A 86 -23.22 -21.83 9.37
C LEU A 86 -24.48 -22.01 8.56
N MET A 87 -24.40 -21.66 7.28
CA MET A 87 -25.57 -21.73 6.42
C MET A 87 -26.00 -23.17 6.18
N LEU A 88 -25.04 -24.06 5.98
CA LEU A 88 -25.37 -25.48 5.83
C LEU A 88 -26.14 -25.99 7.05
N SER A 89 -25.70 -25.59 8.24
CA SER A 89 -26.34 -26.02 9.47
C SER A 89 -27.68 -25.35 9.69
N ALA A 90 -27.87 -24.17 9.09
CA ALA A 90 -29.13 -23.44 9.23
C ALA A 90 -30.27 -24.18 8.54
N PHE A 91 -30.00 -24.68 7.34
CA PHE A 91 -31.02 -25.34 6.53
C PHE A 91 -30.96 -26.85 6.62
N GLY A 92 -29.75 -27.39 6.73
CA GLY A 92 -29.54 -28.82 6.73
C GLY A 92 -30.01 -29.49 5.44
N PRO A 93 -29.33 -29.19 4.31
CA PRO A 93 -29.69 -29.86 3.05
C PRO A 93 -29.23 -31.31 3.06
N PRO A 94 -29.93 -32.17 2.31
CA PRO A 94 -29.63 -33.60 2.22
C PRO A 94 -28.18 -33.92 1.89
N GLY A 95 -27.57 -34.78 2.70
CA GLY A 95 -26.22 -35.26 2.42
C GLY A 95 -25.08 -34.32 2.77
N LYS A 96 -25.40 -33.11 3.24
CA LYS A 96 -24.36 -32.16 3.62
C LYS A 96 -23.99 -32.33 5.09
N VAL A 97 -22.81 -31.89 5.49
CA VAL A 97 -22.45 -32.07 6.89
C VAL A 97 -23.17 -31.01 7.75
N ASP A 98 -23.59 -31.44 8.93
CA ASP A 98 -24.53 -30.70 9.76
C ASP A 98 -23.93 -30.48 11.16
N TYR A 99 -23.05 -29.50 11.27
CA TYR A 99 -22.33 -29.23 12.51
C TYR A 99 -23.10 -28.28 13.42
N LEU A 100 -23.15 -28.62 14.71
CA LEU A 100 -23.80 -27.77 15.69
C LEU A 100 -22.80 -26.74 16.20
N TYR A 101 -22.75 -25.60 15.52
CA TYR A 101 -21.88 -24.51 15.93
C TYR A 101 -22.36 -23.91 17.24
N GLN A 102 -21.49 -23.81 18.23
CA GLN A 102 -21.83 -23.10 19.45
C GLN A 102 -20.59 -22.69 20.20
N GLY A 103 -20.63 -21.50 20.79
CA GLY A 103 -19.51 -21.02 21.57
C GLY A 103 -19.74 -19.65 22.14
N CYS A 104 -18.81 -19.22 22.99
CA CYS A 104 -18.83 -17.90 23.60
C CYS A 104 -17.49 -17.24 23.41
N GLY A 105 -17.53 -15.93 23.19
CA GLY A 105 -16.32 -15.15 23.02
C GLY A 105 -16.69 -13.73 22.65
N LYS A 106 -16.15 -12.76 23.38
CA LYS A 106 -16.47 -11.37 23.10
C LYS A 106 -15.91 -10.96 21.74
N GLU A 107 -14.72 -11.46 21.43
CA GLU A 107 -14.17 -11.32 20.07
C GLU A 107 -14.52 -12.57 19.26
N LYS A 108 -14.98 -12.39 18.03
CA LYS A 108 -15.46 -13.50 17.22
C LYS A 108 -14.83 -13.54 15.83
N VAL A 109 -14.39 -14.72 15.41
CA VAL A 109 -13.83 -14.90 14.07
C VAL A 109 -14.68 -15.90 13.27
N PHE A 110 -15.28 -15.41 12.19
CA PHE A 110 -16.03 -16.27 11.29
C PHE A 110 -15.20 -16.61 10.06
N TYR A 111 -14.72 -17.85 9.99
CA TYR A 111 -13.95 -18.33 8.84
C TYR A 111 -14.60 -19.57 8.23
N GLU A 112 -15.69 -19.34 7.51
CA GLU A 112 -16.57 -20.41 7.10
C GLU A 112 -17.53 -19.86 6.04
N GLY A 113 -18.17 -20.74 5.27
CA GLY A 113 -19.16 -20.30 4.31
C GLY A 113 -18.97 -20.94 2.94
N VAL A 114 -17.71 -21.22 2.60
CA VAL A 114 -17.35 -21.73 1.28
C VAL A 114 -18.03 -23.07 0.97
N ASN A 115 -18.39 -23.82 2.02
CA ASN A 115 -18.98 -25.15 1.81
C ASN A 115 -20.42 -25.14 1.31
N TRP A 116 -21.04 -23.96 1.27
CA TRP A 116 -22.25 -23.80 0.47
C TRP A 116 -22.08 -22.60 -0.45
N SER A 117 -21.41 -22.83 -1.55
CA SER A 117 -21.17 -21.84 -2.60
C SER A 117 -21.90 -22.36 -3.85
N PRO A 118 -21.84 -21.62 -4.98
CA PRO A 118 -22.46 -22.20 -6.18
C PRO A 118 -21.91 -23.57 -6.58
N GLU A 119 -20.66 -23.84 -6.20
CA GLU A 119 -20.02 -25.13 -6.48
C GLU A 119 -20.78 -26.32 -5.89
N ALA A 120 -21.48 -26.07 -4.79
CA ALA A 120 -22.22 -27.12 -4.10
C ALA A 120 -23.34 -27.69 -4.97
N GLY A 121 -23.92 -26.85 -5.82
CA GLY A 121 -24.95 -27.27 -6.74
C GLY A 121 -26.25 -27.66 -6.06
N ILE A 122 -26.48 -27.13 -4.86
CA ILE A 122 -27.71 -27.40 -4.14
C ILE A 122 -28.88 -26.67 -4.81
N ASP A 123 -29.92 -27.41 -5.14
CA ASP A 123 -31.08 -26.86 -5.84
C ASP A 123 -32.22 -26.61 -4.85
N CYS A 124 -33.05 -27.63 -4.65
CA CYS A 124 -34.16 -27.57 -3.69
C CYS A 124 -35.07 -26.37 -3.94
N PHE A 125 -35.37 -26.11 -5.21
CA PHE A 125 -36.23 -24.99 -5.64
C PHE A 125 -35.65 -23.61 -5.29
N GLY A 126 -34.37 -23.55 -4.94
CA GLY A 126 -33.76 -22.30 -4.55
C GLY A 126 -33.81 -21.25 -5.65
N SER A 127 -34.42 -20.11 -5.35
CA SER A 127 -34.50 -19.01 -6.30
C SER A 127 -33.11 -18.47 -6.61
N ASN A 128 -32.32 -18.29 -5.55
CA ASN A 128 -30.97 -17.76 -5.65
C ASN A 128 -30.29 -17.88 -4.30
N TRP A 129 -29.58 -18.99 -4.09
CA TRP A 129 -28.97 -19.29 -2.80
C TRP A 129 -27.88 -18.30 -2.44
N THR A 130 -27.20 -17.76 -3.44
CA THR A 130 -26.21 -16.71 -3.22
C THR A 130 -26.86 -15.50 -2.57
N GLN A 131 -28.04 -15.12 -3.04
CA GLN A 131 -28.82 -14.06 -2.40
C GLN A 131 -29.25 -14.46 -0.98
N THR A 132 -29.75 -15.68 -0.84
CA THR A 132 -30.12 -16.19 0.48
C THR A 132 -28.91 -16.20 1.43
N LYS A 133 -27.76 -16.61 0.89
CA LYS A 133 -26.51 -16.63 1.63
C LYS A 133 -26.12 -15.26 2.20
N LYS A 134 -26.09 -14.26 1.32
CA LYS A 134 -25.78 -12.90 1.72
C LYS A 134 -26.74 -12.40 2.80
N ASP A 135 -28.02 -12.69 2.62
CA ASP A 135 -29.05 -12.26 3.55
C ASP A 135 -28.90 -12.98 4.89
N PHE A 136 -28.55 -14.26 4.85
CA PHE A 136 -28.40 -15.04 6.07
C PHE A 136 -27.24 -14.55 6.92
N TYR A 137 -26.07 -14.42 6.30
CA TYR A 137 -24.90 -13.99 7.05
C TYR A 137 -25.02 -12.56 7.54
N SER A 138 -25.76 -11.72 6.83
CA SER A 138 -26.04 -10.36 7.29
C SER A 138 -26.73 -10.37 8.65
N ARG A 139 -27.77 -11.19 8.77
CA ARG A 139 -28.50 -11.33 10.03
C ARG A 139 -27.63 -11.90 11.13
N ILE A 140 -26.80 -12.89 10.79
CA ILE A 140 -25.89 -13.51 11.74
C ILE A 140 -24.92 -12.48 12.31
N TYR A 141 -24.28 -11.73 11.41
CA TYR A 141 -23.25 -10.77 11.79
C TYR A 141 -23.83 -9.63 12.63
N GLU A 142 -25.02 -9.17 12.28
CA GLU A 142 -25.70 -8.13 13.04
C GLU A 142 -26.01 -8.62 14.46
N ALA A 143 -26.55 -9.82 14.57
CA ALA A 143 -26.89 -10.38 15.87
C ALA A 143 -25.65 -10.72 16.70
N ALA A 144 -24.62 -11.24 16.03
CA ALA A 144 -23.38 -11.64 16.70
C ALA A 144 -22.64 -10.44 17.26
N ARG A 145 -22.82 -9.31 16.59
CA ARG A 145 -22.13 -8.09 16.96
C ARG A 145 -22.45 -7.65 18.39
N SER A 146 -23.68 -7.91 18.84
CA SER A 146 -24.11 -7.46 20.17
C SER A 146 -24.32 -8.63 21.13
N SER A 147 -23.79 -9.80 20.76
CA SER A 147 -23.95 -10.98 21.58
C SER A 147 -22.59 -11.49 22.05
N THR A 148 -22.60 -12.13 23.21
CA THR A 148 -21.38 -12.75 23.73
C THR A 148 -21.21 -14.15 23.15
N CYS A 149 -22.35 -14.85 22.96
CA CYS A 149 -22.35 -16.24 22.54
C CYS A 149 -23.21 -16.46 21.30
N MET A 150 -23.08 -17.64 20.73
CA MET A 150 -23.91 -18.06 19.61
C MET A 150 -24.08 -19.57 19.65
N THR A 151 -25.28 -20.05 19.36
CA THR A 151 -25.46 -21.48 19.18
C THR A 151 -26.50 -21.77 18.12
N LEU A 152 -26.25 -22.80 17.32
CA LEU A 152 -27.29 -23.36 16.49
C LEU A 152 -28.37 -23.91 17.42
N VAL A 153 -29.63 -23.73 17.05
CA VAL A 153 -30.72 -24.44 17.69
C VAL A 153 -31.21 -25.43 16.66
N ASN A 154 -30.87 -26.71 16.84
CA ASN A 154 -31.01 -27.68 15.76
C ASN A 154 -32.44 -28.22 15.60
N SER A 155 -33.33 -27.80 16.48
CA SER A 155 -34.73 -28.25 16.40
C SER A 155 -35.66 -27.36 17.23
N LEU A 156 -36.51 -26.61 16.54
CA LEU A 156 -37.55 -25.81 17.19
C LEU A 156 -38.75 -26.68 17.50
N ASP A 157 -39.43 -26.41 18.61
CA ASP A 157 -40.74 -27.02 18.87
C ASP A 157 -41.73 -26.53 17.82
N THR A 158 -42.33 -27.46 17.09
CA THR A 158 -43.30 -27.12 16.05
C THR A 158 -44.56 -27.97 16.13
N LYS A 159 -45.67 -27.41 15.68
CA LYS A 159 -46.95 -28.11 15.64
C LYS A 159 -47.80 -27.62 14.48
N ILE A 160 -48.23 -28.56 13.62
CA ILE A 160 -49.13 -28.21 12.53
C ILE A 160 -50.57 -28.62 12.87
N SER A 161 -51.53 -27.88 12.33
CA SER A 161 -52.93 -28.11 12.64
C SER A 161 -53.48 -29.30 11.86
N SER A 162 -53.01 -29.45 10.62
CA SER A 162 -53.53 -30.49 9.75
C SER A 162 -53.17 -31.88 10.24
N THR A 163 -54.06 -32.84 9.96
CA THR A 163 -53.83 -34.23 10.34
C THR A 163 -53.60 -35.07 9.09
N THR A 164 -53.93 -34.50 7.94
CA THR A 164 -53.81 -35.20 6.67
C THR A 164 -52.49 -34.84 5.97
N ALA A 165 -51.99 -33.65 6.26
CA ALA A 165 -50.76 -33.16 5.64
C ALA A 165 -49.58 -34.09 5.95
N THR A 166 -48.68 -34.23 4.97
CA THR A 166 -47.53 -35.11 5.12
C THR A 166 -46.23 -34.43 4.70
N ALA A 167 -45.10 -35.04 5.06
CA ALA A 167 -43.79 -34.45 4.83
C ALA A 167 -43.45 -34.31 3.34
N GLY A 168 -42.84 -33.19 2.98
CA GLY A 168 -42.57 -32.88 1.59
C GLY A 168 -41.26 -33.44 1.02
N THR A 169 -41.31 -33.81 -0.25
CA THR A 169 -40.16 -34.39 -0.94
C THR A 169 -40.07 -33.83 -2.36
N ALA A 170 -38.85 -33.57 -2.83
CA ALA A 170 -38.67 -33.03 -4.18
C ALA A 170 -37.50 -33.63 -4.92
N SER A 171 -37.73 -33.94 -6.21
CA SER A 171 -36.68 -34.47 -7.08
C SER A 171 -35.48 -33.53 -7.17
N SER A 172 -35.71 -32.23 -6.97
CA SER A 172 -34.66 -31.23 -7.04
C SER A 172 -33.86 -31.16 -5.76
N CYS A 173 -34.35 -31.83 -4.72
CA CYS A 173 -33.68 -31.83 -3.44
C CYS A 173 -33.33 -33.26 -3.02
N SER A 174 -32.62 -33.97 -3.90
CA SER A 174 -32.15 -35.33 -3.64
C SER A 174 -33.27 -36.28 -3.25
N SER A 175 -34.47 -36.04 -3.79
CA SER A 175 -35.66 -36.81 -3.45
C SER A 175 -35.92 -36.79 -1.95
N SER A 176 -35.62 -35.65 -1.33
CA SER A 176 -35.80 -35.46 0.10
C SER A 176 -36.11 -34.00 0.35
N TRP A 177 -35.71 -33.47 1.51
CA TRP A 177 -35.93 -32.07 1.81
C TRP A 177 -34.96 -31.54 2.88
N MET A 178 -34.92 -30.21 3.01
CA MET A 178 -34.16 -29.54 4.06
C MET A 178 -34.57 -30.01 5.44
N LYS A 179 -33.68 -29.86 6.41
CA LYS A 179 -34.04 -29.99 7.81
C LYS A 179 -34.87 -28.78 8.23
N SER A 180 -34.52 -27.62 7.68
CA SER A 180 -35.25 -26.38 7.92
C SER A 180 -35.26 -25.51 6.67
N PRO A 181 -36.46 -25.07 6.25
CA PRO A 181 -37.76 -25.30 6.89
C PRO A 181 -38.32 -26.69 6.61
N LEU A 182 -39.27 -27.13 7.42
CA LEU A 182 -40.00 -28.35 7.14
C LEU A 182 -41.09 -28.09 6.11
N TRP A 183 -41.41 -29.11 5.32
CA TRP A 183 -42.33 -28.98 4.21
C TRP A 183 -43.53 -29.90 4.40
N TYR A 184 -44.72 -29.32 4.52
CA TYR A 184 -45.93 -30.12 4.69
C TYR A 184 -46.91 -29.90 3.54
N ALA A 185 -47.35 -31.01 2.96
CA ALA A 185 -48.21 -30.93 1.78
C ALA A 185 -49.51 -31.71 1.96
N GLU A 186 -50.59 -31.15 1.42
CA GLU A 186 -51.89 -31.82 1.37
C GLU A 186 -52.12 -32.39 -0.02
N SER A 187 -52.17 -33.72 -0.11
CA SER A 187 -52.27 -34.41 -1.39
C SER A 187 -53.62 -34.24 -2.09
N SER A 188 -54.63 -33.77 -1.35
CA SER A 188 -55.99 -33.76 -1.86
C SER A 188 -56.39 -32.45 -2.53
N VAL A 189 -55.56 -31.43 -2.41
CA VAL A 189 -55.88 -30.14 -3.02
C VAL A 189 -55.58 -30.16 -4.52
N ASN A 190 -56.63 -30.14 -5.34
CA ASN A 190 -56.50 -30.19 -6.79
C ASN A 190 -57.42 -29.19 -7.48
N PRO A 191 -56.84 -28.16 -8.11
CA PRO A 191 -57.62 -27.12 -8.78
C PRO A 191 -58.46 -27.65 -9.94
N PRO A 195 -60.44 -30.10 -11.22
CA PRO A 195 -61.62 -30.78 -10.69
C PRO A 195 -62.36 -29.98 -9.61
N GLN A 196 -62.39 -30.50 -8.38
CA GLN A 196 -63.37 -30.03 -7.40
C GLN A 196 -62.81 -29.49 -6.09
N VAL A 197 -61.57 -29.83 -5.75
CA VAL A 197 -61.08 -29.68 -4.39
C VAL A 197 -60.12 -28.51 -4.16
N CYS A 198 -60.40 -27.72 -3.12
CA CYS A 198 -59.54 -26.58 -2.77
C CYS A 198 -58.87 -26.76 -1.40
N GLY A 199 -59.41 -27.68 -0.60
CA GLY A 199 -58.83 -27.98 0.70
C GLY A 199 -59.02 -26.88 1.73
N THR A 200 -58.37 -27.04 2.87
CA THR A 200 -58.49 -26.09 3.98
C THR A 200 -57.16 -25.42 4.28
N GLU A 201 -57.23 -24.13 4.60
CA GLU A 201 -56.08 -23.33 4.97
C GLU A 201 -55.26 -24.00 6.08
N GLN A 202 -53.95 -24.07 5.86
CA GLN A 202 -53.06 -24.78 6.78
C GLN A 202 -52.53 -23.87 7.89
N SER A 203 -52.35 -24.45 9.07
CA SER A 203 -51.90 -23.69 10.22
C SER A 203 -50.74 -24.38 10.92
N ALA A 204 -49.89 -23.60 11.58
CA ALA A 204 -48.76 -24.14 12.31
C ALA A 204 -48.21 -23.14 13.32
N THR A 205 -47.56 -23.64 14.36
CA THR A 205 -46.85 -22.79 15.27
C THR A 205 -45.41 -23.27 15.42
N PHE A 206 -44.49 -22.33 15.64
CA PHE A 206 -43.13 -22.68 16.00
C PHE A 206 -42.67 -21.79 17.14
N THR A 207 -41.89 -22.36 18.04
CA THR A 207 -41.45 -21.63 19.23
C THR A 207 -39.96 -21.37 19.19
N LEU A 208 -39.58 -20.12 19.42
CA LEU A 208 -38.19 -19.77 19.62
C LEU A 208 -37.96 -19.76 21.13
N PRO A 209 -37.06 -20.64 21.61
CA PRO A 209 -36.89 -20.78 23.06
C PRO A 209 -36.19 -19.60 23.70
N THR A 210 -36.32 -19.48 25.03
CA THR A 210 -35.61 -18.45 25.76
C THR A 210 -34.19 -18.92 26.06
N SER A 211 -33.94 -20.22 25.89
CA SER A 211 -32.61 -20.75 26.06
C SER A 211 -32.43 -22.06 25.30
N PHE A 212 -31.18 -22.47 25.16
CA PHE A 212 -30.84 -23.73 24.51
C PHE A 212 -29.57 -24.26 25.13
N GLY A 213 -29.68 -25.36 25.87
CA GLY A 213 -28.57 -25.82 26.69
C GLY A 213 -28.16 -24.72 27.65
N ILE A 214 -26.86 -24.46 27.73
CA ILE A 214 -26.36 -23.46 28.67
C ILE A 214 -26.45 -22.04 28.12
N TYR A 215 -26.97 -21.90 26.90
CA TYR A 215 -26.98 -20.61 26.21
C TYR A 215 -28.29 -19.86 26.36
N LYS A 216 -28.20 -18.64 26.85
CA LYS A 216 -29.35 -17.74 26.95
C LYS A 216 -29.70 -17.18 25.57
N CYS A 217 -30.98 -17.19 25.24
CA CYS A 217 -31.44 -16.66 23.97
C CYS A 217 -32.23 -15.36 24.17
N ASN A 218 -31.71 -14.26 23.64
CA ASN A 218 -32.46 -13.00 23.60
C ASN A 218 -32.95 -12.71 22.19
N LYS A 219 -32.24 -13.27 21.20
CA LYS A 219 -32.56 -13.03 19.79
C LYS A 219 -32.36 -14.31 18.97
N HIS A 220 -33.20 -14.48 17.95
CA HIS A 220 -33.10 -15.63 17.05
C HIS A 220 -33.02 -15.19 15.59
N VAL A 221 -32.05 -15.75 14.86
CA VAL A 221 -32.04 -15.63 13.41
C VAL A 221 -32.75 -16.84 12.81
N VAL A 222 -33.86 -16.59 12.14
CA VAL A 222 -34.64 -17.66 11.50
C VAL A 222 -34.98 -17.29 10.06
N GLN A 223 -35.35 -18.28 9.26
CA GLN A 223 -35.82 -18.01 7.92
C GLN A 223 -37.34 -18.14 7.85
N LEU A 224 -38.00 -17.09 7.38
CA LEU A 224 -39.43 -17.13 7.14
C LEU A 224 -39.67 -17.36 5.66
N CYS A 225 -39.53 -18.61 5.26
CA CYS A 225 -39.56 -18.99 3.85
C CYS A 225 -40.97 -18.93 3.26
N TYR A 226 -41.02 -18.80 1.94
CA TYR A 226 -42.26 -18.82 1.18
C TYR A 226 -41.95 -19.27 -0.25
N PHE A 227 -42.95 -19.82 -0.93
CA PHE A 227 -42.75 -20.21 -2.31
C PHE A 227 -43.05 -19.05 -3.25
N VAL A 228 -42.28 -18.98 -4.34
CA VAL A 228 -42.44 -17.92 -5.32
C VAL A 228 -42.91 -18.48 -6.65
N TYR A 229 -44.09 -18.02 -7.07
CA TYR A 229 -44.66 -18.37 -8.38
C TYR A 229 -44.63 -17.11 -9.24
N GLU A 230 -44.71 -17.28 -10.55
CA GLU A 230 -44.54 -16.14 -11.45
C GLU A 230 -45.85 -15.41 -11.71
N ASN A 231 -46.93 -16.18 -11.71
CA ASN A 231 -48.29 -15.60 -11.66
C ASN A 231 -49.31 -16.56 -11.05
N LYS A 232 -50.49 -16.03 -10.76
CA LYS A 232 -51.55 -16.75 -10.06
C LYS A 232 -52.10 -17.86 -10.92
N ALA A 233 -52.06 -17.64 -12.23
CA ALA A 233 -52.41 -18.67 -13.20
C ALA A 233 -51.45 -19.85 -13.06
N LYS A 234 -50.16 -19.53 -12.93
CA LYS A 234 -49.14 -20.54 -12.73
C LYS A 234 -49.29 -21.20 -11.37
N PHE A 235 -49.80 -20.47 -10.39
CA PHE A 235 -50.00 -21.04 -9.06
C PHE A 235 -51.23 -21.93 -9.01
N ASN A 236 -52.27 -21.54 -9.75
CA ASN A 236 -53.52 -22.30 -9.78
C ASN A 236 -53.36 -23.65 -10.47
N THR A 237 -52.11 -23.99 -10.81
CA THR A 237 -51.79 -25.33 -11.26
C THR A 237 -51.69 -26.24 -10.03
N PHE A 238 -51.53 -25.63 -8.87
CA PHE A 238 -51.40 -26.38 -7.61
C PHE A 238 -52.46 -26.04 -6.57
N GLY A 239 -52.74 -24.75 -6.40
CA GLY A 239 -53.66 -24.32 -5.34
C GLY A 239 -54.79 -23.41 -5.78
N CYS A 240 -55.87 -23.41 -5.00
CA CYS A 240 -57.01 -22.53 -5.25
C CYS A 240 -56.74 -21.14 -4.71
N GLY A 241 -57.16 -20.13 -5.47
CA GLY A 241 -56.88 -18.75 -5.13
C GLY A 241 -55.39 -18.46 -5.26
N ASP A 242 -54.99 -17.27 -4.84
CA ASP A 242 -53.59 -16.88 -4.89
C ASP A 242 -52.77 -17.65 -3.85
N TYR A 243 -51.45 -17.60 -4.01
CA TYR A 243 -50.55 -18.17 -3.01
C TYR A 243 -50.43 -17.23 -1.83
N TYR A 244 -50.40 -17.80 -0.63
CA TYR A 244 -50.03 -17.03 0.55
C TYR A 244 -49.42 -17.92 1.61
N GLN A 245 -48.39 -17.41 2.24
CA GLN A 245 -47.74 -18.03 3.37
C GLN A 245 -47.34 -16.90 4.30
N ASN A 246 -48.09 -16.71 5.38
CA ASN A 246 -47.88 -15.57 6.25
C ASN A 246 -47.39 -15.95 7.65
N TYR A 247 -46.57 -15.09 8.23
CA TYR A 247 -46.00 -15.33 9.55
C TYR A 247 -46.48 -14.27 10.54
N TYR A 248 -46.98 -14.72 11.69
CA TYR A 248 -47.51 -13.82 12.71
C TYR A 248 -46.85 -14.07 14.06
N ASP A 249 -46.68 -13.02 14.86
CA ASP A 249 -46.26 -13.21 16.24
C ASP A 249 -47.46 -13.61 17.10
N GLY A 250 -47.29 -13.62 18.41
CA GLY A 250 -48.34 -14.06 19.32
C GLY A 250 -49.66 -13.30 19.22
N ASN A 251 -49.58 -12.04 18.85
CA ASN A 251 -50.77 -11.18 18.84
C ASN A 251 -51.47 -11.12 17.48
N GLY A 252 -50.73 -11.41 16.41
CA GLY A 252 -51.30 -11.43 15.09
C GLY A 252 -50.66 -10.44 14.13
N ASN A 253 -49.57 -9.83 14.57
CA ASN A 253 -48.85 -8.90 13.70
C ASN A 253 -48.04 -9.63 12.64
N LEU A 254 -48.38 -9.38 11.38
CA LEU A 254 -47.65 -9.93 10.23
C LEU A 254 -46.17 -9.56 10.29
N ILE A 255 -45.29 -10.57 10.29
CA ILE A 255 -43.86 -10.31 10.44
C ILE A 255 -43.04 -10.83 9.27
N GLY A 256 -43.67 -11.57 8.36
CA GLY A 256 -42.97 -12.12 7.23
C GLY A 256 -43.84 -12.94 6.32
N GLY A 257 -43.24 -13.50 5.27
CA GLY A 257 -43.94 -14.34 4.32
C GLY A 257 -44.27 -13.63 3.02
N MET A 258 -45.05 -14.30 2.18
CA MET A 258 -45.47 -13.73 0.90
C MET A 258 -46.97 -13.92 0.70
N ASP A 259 -47.69 -12.80 0.63
CA ASP A 259 -49.14 -12.84 0.45
C ASP A 259 -49.50 -12.23 -0.90
N ASN A 260 -50.04 -13.05 -1.79
CA ASN A 260 -50.33 -12.61 -3.15
C ASN A 260 -51.75 -12.08 -3.34
N ARG A 261 -52.50 -11.99 -2.24
CA ARG A 261 -53.80 -11.33 -2.26
C ARG A 261 -53.65 -9.82 -2.38
N VAL A 262 -52.46 -9.33 -2.02
CA VAL A 262 -52.16 -7.89 -1.97
C VAL A 262 -50.85 -7.51 -2.66
N ALA A 263 -49.88 -8.43 -2.67
CA ALA A 263 -48.58 -8.17 -3.28
C ALA A 263 -48.52 -8.77 -4.68
N ALA A 264 -47.83 -8.07 -5.58
CA ALA A 264 -47.63 -8.57 -6.93
C ALA A 264 -46.73 -9.80 -6.94
N TYR A 265 -47.00 -10.73 -7.85
CA TYR A 265 -46.10 -11.87 -8.08
C TYR A 265 -44.78 -11.37 -8.66
N ARG A 266 -43.69 -12.05 -8.34
CA ARG A 266 -42.39 -11.68 -8.88
C ARG A 266 -41.56 -12.91 -9.26
N GLY A 267 -42.24 -13.98 -9.62
CA GLY A 267 -41.54 -15.18 -10.07
C GLY A 267 -40.94 -14.94 -11.44
N ILE A 268 -39.74 -15.47 -11.64
CA ILE A 268 -39.02 -15.31 -12.90
C ILE A 268 -39.69 -16.11 -14.01
N ALA A 269 -39.70 -15.54 -15.22
CA ALA A 269 -40.40 -16.10 -16.37
C ALA A 269 -40.04 -17.55 -16.67
N ASN A 270 -41.07 -18.41 -16.64
CA ASN A 270 -40.93 -19.84 -16.92
C ASN A 270 -39.86 -20.56 -16.08
N ALA A 271 -39.42 -19.91 -15.01
CA ALA A 271 -38.44 -20.52 -14.11
C ALA A 271 -39.08 -21.68 -13.38
N GLY A 272 -40.38 -21.56 -13.10
CA GLY A 272 -41.10 -22.56 -12.34
C GLY A 272 -41.20 -22.13 -10.89
N VAL A 273 -41.55 -23.07 -10.02
CA VAL A 273 -41.65 -22.76 -8.60
C VAL A 273 -40.27 -22.53 -7.99
N LYS A 274 -40.16 -21.46 -7.22
CA LYS A 274 -38.93 -21.16 -6.49
C LYS A 274 -39.22 -20.93 -5.02
N ILE A 275 -38.23 -21.12 -4.17
CA ILE A 275 -38.38 -20.83 -2.76
C ILE A 275 -37.44 -19.70 -2.35
N GLU A 276 -37.98 -18.75 -1.59
CA GLU A 276 -37.16 -17.68 -1.03
C GLU A 276 -37.15 -17.83 0.48
N CYS A 277 -36.00 -17.54 1.09
CA CYS A 277 -35.83 -17.75 2.51
C CYS A 277 -35.09 -16.60 3.17
N PRO A 278 -35.75 -15.42 3.25
CA PRO A 278 -35.13 -14.29 3.93
C PRO A 278 -34.98 -14.60 5.41
N SER A 279 -33.86 -14.16 5.99
CA SER A 279 -33.63 -14.35 7.41
C SER A 279 -34.09 -13.13 8.19
N LYS A 280 -34.70 -13.36 9.34
CA LYS A 280 -35.12 -12.27 10.20
C LYS A 280 -34.64 -12.49 11.62
N ILE A 281 -34.39 -11.40 12.34
CA ILE A 281 -34.05 -11.47 13.75
C ILE A 281 -35.32 -11.32 14.58
N LEU A 282 -35.66 -12.36 15.31
CA LEU A 282 -36.89 -12.41 16.08
C LEU A 282 -36.64 -12.65 17.56
N ASN A 283 -37.48 -12.08 18.42
CA ASN A 283 -37.41 -12.34 19.86
C ASN A 283 -37.90 -13.76 20.16
N PRO A 284 -37.54 -14.30 21.33
CA PRO A 284 -38.11 -15.59 21.74
C PRO A 284 -39.62 -15.50 21.92
N GLY A 285 -40.34 -16.57 21.57
CA GLY A 285 -41.77 -16.62 21.76
C GLY A 285 -42.42 -17.65 20.86
N THR A 286 -43.75 -17.68 20.83
CA THR A 286 -44.46 -18.61 19.97
C THR A 286 -45.06 -17.88 18.77
N TYR A 287 -44.86 -18.43 17.58
CA TYR A 287 -45.26 -17.74 16.36
C TYR A 287 -46.22 -18.59 15.52
N SER A 288 -47.14 -17.94 14.83
CA SER A 288 -48.16 -18.64 14.06
C SER A 288 -47.90 -18.57 12.56
N ILE A 289 -48.47 -19.51 11.83
CA ILE A 289 -48.34 -19.54 10.37
C ILE A 289 -49.68 -19.83 9.73
N LYS A 290 -50.01 -19.06 8.69
CA LYS A 290 -51.18 -19.31 7.89
C LYS A 290 -50.73 -19.45 6.43
N SER A 291 -51.19 -20.50 5.75
CA SER A 291 -50.75 -20.75 4.38
C SER A 291 -51.87 -21.30 3.49
N THR A 292 -51.64 -21.29 2.19
CA THR A 292 -52.50 -21.98 1.23
C THR A 292 -52.63 -23.44 1.62
N PRO A 293 -53.80 -24.05 1.35
CA PRO A 293 -54.12 -25.42 1.75
C PRO A 293 -53.08 -26.48 1.38
N ARG A 294 -52.55 -26.45 0.16
CA ARG A 294 -51.69 -27.54 -0.28
C ARG A 294 -50.27 -27.47 0.29
N PHE A 295 -49.69 -26.29 0.40
CA PHE A 295 -48.30 -26.18 0.84
C PHE A 295 -48.13 -25.35 2.11
N LEU A 296 -47.36 -25.89 3.05
CA LEU A 296 -47.03 -25.19 4.29
C LEU A 296 -45.54 -25.30 4.60
N LEU A 297 -44.90 -24.16 4.85
CA LEU A 297 -43.50 -24.13 5.24
C LEU A 297 -43.38 -23.68 6.69
N VAL A 298 -42.61 -24.43 7.48
CA VAL A 298 -42.44 -24.15 8.90
C VAL A 298 -40.97 -24.14 9.30
N PRO A 299 -40.50 -23.04 9.91
CA PRO A 299 -39.12 -22.95 10.36
C PRO A 299 -38.84 -23.99 11.43
N LYS A 300 -37.69 -24.65 11.36
CA LYS A 300 -37.39 -25.78 12.24
C LYS A 300 -36.06 -25.60 12.94
N ARG A 301 -35.31 -24.58 12.54
CA ARG A 301 -34.04 -24.28 13.19
C ARG A 301 -33.84 -22.78 13.38
N SER A 302 -32.87 -22.42 14.22
CA SER A 302 -32.51 -21.03 14.39
C SER A 302 -31.08 -20.92 14.87
N TYR A 303 -30.59 -19.70 14.91
CA TYR A 303 -29.36 -19.40 15.63
C TYR A 303 -29.70 -18.50 16.80
N CYS A 304 -29.32 -18.95 17.98
CA CYS A 304 -29.63 -18.28 19.24
C CYS A 304 -28.49 -17.35 19.64
N PHE A 305 -28.84 -16.10 19.97
CA PHE A 305 -27.88 -15.11 20.45
C PHE A 305 -28.36 -14.49 21.75
N ASP A 306 -27.43 -13.96 22.52
CA ASP A 306 -27.79 -13.15 23.66
C ASP A 306 -27.66 -11.66 23.31
N THR A 307 -27.89 -10.78 24.28
CA THR A 307 -27.67 -9.35 24.11
C THR A 307 -26.76 -8.83 25.22
N ASP A 308 -25.87 -9.67 25.69
CA ASP A 308 -24.93 -9.28 26.73
C ASP A 308 -23.76 -8.47 26.17
N GLY A 309 -23.71 -8.32 24.85
CA GLY A 309 -22.69 -7.50 24.23
C GLY A 309 -21.49 -8.26 23.71
N GLY A 310 -20.83 -7.67 22.72
CA GLY A 310 -19.61 -8.21 22.15
C GLY A 310 -18.85 -7.12 21.40
N TYR A 311 -17.67 -7.46 20.92
CA TYR A 311 -16.85 -6.54 20.13
C TYR A 311 -17.25 -6.63 18.66
N PRO A 312 -16.81 -5.65 17.84
CA PRO A 312 -16.97 -5.86 16.39
C PRO A 312 -16.37 -7.21 15.98
N ILE A 313 -17.05 -7.92 15.08
CA ILE A 313 -16.61 -9.25 14.70
C ILE A 313 -15.64 -9.21 13.52
N GLN A 314 -14.91 -10.30 13.33
CA GLN A 314 -14.05 -10.46 12.17
C GLN A 314 -14.56 -11.59 11.27
N VAL A 315 -14.74 -11.28 9.99
CA VAL A 315 -15.16 -12.28 9.03
C VAL A 315 -14.06 -12.52 7.99
N VAL A 316 -13.69 -13.77 7.83
CA VAL A 316 -12.59 -14.15 6.94
C VAL A 316 -13.16 -14.63 5.61
N GLN A 317 -12.58 -14.13 4.52
CA GLN A 317 -12.96 -14.53 3.18
C GLN A 317 -13.02 -16.06 3.06
N SER A 318 -14.15 -16.58 2.60
CA SER A 318 -14.32 -18.02 2.50
C SER A 318 -14.63 -18.45 1.07
N GLU A 319 -13.58 -18.66 0.28
CA GLU A 319 -13.72 -18.99 -1.13
C GLU A 319 -12.88 -20.21 -1.49
N TRP A 320 -13.24 -20.87 -2.59
CA TRP A 320 -12.49 -22.00 -3.10
C TRP A 320 -11.23 -21.57 -3.84
N SER A 321 -10.44 -22.56 -4.26
CA SER A 321 -9.36 -22.34 -5.22
C SER A 321 -9.99 -22.00 -6.56
N ALA A 322 -9.18 -21.51 -7.51
CA ALA A 322 -9.67 -20.98 -8.78
C ALA A 322 -10.51 -21.99 -9.55
N SER A 323 -10.19 -23.26 -9.41
CA SER A 323 -10.85 -24.33 -10.17
C SER A 323 -12.33 -24.51 -9.83
N ARG A 324 -12.75 -24.03 -8.67
CA ARG A 324 -14.14 -24.20 -8.25
C ARG A 324 -14.93 -22.89 -8.33
N ARG A 325 -16.26 -23.02 -8.26
CA ARG A 325 -17.15 -21.85 -8.36
C ARG A 325 -17.50 -21.28 -6.98
N SER A 326 -16.99 -20.07 -6.71
CA SER A 326 -17.17 -19.42 -5.42
C SER A 326 -18.17 -18.26 -5.49
N ASP A 327 -18.39 -17.62 -4.34
CA ASP A 327 -19.16 -16.39 -4.29
C ASP A 327 -18.50 -15.45 -3.29
N ASN A 328 -18.96 -14.22 -3.23
CA ASN A 328 -18.44 -13.27 -2.26
C ASN A 328 -19.57 -12.73 -1.39
N ALA A 329 -20.55 -13.59 -1.14
CA ALA A 329 -21.71 -13.25 -0.31
C ALA A 329 -21.36 -12.86 1.12
N THR A 330 -20.43 -13.56 1.76
CA THR A 330 -20.09 -13.22 3.14
C THR A 330 -19.32 -11.91 3.19
N GLU A 331 -18.59 -11.59 2.11
CA GLU A 331 -17.91 -10.31 2.00
C GLU A 331 -18.91 -9.16 1.97
N GLU A 332 -19.93 -9.30 1.13
CA GLU A 332 -20.90 -8.24 0.97
C GLU A 332 -21.85 -8.16 2.15
N ALA A 333 -22.09 -9.30 2.81
CA ALA A 333 -22.84 -9.32 4.05
C ALA A 333 -22.10 -8.52 5.10
N CYS A 334 -20.79 -8.74 5.16
CA CYS A 334 -19.95 -8.07 6.14
C CYS A 334 -19.86 -6.57 5.87
N LEU A 335 -19.69 -6.22 4.59
CA LEU A 335 -19.53 -4.82 4.20
C LEU A 335 -20.73 -3.95 4.56
N GLN A 336 -21.93 -4.50 4.45
CA GLN A 336 -23.14 -3.74 4.74
C GLN A 336 -23.58 -3.85 6.20
N THR A 337 -22.82 -4.58 7.02
CA THR A 337 -23.20 -4.77 8.41
C THR A 337 -22.29 -4.01 9.36
N GLU A 338 -22.89 -3.14 10.17
CA GLU A 338 -22.17 -2.39 11.21
C GLU A 338 -21.39 -3.33 12.12
N GLY A 339 -20.18 -2.92 12.49
CA GLY A 339 -19.39 -3.67 13.45
C GLY A 339 -18.81 -4.96 12.89
N CYS A 340 -18.67 -5.05 11.57
CA CYS A 340 -18.06 -6.24 10.97
C CYS A 340 -16.76 -5.90 10.21
N ILE A 341 -15.71 -6.65 10.51
CA ILE A 341 -14.40 -6.45 9.90
C ILE A 341 -14.05 -7.62 8.98
N PHE A 342 -13.77 -7.33 7.71
CA PHE A 342 -13.56 -8.38 6.72
C PHE A 342 -12.08 -8.57 6.40
N ILE A 343 -11.63 -9.82 6.39
CA ILE A 343 -10.25 -10.16 6.07
C ILE A 343 -10.20 -10.81 4.68
N LYS A 344 -9.40 -10.25 3.79
CA LYS A 344 -9.43 -10.65 2.38
C LYS A 344 -8.04 -10.90 1.82
N LYS A 345 -7.88 -12.02 1.10
CA LYS A 345 -6.63 -12.35 0.42
C LYS A 345 -6.45 -11.52 -0.85
N THR A 346 -5.21 -11.30 -1.25
CA THR A 346 -4.90 -10.58 -2.49
C THR A 346 -4.47 -11.52 -3.61
N THR A 347 -4.23 -12.78 -3.26
CA THR A 347 -3.83 -13.79 -4.24
C THR A 347 -4.80 -14.97 -4.16
N PRO A 348 -4.80 -15.87 -5.17
CA PRO A 348 -5.78 -16.96 -5.10
C PRO A 348 -5.50 -17.96 -3.97
N TYR A 349 -6.50 -18.77 -3.64
CA TYR A 349 -6.33 -19.78 -2.61
C TYR A 349 -5.64 -21.03 -3.18
N VAL A 350 -4.44 -21.30 -2.70
CA VAL A 350 -3.67 -22.47 -3.12
C VAL A 350 -3.26 -23.32 -1.92
N GLY A 351 -3.95 -24.43 -1.71
CA GLY A 351 -3.76 -25.22 -0.52
C GLY A 351 -2.58 -26.18 -0.55
N GLU A 352 -2.07 -26.50 0.64
CA GLU A 352 -0.95 -27.42 0.77
C GLU A 352 -1.43 -28.88 0.83
N ALA A 353 -2.49 -29.12 1.58
CA ALA A 353 -3.07 -30.46 1.66
C ALA A 353 -3.59 -30.88 0.31
N ALA A 354 -4.67 -30.24 -0.12
CA ALA A 354 -5.19 -30.37 -1.47
C ALA A 354 -5.35 -28.96 -2.05
N ASP A 355 -6.14 -28.82 -3.10
CA ASP A 355 -6.32 -27.51 -3.74
C ASP A 355 -6.90 -26.47 -2.78
N ASN A 356 -7.80 -26.92 -1.90
CA ASN A 356 -8.66 -25.99 -1.17
C ASN A 356 -8.42 -25.87 0.33
N ALA A 357 -7.23 -26.30 0.79
CA ALA A 357 -6.94 -26.28 2.22
C ALA A 357 -5.44 -26.15 2.51
N GLY A 358 -5.07 -25.06 3.18
CA GLY A 358 -3.70 -24.86 3.63
C GLY A 358 -2.93 -23.83 2.82
N ASP A 359 -3.39 -22.57 2.86
CA ASP A 359 -2.89 -21.51 1.97
C ASP A 359 -1.86 -20.61 2.66
N ILE A 360 -0.72 -20.36 2.00
CA ILE A 360 0.36 -19.59 2.62
C ILE A 360 -0.02 -18.16 2.99
N GLU A 361 -0.74 -17.49 2.10
CA GLU A 361 -1.15 -16.11 2.38
C GLU A 361 -2.13 -16.05 3.54
N MET A 362 -3.13 -16.94 3.53
CA MET A 362 -4.13 -16.93 4.58
C MET A 362 -3.49 -17.25 5.93
N ARG A 363 -2.52 -18.14 5.94
CA ARG A 363 -1.81 -18.46 7.16
C ARG A 363 -1.09 -17.23 7.70
N GLN A 364 -0.57 -16.40 6.79
CA GLN A 364 0.09 -15.17 7.19
C GLN A 364 -0.94 -14.20 7.77
N LEU A 365 -2.08 -14.08 7.11
CA LEU A 365 -3.16 -13.20 7.54
C LEU A 365 -3.83 -13.65 8.84
N LEU A 366 -3.83 -14.96 9.11
CA LEU A 366 -4.48 -15.46 10.32
C LEU A 366 -3.49 -15.70 11.46
N SER A 367 -2.20 -15.49 11.19
CA SER A 367 -1.15 -15.72 12.17
C SER A 367 -1.32 -14.87 13.43
N GLY A 368 -1.90 -13.68 13.26
CA GLY A 368 -2.12 -12.79 14.38
C GLY A 368 -3.08 -13.34 15.44
N LEU A 369 -3.85 -14.35 15.08
CA LEU A 369 -4.78 -14.95 16.02
C LEU A 369 -4.07 -15.66 17.19
N GLY A 370 -2.76 -15.84 17.05
CA GLY A 370 -1.98 -16.48 18.08
C GLY A 370 -1.09 -15.54 18.86
N ASN A 371 -1.19 -14.24 18.59
CA ASN A 371 -0.34 -13.26 19.26
C ASN A 371 -0.86 -12.90 20.64
N ASN A 372 0.03 -12.54 21.55
CA ASN A 372 -0.38 -12.16 22.89
C ASN A 372 -0.25 -10.66 23.16
N ASP A 373 0.18 -9.90 22.15
CA ASP A 373 0.46 -8.48 22.37
C ASP A 373 -0.28 -7.54 21.42
N THR A 374 -1.40 -7.97 20.87
CA THR A 374 -2.22 -7.10 20.02
C THR A 374 -3.12 -6.24 20.89
N VAL A 375 -3.09 -4.92 20.69
CA VAL A 375 -3.93 -4.03 21.50
C VAL A 375 -5.09 -3.42 20.71
N CYS A 376 -4.98 -3.42 19.39
CA CYS A 376 -6.02 -2.82 18.54
C CYS A 376 -6.30 -3.71 17.33
N VAL A 377 -7.58 -3.89 17.01
CA VAL A 377 -7.99 -4.62 15.82
C VAL A 377 -8.90 -3.73 14.99
N SER A 378 -8.57 -3.58 13.70
CA SER A 378 -9.31 -2.69 12.81
C SER A 378 -9.45 -3.26 11.40
N GLN A 379 -10.23 -2.57 10.58
CA GLN A 379 -10.40 -2.95 9.18
C GLN A 379 -9.10 -2.74 8.39
N SER A 380 -8.17 -1.98 8.96
CA SER A 380 -6.85 -1.76 8.35
C SER A 380 -5.83 -2.80 8.78
N GLY A 381 -6.17 -3.61 9.78
CA GLY A 381 -5.22 -4.51 10.37
C GLY A 381 -5.08 -4.26 11.87
N TYR A 382 -4.10 -4.91 12.50
CA TYR A 382 -3.96 -4.84 13.95
C TYR A 382 -2.61 -4.27 14.34
N THR A 383 -2.53 -3.75 15.57
CA THR A 383 -1.31 -3.10 16.05
C THR A 383 -0.91 -3.56 17.45
N LYS A 384 0.35 -3.30 17.79
CA LYS A 384 0.84 -3.43 19.15
C LYS A 384 0.82 -2.07 19.84
N GLY A 385 1.12 -2.04 21.13
CA GLY A 385 1.04 -0.81 21.90
C GLY A 385 2.35 -0.06 21.99
N GLU A 386 2.97 0.21 20.83
CA GLU A 386 4.24 0.91 20.80
C GLU A 386 4.06 2.39 21.09
N THR A 387 3.30 3.06 20.23
CA THR A 387 3.06 4.49 20.34
C THR A 387 1.57 4.76 20.18
N PRO A 388 1.11 5.98 20.50
CA PRO A 388 -0.31 6.28 20.25
C PRO A 388 -0.61 6.68 18.81
N PHE A 389 0.37 6.63 17.92
CA PHE A 389 0.24 7.16 16.55
C PHE A 389 0.45 6.15 15.42
N VAL A 390 -0.25 6.37 14.31
CA VAL A 390 -0.03 5.63 13.07
C VAL A 390 0.08 6.60 11.90
N LYS A 391 0.78 6.18 10.85
CA LYS A 391 1.02 7.04 9.70
C LYS A 391 -0.27 7.30 8.92
N ASP A 392 -1.07 6.27 8.78
CA ASP A 392 -2.37 6.41 8.12
C ASP A 392 -3.48 5.97 9.07
N TYR A 393 -4.69 6.44 8.82
CA TYR A 393 -5.84 6.08 9.63
C TYR A 393 -5.97 4.58 9.78
N LEU A 394 -6.40 4.15 10.96
CA LEU A 394 -6.92 2.82 11.14
C LEU A 394 -8.39 2.88 10.80
N SER A 395 -8.77 2.21 9.71
CA SER A 395 -10.16 2.26 9.26
C SER A 395 -11.07 1.45 10.18
N PRO A 396 -12.25 2.01 10.48
CA PRO A 396 -13.26 1.31 11.25
C PRO A 396 -13.92 0.22 10.39
N PRO A 397 -14.63 -0.74 11.01
CA PRO A 397 -14.79 -0.93 12.45
C PRO A 397 -13.47 -1.24 13.14
N LYS A 398 -13.38 -0.88 14.43
CA LYS A 398 -12.18 -1.11 15.21
C LYS A 398 -12.48 -1.07 16.69
N TYR A 399 -11.60 -1.69 17.49
CA TYR A 399 -11.75 -1.70 18.94
C TYR A 399 -10.41 -1.95 19.61
N GLY A 400 -10.27 -1.48 20.85
CA GLY A 400 -9.05 -1.64 21.62
C GLY A 400 -8.32 -0.31 21.78
N ARG A 401 -7.05 -0.39 22.14
CA ARG A 401 -6.22 0.80 22.30
C ARG A 401 -5.70 1.24 20.93
N CYS A 402 -6.51 2.00 20.22
CA CYS A 402 -6.27 2.22 18.80
C CYS A 402 -5.56 3.54 18.55
N GLN A 403 -4.53 3.47 17.70
CA GLN A 403 -3.67 4.59 17.39
C GLN A 403 -4.38 5.65 16.56
N LEU A 404 -3.87 6.88 16.63
CA LEU A 404 -4.44 8.00 15.90
C LEU A 404 -3.48 8.45 14.79
N LYS A 405 -4.02 8.91 13.67
CA LYS A 405 -3.19 9.46 12.61
C LYS A 405 -2.80 10.91 12.87
N THR A 406 -1.52 11.21 12.72
CA THR A 406 -1.04 12.59 12.73
C THR A 406 0.10 12.69 11.72
N ASP A 407 0.30 13.88 11.14
CA ASP A 407 1.42 14.08 10.23
C ASP A 407 2.72 13.97 11.00
N SER A 408 3.75 13.44 10.36
CA SER A 408 5.06 13.27 10.98
C SER A 408 5.64 14.63 11.41
N GLY A 409 5.29 15.68 10.68
CA GLY A 409 5.76 17.01 10.99
C GLY A 409 5.21 17.62 12.28
N ARG A 410 4.09 17.08 12.75
CA ARG A 410 3.48 17.62 13.97
C ARG A 410 4.01 16.92 15.21
N ILE A 411 4.85 15.90 15.01
CA ILE A 411 5.50 15.23 16.13
C ILE A 411 6.68 16.06 16.58
N PRO A 412 6.62 16.59 17.80
CA PRO A 412 7.67 17.51 18.26
C PRO A 412 9.00 16.78 18.45
N THR A 413 10.08 17.55 18.47
CA THR A 413 11.43 17.00 18.54
C THR A 413 12.10 17.33 19.86
N LEU A 414 13.22 16.69 20.14
CA LEU A 414 14.01 17.04 21.31
C LEU A 414 15.45 17.32 20.87
N PRO A 415 16.13 18.24 21.56
CA PRO A 415 17.53 18.55 21.25
C PRO A 415 18.47 17.39 21.51
N SER A 416 19.46 17.22 20.64
CA SER A 416 20.47 16.19 20.81
C SER A 416 21.84 16.72 20.38
N GLY A 417 22.86 15.88 20.48
CA GLY A 417 24.22 16.31 20.17
C GLY A 417 24.71 17.32 21.20
N LEU A 418 25.65 18.15 20.80
CA LEU A 418 26.18 19.20 21.68
C LEU A 418 25.07 20.16 22.07
N ILE A 419 24.94 20.40 23.37
CA ILE A 419 23.80 21.15 23.91
C ILE A 419 24.27 22.27 24.86
N ILE A 420 23.69 23.45 24.70
CA ILE A 420 23.98 24.59 25.58
C ILE A 420 22.69 25.18 26.16
N PRO A 421 22.63 25.31 27.49
CA PRO A 421 21.44 25.87 28.13
C PRO A 421 21.37 27.38 28.01
N GLN A 422 20.16 27.91 28.01
CA GLN A 422 19.97 29.36 27.90
C GLN A 422 18.79 29.79 28.74
N ALA A 423 18.97 30.89 29.46
CA ALA A 423 17.92 31.46 30.29
C ALA A 423 18.17 32.95 30.46
N GLY A 424 17.13 33.68 30.85
CA GLY A 424 17.22 35.13 30.91
C GLY A 424 17.25 35.69 29.50
N THR A 425 17.38 37.01 29.40
CA THR A 425 17.36 37.68 28.11
C THR A 425 18.75 37.79 27.49
N ASP A 426 19.78 37.64 28.33
CA ASP A 426 21.18 37.68 27.88
C ASP A 426 21.56 38.98 27.17
N SER A 427 20.89 40.06 27.52
CA SER A 427 21.17 41.37 26.93
C SER A 427 21.07 42.45 27.99
N PHE B 9 31.66 34.87 28.63
CA PHE B 9 31.37 35.96 29.55
C PHE B 9 30.85 35.39 30.88
N GLY B 10 30.76 34.07 30.96
CA GLY B 10 30.48 33.38 32.21
C GLY B 10 29.10 32.81 32.53
N LEU B 11 28.78 31.68 31.90
CA LEU B 11 27.70 30.78 32.31
C LEU B 11 26.29 31.35 32.47
N LEU B 12 26.15 32.66 32.55
CA LEU B 12 24.83 33.30 32.57
C LEU B 12 24.48 33.79 31.16
N PHE B 13 25.46 33.73 30.27
CA PHE B 13 25.31 34.29 28.93
C PHE B 13 25.71 33.28 27.85
N VAL B 14 25.03 33.38 26.72
CA VAL B 14 25.40 32.63 25.54
C VAL B 14 25.63 33.61 24.39
N GLY B 15 26.78 33.52 23.74
CA GLY B 15 27.11 34.43 22.66
C GLY B 15 27.15 33.76 21.29
N PHE B 16 27.04 34.57 20.25
CA PHE B 16 27.04 34.06 18.88
C PHE B 16 28.38 34.30 18.20
N VAL B 17 28.72 33.42 17.27
CA VAL B 17 29.94 33.58 16.48
C VAL B 17 29.63 33.30 15.02
N ALA B 18 30.29 34.03 14.11
CA ALA B 18 29.95 33.99 12.71
C ALA B 18 30.78 32.97 11.93
N GLY B 19 30.48 32.84 10.63
CA GLY B 19 31.24 32.02 9.70
C GLY B 19 31.57 30.63 10.21
N GLY B 20 32.86 30.34 10.31
CA GLY B 20 33.32 29.10 10.90
C GLY B 20 33.13 29.18 12.40
N VAL B 21 34.24 29.06 13.14
CA VAL B 21 34.25 29.20 14.59
C VAL B 21 33.34 28.20 15.30
N ALA B 22 33.95 27.19 15.91
CA ALA B 22 33.21 26.15 16.62
C ALA B 22 32.35 26.72 17.75
N GLY B 23 31.19 26.12 17.97
CA GLY B 23 30.34 26.48 19.09
C GLY B 23 30.60 25.55 20.25
N GLY B 24 30.17 25.94 21.45
CA GLY B 24 30.34 25.09 22.61
C GLY B 24 30.85 25.80 23.84
N TYR B 25 31.70 25.10 24.60
CA TYR B 25 32.23 25.62 25.85
C TYR B 25 33.73 25.85 25.76
N PHE B 26 34.17 27.06 26.08
CA PHE B 26 35.58 27.43 25.90
C PHE B 26 36.13 28.20 27.11
N TRP B 27 37.45 28.33 27.19
CA TRP B 27 38.08 29.13 28.23
C TRP B 27 38.37 30.54 27.72
N GLY B 28 38.01 31.54 28.52
CA GLY B 28 38.20 32.93 28.15
C GLY B 28 38.96 33.71 29.20
N ARG B 29 39.82 34.62 28.77
CA ARG B 29 40.63 35.44 29.67
C ARG B 29 40.57 36.90 29.25
N SER B 30 40.94 37.80 30.15
CA SER B 30 40.71 39.23 29.90
C SER B 30 41.96 40.10 29.87
N ASN B 31 42.22 40.79 30.98
CA ASN B 31 43.20 41.87 31.01
C ASN B 31 44.62 41.44 31.36
N GLY B 32 45.51 42.42 31.51
CA GLY B 32 46.89 42.15 31.85
C GLY B 32 47.77 43.40 31.89
N GLY B 33 47.89 44.07 30.75
CA GLY B 33 48.77 45.23 30.63
C GLY B 33 48.09 46.55 30.88
N GLY B 34 46.76 46.58 30.72
CA GLY B 34 46.00 47.78 30.94
C GLY B 34 46.16 48.81 29.82
N GLY B 35 45.27 48.77 28.85
CA GLY B 35 44.18 47.80 28.82
C GLY B 35 44.54 46.58 27.98
N GLY B 36 44.06 45.41 28.39
CA GLY B 36 44.28 44.17 27.66
C GLY B 36 43.52 44.13 26.35
N ALA B 37 43.16 42.94 25.86
CA ALA B 37 42.52 42.82 24.53
C ALA B 37 41.91 41.43 24.20
N SER B 38 41.18 40.84 25.17
CA SER B 38 40.47 39.55 25.03
C SER B 38 41.39 38.33 24.89
N VAL B 39 40.76 37.16 24.90
CA VAL B 39 41.25 35.89 24.34
C VAL B 39 40.35 34.71 24.70
N SER B 40 40.06 33.89 23.71
CA SER B 40 39.26 32.69 23.90
C SER B 40 39.96 31.48 23.31
N SER B 41 40.07 30.42 24.11
CA SER B 41 40.81 29.23 23.70
C SER B 41 40.11 28.45 22.60
N THR B 42 40.38 27.15 22.55
CA THR B 42 39.66 26.27 21.64
C THR B 42 39.23 24.97 22.37
N GLN B 43 38.52 25.17 23.48
CA GLN B 43 37.86 24.13 24.28
C GLN B 43 38.85 23.21 25.00
N ALA B 44 38.58 23.02 26.30
CA ALA B 44 39.43 22.20 27.15
C ALA B 44 38.99 20.75 27.20
N GLY B 45 39.23 20.10 28.34
CA GLY B 45 38.88 18.71 28.52
C GLY B 45 37.60 18.53 29.32
N PHE B 46 36.57 19.30 28.97
CA PHE B 46 35.28 19.18 29.63
C PHE B 46 34.55 17.92 29.20
N ASP B 47 35.10 16.76 29.56
CA ASP B 47 34.46 15.50 29.24
C ASP B 47 33.33 15.25 30.23
N LYS B 48 33.34 15.95 31.36
CA LYS B 48 32.24 15.89 32.31
C LYS B 48 30.96 16.37 31.66
N ILE B 49 31.04 17.50 30.96
CA ILE B 49 29.89 18.07 30.27
C ILE B 49 29.34 17.11 29.23
N GLY B 50 30.23 16.48 28.47
CA GLY B 50 29.80 15.54 27.44
C GLY B 50 29.10 14.34 28.06
N LYS B 51 29.61 13.91 29.21
CA LYS B 51 29.05 12.77 29.93
C LYS B 51 27.70 13.14 30.55
N ASP B 52 27.61 14.35 31.10
CA ASP B 52 26.37 14.81 31.69
C ASP B 52 25.28 14.97 30.65
N ILE B 53 25.64 15.55 29.50
CA ILE B 53 24.73 15.67 28.38
C ILE B 53 24.14 14.30 28.01
N GLN B 54 25.01 13.29 27.95
CA GLN B 54 24.60 11.93 27.61
C GLN B 54 23.58 11.38 28.61
N GLN B 55 23.84 11.62 29.89
CA GLN B 55 22.96 11.14 30.95
C GLN B 55 21.61 11.85 30.91
N LEU B 56 21.64 13.18 30.81
CA LEU B 56 20.43 13.98 30.74
C LEU B 56 19.53 13.59 29.56
N ARG B 57 20.14 13.32 28.41
CA ARG B 57 19.37 12.95 27.23
C ARG B 57 18.70 11.61 27.43
N ASN B 58 19.43 10.67 28.01
CA ASN B 58 18.88 9.35 28.25
C ASN B 58 17.79 9.39 29.31
N ASP B 59 17.89 10.35 30.23
CA ASP B 59 16.87 10.49 31.28
C ASP B 59 15.51 10.95 30.74
N THR B 60 15.44 11.39 29.49
CA THR B 60 14.19 11.84 28.91
C THR B 60 13.29 10.66 28.54
N ASN B 61 13.89 9.48 28.39
CA ASN B 61 13.13 8.28 28.05
C ASN B 61 11.95 8.01 28.98
N ALA B 62 12.13 8.32 30.27
CA ALA B 62 11.07 8.10 31.25
C ALA B 62 9.80 8.86 30.89
N ALA B 63 9.93 10.14 30.57
CA ALA B 63 8.78 10.96 30.22
C ALA B 63 8.16 10.51 28.90
N ILE B 64 9.00 10.06 27.97
CA ILE B 64 8.53 9.64 26.65
C ILE B 64 7.77 8.32 26.73
N GLU B 65 8.31 7.37 27.50
CA GLU B 65 7.66 6.08 27.72
C GLU B 65 6.31 6.26 28.40
N GLY B 66 6.22 7.22 29.32
CA GLY B 66 4.95 7.53 29.95
C GLY B 66 3.91 7.90 28.91
N PHE B 67 4.31 8.74 27.96
CA PHE B 67 3.40 9.18 26.90
C PHE B 67 3.05 8.03 25.95
N ASN B 68 4.06 7.28 25.55
CA ASN B 68 3.84 6.21 24.58
C ASN B 68 2.94 5.13 25.17
N GLY B 69 3.05 4.91 26.49
CA GLY B 69 2.28 3.87 27.15
C GLY B 69 0.80 4.16 27.26
N ARG B 70 0.39 5.38 26.94
CA ARG B 70 -0.99 5.80 27.15
C ARG B 70 -1.78 5.91 25.85
N ILE B 71 -2.68 4.96 25.63
CA ILE B 71 -3.47 4.89 24.39
C ILE B 71 -4.92 4.64 24.76
N ALA B 72 -5.82 5.53 24.35
CA ALA B 72 -7.21 5.46 24.75
C ALA B 72 -7.95 4.30 24.10
N HIS B 73 -8.71 3.56 24.90
CA HIS B 73 -9.56 2.50 24.37
C HIS B 73 -10.68 3.10 23.53
N ASP B 74 -11.03 2.44 22.44
CA ASP B 74 -12.09 2.90 21.58
C ASP B 74 -12.90 1.71 21.09
N GLU B 75 -14.08 1.97 20.56
CA GLU B 75 -14.84 0.95 19.87
C GLU B 75 -15.73 1.62 18.84
N GLN B 76 -15.48 1.33 17.57
CA GLN B 76 -16.31 1.89 16.50
C GLN B 76 -16.87 0.77 15.64
N ALA B 77 -18.18 0.78 15.46
CA ALA B 77 -18.86 -0.22 14.64
C ALA B 77 -19.12 0.35 13.25
N ILE B 78 -18.97 1.67 13.16
CA ILE B 78 -19.23 2.43 11.96
C ILE B 78 -18.31 1.95 10.82
N LYS B 79 -18.76 2.06 9.58
CA LYS B 79 -18.00 1.50 8.46
C LYS B 79 -17.21 2.56 7.69
N ASN B 80 -17.59 3.82 7.88
CA ASN B 80 -16.90 4.93 7.23
C ASN B 80 -16.14 5.76 8.25
N LEU B 81 -14.87 6.02 7.97
CA LEU B 81 -14.01 6.85 8.82
C LEU B 81 -14.69 8.18 9.22
N ALA B 82 -14.70 8.46 10.51
CA ALA B 82 -15.12 9.78 10.99
C ALA B 82 -13.88 10.67 11.07
N LYS B 83 -13.52 11.22 9.92
CA LYS B 83 -12.22 11.86 9.72
C LYS B 83 -11.99 13.06 10.64
N GLU B 84 -13.02 13.89 10.78
CA GLU B 84 -12.92 15.10 11.59
C GLU B 84 -12.73 14.79 13.06
N ILE B 85 -13.42 13.75 13.55
CA ILE B 85 -13.29 13.30 14.94
C ILE B 85 -11.92 12.68 15.18
N GLU B 86 -11.52 11.82 14.25
CA GLU B 86 -10.19 11.22 14.24
C GLU B 86 -9.10 12.30 14.33
N ASP B 87 -9.20 13.34 13.49
CA ASP B 87 -8.20 14.41 13.47
C ASP B 87 -8.19 15.24 14.76
N ALA B 88 -9.38 15.49 15.32
CA ALA B 88 -9.50 16.25 16.55
C ALA B 88 -8.79 15.55 17.71
N ARG B 89 -8.99 14.24 17.82
CA ARG B 89 -8.35 13.45 18.87
C ARG B 89 -6.84 13.48 18.76
N ALA B 90 -6.33 13.35 17.54
CA ALA B 90 -4.90 13.46 17.28
C ALA B 90 -4.36 14.83 17.67
N GLU B 91 -5.09 15.88 17.30
CA GLU B 91 -4.68 17.25 17.59
C GLU B 91 -4.57 17.47 19.10
N ALA B 92 -5.50 16.88 19.85
CA ALA B 92 -5.47 17.02 21.29
C ALA B 92 -4.28 16.27 21.89
N LEU B 93 -3.99 15.10 21.34
CA LEU B 93 -2.85 14.32 21.81
C LEU B 93 -1.53 15.02 21.49
N VAL B 94 -1.46 15.62 20.31
CA VAL B 94 -0.28 16.38 19.90
C VAL B 94 -0.08 17.59 20.81
N GLY B 95 -1.19 18.21 21.21
CA GLY B 95 -1.16 19.30 22.16
C GLY B 95 -0.53 18.88 23.49
N GLU B 96 -1.02 17.79 24.05
CA GLU B 96 -0.42 17.23 25.26
C GLU B 96 1.08 16.95 25.09
N LEU B 97 1.43 16.32 23.98
CA LEU B 97 2.83 16.00 23.67
C LEU B 97 3.69 17.27 23.61
N GLY B 98 3.10 18.37 23.15
CA GLY B 98 3.81 19.64 23.05
C GLY B 98 4.13 20.24 24.41
N ILE B 99 3.22 20.06 25.36
CA ILE B 99 3.44 20.52 26.72
C ILE B 99 4.54 19.70 27.40
N ILE B 100 4.46 18.38 27.26
CA ILE B 100 5.51 17.49 27.77
C ILE B 100 6.87 17.85 27.19
N ARG B 101 6.90 18.14 25.88
CA ARG B 101 8.11 18.59 25.21
C ARG B 101 8.72 19.82 25.87
N SER B 102 7.89 20.84 26.07
CA SER B 102 8.31 22.07 26.71
C SER B 102 8.79 21.84 28.14
N LEU B 103 8.20 20.86 28.81
CA LEU B 103 8.64 20.50 30.15
C LEU B 103 10.00 19.81 30.08
N ILE B 104 10.17 18.90 29.11
CA ILE B 104 11.42 18.17 28.98
C ILE B 104 12.58 19.10 28.61
N VAL B 105 12.38 19.96 27.62
CA VAL B 105 13.41 20.89 27.18
C VAL B 105 13.89 21.75 28.35
N ALA B 106 12.95 22.24 29.16
CA ALA B 106 13.31 23.03 30.34
C ALA B 106 14.01 22.17 31.39
N ASN B 107 13.59 20.92 31.51
CA ASN B 107 14.19 20.04 32.51
C ASN B 107 15.64 19.74 32.15
N ILE B 108 15.91 19.58 30.86
CA ILE B 108 17.28 19.45 30.36
C ILE B 108 18.09 20.73 30.63
N SER B 109 17.48 21.86 30.35
CA SER B 109 18.18 23.15 30.44
C SER B 109 18.62 23.43 31.86
N MET B 110 17.67 23.30 32.78
CA MET B 110 17.92 23.54 34.19
C MET B 110 18.94 22.56 34.78
N ASN B 111 18.84 21.28 34.40
CA ASN B 111 19.76 20.28 34.95
C ASN B 111 21.15 20.34 34.31
N LEU B 112 21.23 20.79 33.07
CA LEU B 112 22.53 21.02 32.43
C LEU B 112 23.21 22.25 33.04
N LYS B 113 22.45 23.33 33.19
CA LYS B 113 22.95 24.54 33.83
C LYS B 113 23.47 24.25 35.23
N GLU B 114 22.73 23.44 35.99
CA GLU B 114 23.17 23.04 37.32
C GLU B 114 24.44 22.19 37.25
N SER B 115 24.49 21.27 36.29
CA SER B 115 25.69 20.45 36.09
C SER B 115 26.89 21.32 35.75
N LEU B 116 26.66 22.43 35.05
CA LEU B 116 27.72 23.36 34.73
C LEU B 116 28.16 24.12 35.97
N TYR B 117 27.19 24.47 36.83
CA TYR B 117 27.51 25.12 38.11
C TYR B 117 28.35 24.17 38.95
N GLU B 118 28.05 22.89 38.87
CA GLU B 118 28.75 21.88 39.64
C GLU B 118 30.17 21.69 39.11
N LEU B 119 30.37 21.95 37.82
CA LEU B 119 31.70 21.90 37.26
C LEU B 119 32.54 23.08 37.74
N ALA B 120 31.95 24.28 37.67
CA ALA B 120 32.61 25.49 38.11
C ALA B 120 32.93 25.45 39.60
N ASN B 121 32.06 24.82 40.37
CA ASN B 121 32.23 24.72 41.81
C ASN B 121 33.45 23.89 42.18
N GLN B 122 33.69 22.82 41.41
CA GLN B 122 34.88 21.99 41.63
C GLN B 122 36.15 22.78 41.36
N ILE B 123 36.10 23.66 40.36
CA ILE B 123 37.23 24.51 40.03
C ILE B 123 37.53 25.49 41.16
N THR B 124 36.47 26.07 41.72
CA THR B 124 36.62 27.01 42.83
C THR B 124 37.31 26.35 44.02
N LYS B 125 36.92 25.11 44.32
CA LYS B 125 37.46 24.42 45.48
C LYS B 125 38.81 23.76 45.17
N ARG B 126 39.21 23.81 43.90
CA ARG B 126 40.50 23.28 43.50
C ARG B 126 41.61 24.28 43.80
N GLY B 127 41.35 25.55 43.50
CA GLY B 127 42.25 26.62 43.84
C GLY B 127 41.61 27.50 44.89
N GLY B 128 41.50 26.99 46.11
CA GLY B 128 40.81 27.68 47.16
C GLY B 128 41.70 28.18 48.26
N GLY B 129 41.56 29.45 48.62
CA GLY B 129 40.60 30.33 47.96
C GLY B 129 41.26 31.22 46.93
N ILE B 130 42.13 30.64 46.13
CA ILE B 130 42.82 31.37 45.07
C ILE B 130 41.82 31.85 44.01
N ALA B 131 40.78 31.06 43.81
CA ALA B 131 39.81 31.26 42.73
C ALA B 131 39.12 32.61 42.76
N GLN B 132 38.38 32.90 43.82
CA GLN B 132 37.58 34.13 43.91
C GLN B 132 36.52 34.20 42.82
N GLU B 133 35.31 33.76 43.14
CA GLU B 133 34.21 33.68 42.18
C GLU B 133 33.68 35.05 41.76
N ALA B 134 33.40 35.20 40.47
CA ALA B 134 32.80 36.42 39.95
C ALA B 134 31.52 36.08 39.18
N GLY B 135 30.56 35.51 39.88
CA GLY B 135 29.39 34.96 39.23
C GLY B 135 29.72 33.57 38.73
N PRO B 136 28.68 32.80 38.35
CA PRO B 136 28.94 31.41 37.93
C PRO B 136 29.83 31.32 36.69
N GLY B 137 30.83 30.45 36.77
CA GLY B 137 31.72 30.19 35.65
C GLY B 137 32.75 31.28 35.40
N CYS B 138 32.90 32.21 36.35
CA CYS B 138 33.89 33.28 36.24
C CYS B 138 34.70 33.43 37.53
N TRP B 139 35.99 33.71 37.40
CA TRP B 139 36.87 33.87 38.54
C TRP B 139 37.86 35.03 38.42
N TYR B 140 38.24 35.59 39.56
CA TYR B 140 39.31 36.59 39.60
C TYR B 140 40.55 36.03 40.26
N VAL B 141 41.59 35.83 39.47
CA VAL B 141 42.87 35.38 39.99
C VAL B 141 43.92 36.48 39.83
N ASP B 142 44.53 36.84 40.96
CA ASP B 142 45.62 37.81 41.02
C ASP B 142 46.91 37.21 40.52
N SER B 143 47.28 37.49 39.27
CA SER B 143 48.48 36.89 38.65
C SER B 143 49.77 37.26 39.40
N GLU B 144 49.68 37.12 40.72
CA GLU B 144 50.78 37.26 41.66
C GLU B 144 50.79 35.99 42.50
N ASN B 145 49.60 35.64 43.03
CA ASN B 145 49.39 34.42 43.80
C ASN B 145 49.66 33.18 42.93
N CYS B 146 49.29 33.30 41.65
CA CYS B 146 49.30 32.15 40.76
C CYS B 146 50.14 32.40 39.51
N ASP B 147 51.14 31.53 39.34
CA ASP B 147 52.11 31.53 38.25
C ASP B 147 51.49 31.41 36.84
N ALA B 148 51.74 30.28 36.19
CA ALA B 148 51.00 29.82 35.04
C ALA B 148 50.64 28.34 35.24
N SER B 149 51.48 27.63 36.01
CA SER B 149 51.28 26.20 36.30
C SER B 149 50.26 25.99 37.43
N CYS B 150 50.04 27.02 38.24
CA CYS B 150 48.98 27.04 39.25
C CYS B 150 47.62 27.25 38.57
N LYS B 151 47.54 28.27 37.70
CA LYS B 151 46.34 28.48 36.90
C LYS B 151 46.09 27.24 36.05
N GLU B 152 47.17 26.61 35.61
CA GLU B 152 47.08 25.34 34.89
C GLU B 152 46.50 24.28 35.81
N TYR B 153 46.82 24.37 37.09
CA TYR B 153 46.30 23.43 38.06
C TYR B 153 44.83 23.71 38.36
N ILE B 154 44.50 24.99 38.53
CA ILE B 154 43.17 25.38 38.95
C ILE B 154 42.12 25.24 37.85
N PHE B 155 42.44 25.72 36.65
CA PHE B 155 41.47 25.76 35.57
C PHE B 155 41.70 24.68 34.51
N ASN B 156 42.84 24.01 34.62
CA ASN B 156 43.21 22.94 33.69
C ASN B 156 43.15 23.37 32.23
N PHE B 157 43.59 24.61 31.97
CA PHE B 157 43.89 25.19 30.65
C PHE B 157 44.08 26.71 30.77
N GLU C 1 -3.04 -66.40 -13.28
CA GLU C 1 -3.50 -65.27 -12.47
C GLU C 1 -3.11 -63.93 -13.11
N LEU C 2 -4.02 -62.96 -13.03
CA LEU C 2 -3.75 -61.63 -13.56
C LEU C 2 -3.25 -60.70 -12.45
N ILE C 3 -2.08 -60.11 -12.66
CA ILE C 3 -1.52 -59.16 -11.70
C ILE C 3 -1.30 -57.80 -12.36
N CYS C 4 -1.83 -56.74 -11.76
CA CYS C 4 -1.77 -55.42 -12.38
C CYS C 4 -1.37 -54.30 -11.43
N ILE C 5 -0.75 -53.27 -11.99
CA ILE C 5 -0.63 -51.99 -11.31
C ILE C 5 -1.95 -51.25 -11.44
N VAL C 6 -2.54 -50.85 -10.33
CA VAL C 6 -3.84 -50.18 -10.39
C VAL C 6 -3.69 -48.70 -10.01
N GLN C 7 -4.31 -47.83 -10.81
CA GLN C 7 -4.25 -46.38 -10.59
C GLN C 7 -5.58 -45.88 -10.05
N ARG C 8 -5.55 -45.21 -8.91
CA ARG C 8 -6.77 -44.78 -8.22
C ARG C 8 -6.75 -43.30 -7.86
N VAL C 9 -7.88 -42.62 -8.06
CA VAL C 9 -7.99 -41.25 -7.59
C VAL C 9 -9.14 -41.09 -6.60
N ASN C 10 -9.05 -40.02 -5.82
CA ASN C 10 -9.99 -39.70 -4.76
C ASN C 10 -10.84 -38.49 -5.09
N GLU C 11 -11.74 -38.16 -4.18
CA GLU C 11 -12.45 -36.89 -4.22
C GLU C 11 -11.45 -35.74 -4.06
N SER C 12 -10.29 -36.05 -3.49
CA SER C 12 -9.22 -35.07 -3.31
C SER C 12 -8.49 -34.76 -4.62
N PHE C 13 -8.70 -35.58 -5.63
CA PHE C 13 -8.05 -35.40 -6.93
C PHE C 13 -8.94 -34.65 -7.92
N SER C 14 -8.34 -33.76 -8.70
CA SER C 14 -9.04 -33.09 -9.79
C SER C 14 -8.27 -33.27 -11.10
N LEU C 15 -9.00 -33.22 -12.21
CA LEU C 15 -8.42 -33.49 -13.51
C LEU C 15 -7.90 -32.20 -14.14
N HIS C 16 -6.65 -32.22 -14.58
CA HIS C 16 -6.09 -31.11 -15.31
C HIS C 16 -5.89 -31.50 -16.77
N SER C 17 -6.38 -30.66 -17.67
CA SER C 17 -6.38 -31.00 -19.08
C SER C 17 -5.09 -30.58 -19.78
N GLY C 18 -4.62 -31.40 -20.70
CA GLY C 18 -3.42 -31.08 -21.46
C GLY C 18 -3.64 -31.40 -22.92
N PHE C 19 -2.79 -30.85 -23.78
CA PHE C 19 -2.82 -31.18 -25.20
C PHE C 19 -1.95 -32.40 -25.46
N GLY C 20 -2.53 -33.59 -25.32
CA GLY C 20 -1.79 -34.82 -25.52
C GLY C 20 -1.62 -35.58 -24.22
N GLY C 21 -2.54 -35.38 -23.29
CA GLY C 21 -2.49 -36.08 -22.02
C GLY C 21 -2.97 -35.23 -20.87
N ASN C 22 -3.83 -35.80 -20.04
CA ASN C 22 -4.31 -35.14 -18.83
C ASN C 22 -3.56 -35.62 -17.61
N VAL C 23 -3.80 -34.95 -16.49
CA VAL C 23 -3.16 -35.31 -15.23
C VAL C 23 -4.14 -35.16 -14.06
N TYR C 24 -4.23 -36.18 -13.22
CA TYR C 24 -4.91 -36.09 -11.93
C TYR C 24 -3.93 -35.65 -10.84
N SER C 25 -4.34 -34.73 -9.98
CA SER C 25 -3.51 -34.34 -8.83
C SER C 25 -4.34 -33.80 -7.68
N MET C 26 -3.75 -33.82 -6.50
CA MET C 26 -4.38 -33.30 -5.29
C MET C 26 -4.08 -31.83 -5.11
N LYS C 27 -2.87 -31.42 -5.51
CA LYS C 27 -2.41 -30.06 -5.33
C LYS C 27 -2.20 -29.36 -6.65
N THR C 28 -2.21 -28.03 -6.62
CA THR C 28 -1.77 -27.23 -7.74
C THR C 28 -0.75 -26.23 -7.25
N GLU C 29 0.02 -25.66 -8.19
CA GLU C 29 0.93 -24.57 -7.89
C GLU C 29 0.95 -23.59 -9.05
N PRO C 30 0.79 -22.29 -8.73
CA PRO C 30 0.68 -21.25 -9.76
C PRO C 30 1.92 -21.15 -10.63
N MET C 31 1.73 -20.80 -11.88
CA MET C 31 2.82 -20.69 -12.84
C MET C 31 3.51 -19.34 -12.72
N THR C 32 2.81 -18.37 -12.16
CA THR C 32 3.30 -17.02 -12.10
C THR C 32 2.63 -16.27 -10.95
N GLY C 33 2.93 -14.98 -10.82
CA GLY C 33 2.35 -14.20 -9.73
C GLY C 33 2.55 -12.71 -9.96
N PHE C 34 2.38 -11.94 -8.89
CA PHE C 34 2.51 -10.49 -8.98
C PHE C 34 3.94 -10.06 -8.64
N THR C 35 4.41 -9.02 -9.32
CA THR C 35 5.70 -8.43 -9.02
C THR C 35 5.52 -7.21 -8.13
N ASN C 36 6.29 -7.14 -7.04
CA ASN C 36 6.22 -5.99 -6.14
C ASN C 36 6.56 -4.70 -6.87
N VAL C 37 5.86 -3.63 -6.48
CA VAL C 37 6.11 -2.30 -7.02
C VAL C 37 6.74 -1.43 -5.94
N THR C 38 7.92 -0.87 -6.22
CA THR C 38 8.60 -0.03 -5.24
C THR C 38 8.45 1.44 -5.63
N LYS C 39 7.94 2.25 -4.69
CA LYS C 39 7.82 3.69 -4.89
C LYS C 39 9.19 4.37 -4.98
N GLY C 40 9.31 5.35 -5.86
CA GLY C 40 10.52 6.16 -5.92
C GLY C 40 11.11 6.27 -7.30
N ALA C 41 12.38 6.64 -7.35
CA ALA C 41 13.07 6.85 -8.61
C ALA C 41 13.99 5.68 -8.94
N SER C 42 14.09 5.34 -10.21
CA SER C 42 15.02 4.32 -10.64
C SER C 42 15.31 4.50 -12.13
N VAL C 43 16.16 3.65 -12.67
CA VAL C 43 16.48 3.69 -14.09
C VAL C 43 16.59 2.27 -14.63
N ILE C 44 16.35 2.11 -15.93
CA ILE C 44 16.42 0.79 -16.57
C ILE C 44 17.78 0.57 -17.22
N ASN C 45 18.49 1.66 -17.48
CA ASN C 45 19.82 1.57 -18.05
C ASN C 45 20.79 2.45 -17.28
N GLN C 46 21.60 1.83 -16.42
CA GLN C 46 22.54 2.56 -15.58
C GLN C 46 23.60 3.31 -16.39
N LYS C 47 23.71 2.97 -17.67
CA LYS C 47 24.73 3.55 -18.53
C LYS C 47 24.19 4.65 -19.44
N ASP C 48 22.89 4.92 -19.34
CA ASP C 48 22.29 5.93 -20.19
C ASP C 48 21.28 6.78 -19.42
N TRP C 49 21.72 7.40 -18.34
CA TRP C 49 20.89 8.39 -17.67
C TRP C 49 21.72 9.54 -17.12
N ILE C 50 21.05 10.66 -16.88
CA ILE C 50 21.68 11.86 -16.35
C ILE C 50 20.78 12.46 -15.27
N GLY C 51 21.38 12.99 -14.22
CA GLY C 51 20.64 13.69 -13.18
C GLY C 51 21.07 15.15 -13.15
N PHE C 52 20.14 16.04 -12.82
CA PHE C 52 20.45 17.45 -12.63
C PHE C 52 20.00 17.89 -11.24
N GLY C 53 20.90 18.50 -10.46
CA GLY C 53 20.56 18.78 -9.09
C GLY C 53 21.32 19.87 -8.36
N ASP C 54 21.29 19.78 -7.04
CA ASP C 54 21.87 20.79 -6.18
C ASP C 54 22.72 20.12 -5.11
N ALA C 55 22.85 20.75 -3.95
CA ALA C 55 23.69 20.23 -2.86
C ALA C 55 23.31 18.80 -2.48
N ARG C 56 22.04 18.45 -2.64
CA ARG C 56 21.52 17.16 -2.21
C ARG C 56 22.02 16.00 -3.08
N THR C 57 22.61 16.31 -4.24
CA THR C 57 23.29 15.29 -5.03
C THR C 57 24.71 15.72 -5.43
N ASP C 58 25.28 16.68 -4.70
CA ASP C 58 26.59 17.22 -5.03
C ASP C 58 27.69 16.61 -4.15
N LEU C 59 28.51 15.76 -4.76
CA LEU C 59 29.54 15.05 -4.01
C LEU C 59 30.70 15.96 -3.54
N THR C 60 30.79 17.16 -4.10
CA THR C 60 31.86 18.08 -3.74
C THR C 60 31.49 18.94 -2.55
N ASN C 61 30.25 18.82 -2.07
CA ASN C 61 29.82 19.54 -0.88
C ASN C 61 30.71 19.15 0.30
N ASP C 62 31.05 20.13 1.13
CA ASP C 62 31.92 19.93 2.29
C ASP C 62 31.38 18.85 3.23
N GLN C 63 30.06 18.75 3.33
CA GLN C 63 29.45 17.83 4.28
C GLN C 63 29.03 16.50 3.65
N PHE C 64 29.46 16.24 2.42
CA PHE C 64 29.19 14.94 1.78
C PHE C 64 29.81 13.81 2.59
N PRO C 65 29.08 12.69 2.78
CA PRO C 65 27.75 12.37 2.27
C PRO C 65 26.58 12.71 3.19
N ALA C 66 26.85 13.32 4.35
CA ALA C 66 25.79 13.69 5.28
C ALA C 66 24.78 14.63 4.63
N SER C 67 25.22 15.39 3.64
CA SER C 67 24.38 16.37 2.97
C SER C 67 23.76 15.85 1.67
N SER C 68 23.94 14.57 1.39
CA SER C 68 23.46 13.98 0.14
C SER C 68 22.31 13.03 0.34
N ASP C 69 21.41 13.00 -0.65
CA ASP C 69 20.28 12.08 -0.62
C ASP C 69 20.56 10.84 -1.48
N VAL C 70 21.78 10.77 -2.01
CA VAL C 70 22.24 9.60 -2.77
C VAL C 70 23.70 9.26 -2.47
N PRO C 71 24.06 7.96 -2.59
CA PRO C 71 25.45 7.54 -2.39
C PRO C 71 26.36 7.97 -3.51
N LEU C 72 27.66 7.95 -3.25
CA LEU C 72 28.68 8.45 -4.18
C LEU C 72 28.49 7.96 -5.62
N ALA C 73 28.25 6.66 -5.79
CA ALA C 73 28.14 6.07 -7.12
C ALA C 73 26.98 6.66 -7.92
N VAL C 74 25.91 7.05 -7.21
CA VAL C 74 24.78 7.69 -7.87
C VAL C 74 25.02 9.19 -8.08
N ALA C 75 25.67 9.83 -7.11
CA ALA C 75 25.99 11.25 -7.21
C ALA C 75 26.83 11.56 -8.45
N LYS C 76 27.70 10.62 -8.84
CA LYS C 76 28.55 10.77 -10.03
C LYS C 76 27.76 10.89 -11.32
N LYS C 77 26.53 10.42 -11.30
CA LYS C 77 25.66 10.48 -12.47
C LYS C 77 24.91 11.80 -12.54
N PHE C 78 25.00 12.59 -11.47
CA PHE C 78 24.32 13.89 -11.42
C PHE C 78 25.20 15.03 -11.87
N ARG C 79 24.60 16.03 -12.48
CA ARG C 79 25.25 17.32 -12.70
C ARG C 79 24.65 18.29 -11.69
N SER C 80 25.40 18.60 -10.64
CA SER C 80 24.86 19.34 -9.52
C SER C 80 25.87 20.28 -8.89
N LEU C 81 25.38 21.38 -8.33
CA LEU C 81 26.21 22.27 -7.53
C LEU C 81 25.38 22.80 -6.38
N SER C 82 25.98 22.82 -5.20
CA SER C 82 25.34 23.38 -4.02
C SER C 82 24.84 24.80 -4.28
N GLY C 83 23.58 25.06 -3.93
CA GLY C 83 22.99 26.38 -4.10
C GLY C 83 22.41 26.65 -5.47
N ALA C 84 22.49 25.67 -6.37
CA ALA C 84 22.08 25.87 -7.76
C ALA C 84 20.67 25.37 -8.06
N SER C 85 20.12 25.83 -9.19
CA SER C 85 18.88 25.31 -9.74
C SER C 85 18.79 25.74 -11.20
N LEU C 86 18.01 25.00 -12.00
CA LEU C 86 17.87 25.33 -13.41
C LEU C 86 17.40 26.76 -13.61
N MET C 87 16.47 27.19 -12.77
CA MET C 87 15.86 28.51 -12.92
C MET C 87 16.83 29.63 -12.56
N LEU C 88 17.65 29.40 -11.54
CA LEU C 88 18.68 30.37 -11.17
C LEU C 88 19.65 30.59 -12.33
N SER C 89 20.01 29.51 -13.02
CA SER C 89 20.94 29.63 -14.14
C SER C 89 20.28 30.29 -15.34
N ALA C 90 18.96 30.09 -15.49
CA ALA C 90 18.19 30.70 -16.56
C ALA C 90 18.21 32.23 -16.51
N PHE C 91 18.13 32.78 -15.30
CA PHE C 91 18.04 34.23 -15.11
C PHE C 91 19.33 34.84 -14.58
N GLY C 92 20.07 34.05 -13.80
CA GLY C 92 21.26 34.53 -13.12
C GLY C 92 21.01 35.78 -12.29
N PRO C 93 20.18 35.66 -11.23
CA PRO C 93 19.95 36.83 -10.37
C PRO C 93 21.18 37.18 -9.55
N PRO C 94 21.36 38.45 -9.17
CA PRO C 94 22.55 38.90 -8.44
C PRO C 94 22.86 38.05 -7.19
N GLY C 95 24.10 37.59 -7.10
CA GLY C 95 24.60 36.92 -5.91
C GLY C 95 24.25 35.45 -5.77
N LYS C 96 23.46 34.92 -6.70
CA LYS C 96 23.03 33.53 -6.62
C LYS C 96 24.01 32.66 -7.40
N VAL C 97 24.14 31.39 -7.04
CA VAL C 97 25.08 30.55 -7.78
C VAL C 97 24.51 30.24 -9.17
N ASP C 98 25.41 30.12 -10.13
CA ASP C 98 25.08 30.11 -11.53
C ASP C 98 25.76 28.91 -12.20
N TYR C 99 25.17 27.73 -12.02
CA TYR C 99 25.79 26.51 -12.49
C TYR C 99 25.38 26.21 -13.93
N LEU C 100 26.37 25.91 -14.76
CA LEU C 100 26.10 25.60 -16.17
C LEU C 100 25.71 24.13 -16.31
N TYR C 101 24.43 23.84 -16.13
CA TYR C 101 23.91 22.49 -16.29
C TYR C 101 24.06 21.99 -17.71
N GLN C 102 24.68 20.82 -17.88
CA GLN C 102 24.75 20.18 -19.20
C GLN C 102 25.00 18.68 -19.06
N GLY C 103 24.44 17.91 -19.98
CA GLY C 103 24.64 16.47 -19.96
C GLY C 103 23.68 15.70 -20.87
N CYS C 104 23.98 14.43 -21.09
CA CYS C 104 23.21 13.58 -21.97
C CYS C 104 22.75 12.31 -21.24
N GLY C 105 21.56 11.84 -21.58
CA GLY C 105 21.05 10.59 -21.05
C GLY C 105 19.59 10.42 -21.43
N LYS C 106 19.24 9.25 -21.96
CA LYS C 106 17.87 8.99 -22.40
C LYS C 106 16.90 9.06 -21.22
N GLU C 107 17.33 8.60 -20.05
CA GLU C 107 16.55 8.77 -18.83
C GLU C 107 17.06 9.97 -18.06
N LYS C 108 16.15 10.83 -17.60
CA LYS C 108 16.55 12.03 -16.89
C LYS C 108 15.91 12.12 -15.52
N VAL C 109 16.70 12.55 -14.55
CA VAL C 109 16.20 12.79 -13.20
C VAL C 109 16.46 14.23 -12.80
N PHE C 110 15.39 14.99 -12.63
CA PHE C 110 15.48 16.38 -12.19
C PHE C 110 15.24 16.46 -10.69
N TYR C 111 16.26 16.82 -9.93
CA TYR C 111 16.12 16.97 -8.47
C TYR C 111 16.72 18.30 -8.03
N GLU C 112 16.07 19.38 -8.44
CA GLU C 112 16.54 20.72 -8.16
C GLU C 112 15.33 21.65 -8.19
N GLY C 113 15.52 22.89 -7.75
CA GLY C 113 14.47 23.89 -7.84
C GLY C 113 14.31 24.67 -6.57
N VAL C 114 14.54 24.01 -5.44
CA VAL C 114 14.34 24.61 -4.13
C VAL C 114 15.19 25.86 -3.90
N ASN C 115 16.32 25.97 -4.59
CA ASN C 115 17.21 27.11 -4.35
C ASN C 115 16.66 28.43 -4.88
N TRP C 116 15.59 28.37 -5.68
CA TRP C 116 14.80 29.58 -5.95
C TRP C 116 13.34 29.28 -5.59
N SER C 117 13.04 29.46 -4.30
CA SER C 117 11.69 29.35 -3.78
C SER C 117 11.34 30.71 -3.16
N PRO C 118 10.13 30.87 -2.61
CA PRO C 118 9.89 32.20 -2.01
C PRO C 118 10.89 32.54 -0.89
N GLU C 119 11.50 31.52 -0.28
CA GLU C 119 12.51 31.73 0.76
C GLU C 119 13.67 32.60 0.27
N ALA C 120 14.03 32.44 -1.00
CA ALA C 120 15.14 33.19 -1.59
C ALA C 120 14.89 34.70 -1.53
N GLY C 121 13.63 35.10 -1.56
CA GLY C 121 13.26 36.50 -1.43
C GLY C 121 13.80 37.37 -2.54
N ILE C 122 13.92 36.81 -3.73
CA ILE C 122 14.40 37.58 -4.87
C ILE C 122 13.27 38.45 -5.39
N ASP C 123 13.52 39.74 -5.52
CA ASP C 123 12.49 40.67 -5.99
C ASP C 123 12.65 40.93 -7.48
N CYS C 124 13.45 41.94 -7.82
CA CYS C 124 13.75 42.28 -9.21
C CYS C 124 12.50 42.53 -10.04
N PHE C 125 11.50 43.18 -9.41
CA PHE C 125 10.23 43.53 -10.06
C PHE C 125 9.33 42.32 -10.33
N GLY C 126 9.73 41.14 -9.85
CA GLY C 126 9.02 39.91 -10.14
C GLY C 126 7.54 39.99 -9.80
N SER C 127 6.70 39.78 -10.82
CA SER C 127 5.26 39.81 -10.62
C SER C 127 4.83 38.66 -9.71
N ASN C 128 5.31 37.46 -10.05
CA ASN C 128 5.00 36.24 -9.32
C ASN C 128 5.98 35.15 -9.74
N TRP C 129 7.11 35.06 -9.05
CA TRP C 129 8.18 34.16 -9.45
C TRP C 129 7.73 32.70 -9.39
N THR C 130 6.80 32.38 -8.49
CA THR C 130 6.25 31.03 -8.41
C THR C 130 5.54 30.68 -9.72
N GLN C 131 4.83 31.65 -10.28
CA GLN C 131 4.20 31.46 -11.58
C GLN C 131 5.25 31.31 -12.67
N THR C 132 6.26 32.17 -12.62
CA THR C 132 7.37 32.11 -13.58
C THR C 132 8.07 30.76 -13.50
N LYS C 133 8.27 30.30 -12.28
CA LYS C 133 8.90 29.00 -12.01
C LYS C 133 8.11 27.83 -12.61
N LYS C 134 6.81 27.79 -12.32
CA LYS C 134 5.94 26.76 -12.86
C LYS C 134 5.97 26.74 -14.39
N ASP C 135 5.90 27.92 -15.00
CA ASP C 135 5.93 28.04 -16.45
C ASP C 135 7.28 27.60 -17.03
N PHE C 136 8.36 28.03 -16.39
CA PHE C 136 9.71 27.71 -16.84
C PHE C 136 9.96 26.21 -16.84
N TYR C 137 9.71 25.57 -15.70
CA TYR C 137 9.95 24.14 -15.59
C TYR C 137 9.02 23.33 -16.50
N SER C 138 7.82 23.85 -16.76
CA SER C 138 6.91 23.20 -17.71
C SER C 138 7.51 23.11 -19.10
N ARG C 139 8.11 24.20 -19.58
CA ARG C 139 8.74 24.18 -20.90
C ARG C 139 9.97 23.28 -20.90
N ILE C 140 10.76 23.37 -19.84
CA ILE C 140 11.93 22.50 -19.68
C ILE C 140 11.55 21.03 -19.79
N TYR C 141 10.55 20.63 -19.01
CA TYR C 141 10.13 19.23 -18.96
C TYR C 141 9.61 18.76 -20.32
N GLU C 142 8.90 19.66 -20.99
CA GLU C 142 8.30 19.37 -22.29
C GLU C 142 9.37 19.18 -23.36
N ALA C 143 10.39 20.02 -23.35
CA ALA C 143 11.49 19.87 -24.30
C ALA C 143 12.33 18.65 -23.96
N ALA C 144 12.55 18.42 -22.67
CA ALA C 144 13.42 17.35 -22.23
C ALA C 144 12.89 15.96 -22.59
N ARG C 145 11.57 15.81 -22.65
CA ARG C 145 10.96 14.50 -22.87
C ARG C 145 11.34 13.91 -24.22
N SER C 146 11.55 14.77 -25.22
CA SER C 146 11.90 14.34 -26.57
C SER C 146 13.38 14.52 -26.90
N SER C 147 14.18 14.84 -25.87
CA SER C 147 15.59 15.16 -26.09
C SER C 147 16.49 14.13 -25.43
N THR C 148 17.66 13.91 -26.01
CA THR C 148 18.66 13.07 -25.37
C THR C 148 19.49 13.90 -24.39
N CYS C 149 19.78 15.14 -24.77
CA CYS C 149 20.65 15.99 -23.95
C CYS C 149 20.01 17.31 -23.56
N MET C 150 20.69 18.03 -22.69
CA MET C 150 20.29 19.39 -22.32
C MET C 150 21.53 20.19 -21.95
N THR C 151 21.55 21.46 -22.31
CA THR C 151 22.59 22.35 -21.83
C THR C 151 22.07 23.78 -21.69
N LEU C 152 22.51 24.46 -20.64
CA LEU C 152 22.35 25.90 -20.56
C LEU C 152 23.14 26.51 -21.71
N VAL C 153 22.59 27.59 -22.28
CA VAL C 153 23.33 28.43 -23.19
C VAL C 153 23.53 29.74 -22.44
N ASN C 154 24.74 29.95 -21.91
CA ASN C 154 24.96 31.02 -20.95
C ASN C 154 25.17 32.39 -21.60
N SER C 155 25.23 32.42 -22.94
CA SER C 155 25.29 33.70 -23.65
C SER C 155 24.76 33.59 -25.08
N LEU C 156 23.61 34.22 -25.32
CA LEU C 156 23.05 34.36 -26.66
C LEU C 156 23.74 35.51 -27.38
N ASP C 157 23.94 35.39 -28.69
CA ASP C 157 24.40 36.53 -29.48
C ASP C 157 23.28 37.56 -29.54
N THR C 158 23.54 38.77 -29.05
CA THR C 158 22.54 39.83 -29.08
C THR C 158 23.11 41.14 -29.60
N LYS C 159 22.24 41.98 -30.18
CA LYS C 159 22.63 43.28 -30.68
C LYS C 159 21.46 44.27 -30.57
N ILE C 160 21.69 45.40 -29.92
CA ILE C 160 20.66 46.44 -29.83
C ILE C 160 20.93 47.53 -30.86
N SER C 161 19.89 48.30 -31.16
CA SER C 161 20.00 49.33 -32.20
C SER C 161 20.52 50.64 -31.64
N SER C 162 20.12 50.96 -30.42
CA SER C 162 20.47 52.24 -29.83
C SER C 162 21.95 52.34 -29.48
N THR C 163 22.47 53.56 -29.58
CA THR C 163 23.85 53.86 -29.18
C THR C 163 23.87 54.60 -27.87
N THR C 164 22.71 55.06 -27.43
CA THR C 164 22.60 55.81 -26.19
C THR C 164 22.06 54.95 -25.05
N ALA C 165 21.48 53.80 -25.40
CA ALA C 165 20.91 52.90 -24.40
C ALA C 165 21.99 52.36 -23.46
N THR C 166 21.67 52.30 -22.17
CA THR C 166 22.63 51.89 -21.15
C THR C 166 22.07 50.77 -20.25
N ALA C 167 22.94 49.88 -19.81
CA ALA C 167 22.58 48.76 -18.92
C ALA C 167 21.74 49.22 -17.73
N GLY C 168 20.57 48.61 -17.58
CA GLY C 168 19.65 49.00 -16.52
C GLY C 168 19.95 48.36 -15.17
N THR C 169 19.75 49.08 -14.09
CA THR C 169 19.89 48.53 -12.75
C THR C 169 18.81 49.05 -11.86
N ALA C 170 18.53 48.33 -10.81
CA ALA C 170 17.41 48.64 -9.92
C ALA C 170 17.68 48.26 -8.46
N SER C 171 17.20 49.09 -7.54
CA SER C 171 17.33 48.83 -6.10
C SER C 171 16.66 47.52 -5.71
N SER C 172 15.56 47.19 -6.37
CA SER C 172 14.82 45.97 -6.05
C SER C 172 15.57 44.71 -6.50
N CYS C 173 16.67 44.89 -7.22
CA CYS C 173 17.47 43.76 -7.71
C CYS C 173 18.92 43.93 -7.27
N SER C 174 19.10 44.18 -5.98
CA SER C 174 20.42 44.29 -5.37
C SER C 174 21.30 45.34 -6.04
N SER C 175 20.67 46.43 -6.48
CA SER C 175 21.35 47.52 -7.18
C SER C 175 22.08 47.00 -8.42
N SER C 176 21.49 45.99 -9.05
CA SER C 176 22.06 45.38 -10.24
C SER C 176 20.92 44.88 -11.11
N TRP C 177 21.17 43.83 -11.91
CA TRP C 177 20.13 43.20 -12.70
C TRP C 177 20.48 41.74 -13.05
N MET C 178 19.48 40.99 -13.53
CA MET C 178 19.66 39.62 -13.99
C MET C 178 20.73 39.47 -15.06
N LYS C 179 21.25 38.25 -15.23
CA LYS C 179 22.09 37.94 -16.37
C LYS C 179 21.23 37.86 -17.63
N SER C 180 20.01 37.38 -17.45
CA SER C 180 19.02 37.26 -18.52
C SER C 180 17.63 37.47 -17.94
N PRO C 181 16.81 38.34 -18.56
CA PRO C 181 17.10 39.13 -19.77
C PRO C 181 17.99 40.33 -19.49
N LEU C 182 18.71 40.80 -20.49
CA LEU C 182 19.42 42.07 -20.37
C LEU C 182 18.42 43.21 -20.34
N TRP C 183 18.72 44.23 -19.54
CA TRP C 183 17.88 45.41 -19.41
C TRP C 183 18.59 46.64 -19.95
N TYR C 184 18.08 47.20 -21.03
CA TYR C 184 18.67 48.39 -21.64
C TYR C 184 17.78 49.61 -21.47
N ALA C 185 18.35 50.67 -20.90
CA ALA C 185 17.58 51.87 -20.58
C ALA C 185 18.15 53.13 -21.24
N GLU C 186 17.27 53.96 -21.78
CA GLU C 186 17.66 55.26 -22.32
C GLU C 186 17.59 56.32 -21.24
N SER C 187 18.74 56.69 -20.70
CA SER C 187 18.81 57.64 -19.60
C SER C 187 18.40 59.05 -20.01
N SER C 188 18.25 59.27 -21.31
CA SER C 188 17.93 60.60 -21.84
C SER C 188 16.43 60.88 -21.87
N VAL C 189 15.62 59.83 -21.75
CA VAL C 189 14.17 60.00 -21.82
C VAL C 189 13.61 60.56 -20.51
N ASN C 190 12.97 61.73 -20.60
CA ASN C 190 12.38 62.38 -19.44
C ASN C 190 11.11 63.14 -19.82
N PRO C 191 9.94 62.53 -19.52
CA PRO C 191 8.63 63.15 -19.75
C PRO C 191 8.28 64.20 -18.70
N PRO C 195 10.22 70.81 -21.39
CA PRO C 195 9.25 70.16 -22.27
C PRO C 195 9.31 68.65 -22.07
N GLN C 196 9.45 67.85 -23.14
CA GLN C 196 9.54 66.41 -22.91
C GLN C 196 10.76 65.96 -23.71
N VAL C 197 11.47 64.94 -23.25
CA VAL C 197 12.43 64.21 -24.09
C VAL C 197 11.96 62.74 -24.23
N CYS C 198 11.58 62.34 -25.45
CA CYS C 198 10.94 61.02 -25.63
C CYS C 198 11.81 59.97 -26.31
N GLY C 199 12.94 60.40 -26.86
CA GLY C 199 13.87 59.48 -27.51
C GLY C 199 13.26 58.71 -28.67
N THR C 200 14.01 57.72 -29.16
CA THR C 200 13.60 56.90 -30.29
C THR C 200 13.34 55.46 -29.87
N GLU C 201 12.40 54.80 -30.55
CA GLU C 201 12.06 53.40 -30.31
C GLU C 201 13.30 52.51 -30.27
N GLN C 202 13.38 51.64 -29.26
CA GLN C 202 14.50 50.73 -29.17
C GLN C 202 14.25 49.45 -29.97
N SER C 203 15.32 48.91 -30.55
CA SER C 203 15.24 47.68 -31.32
C SER C 203 16.42 46.78 -30.97
N ALA C 204 16.26 45.48 -31.18
CA ALA C 204 17.30 44.52 -30.85
C ALA C 204 17.05 43.19 -31.56
N THR C 205 18.10 42.38 -31.66
CA THR C 205 17.92 40.99 -32.09
C THR C 205 18.63 40.06 -31.13
N PHE C 206 18.14 38.82 -31.05
CA PHE C 206 18.85 37.80 -30.30
C PHE C 206 18.83 36.52 -31.10
N THR C 207 19.93 35.78 -31.05
CA THR C 207 20.08 34.60 -31.88
C THR C 207 20.12 33.33 -31.05
N LEU C 208 19.23 32.40 -31.37
CA LEU C 208 19.26 31.08 -30.76
C LEU C 208 20.03 30.15 -31.68
N PRO C 209 21.20 29.68 -31.21
CA PRO C 209 22.14 28.91 -32.03
C PRO C 209 21.65 27.50 -32.37
N THR C 210 22.25 26.93 -33.43
CA THR C 210 21.94 25.58 -33.86
C THR C 210 22.80 24.57 -33.11
N SER C 211 23.76 25.09 -32.34
CA SER C 211 24.58 24.26 -31.48
C SER C 211 25.20 25.09 -30.37
N PHE C 212 25.66 24.41 -29.31
CA PHE C 212 26.38 25.08 -28.24
C PHE C 212 27.39 24.09 -27.68
N GLY C 213 28.67 24.36 -27.92
CA GLY C 213 29.72 23.42 -27.59
C GLY C 213 29.49 22.14 -28.37
N ILE C 214 29.53 21.00 -27.66
CA ILE C 214 29.32 19.70 -28.27
C ILE C 214 27.82 19.39 -28.45
N TYR C 215 26.96 20.25 -27.92
CA TYR C 215 25.52 19.97 -27.94
C TYR C 215 24.80 20.51 -29.18
N LYS C 216 24.00 19.63 -29.78
CA LYS C 216 23.14 20.00 -30.88
C LYS C 216 21.85 20.63 -30.36
N CYS C 217 21.45 21.77 -30.91
CA CYS C 217 20.23 22.42 -30.51
C CYS C 217 19.15 22.35 -31.60
N ASN C 218 18.08 21.61 -31.32
CA ASN C 218 16.90 21.62 -32.19
C ASN C 218 15.81 22.50 -31.59
N LYS C 219 15.80 22.62 -30.26
CA LYS C 219 14.82 23.44 -29.55
C LYS C 219 15.52 24.29 -28.49
N HIS C 220 14.91 25.43 -28.16
CA HIS C 220 15.40 26.31 -27.13
C HIS C 220 14.27 26.71 -26.19
N VAL C 221 14.52 26.67 -24.89
CA VAL C 221 13.60 27.28 -23.92
C VAL C 221 14.10 28.67 -23.55
N VAL C 222 13.26 29.68 -23.79
CA VAL C 222 13.62 31.07 -23.50
C VAL C 222 12.49 31.80 -22.80
N GLN C 223 12.81 32.91 -22.15
CA GLN C 223 11.79 33.77 -21.56
C GLN C 223 11.59 35.00 -22.44
N LEU C 224 10.33 35.34 -22.66
CA LEU C 224 9.98 36.56 -23.39
C LEU C 224 9.38 37.56 -22.43
N CYS C 225 10.25 38.27 -21.71
CA CYS C 225 9.82 39.14 -20.62
C CYS C 225 9.31 40.49 -21.11
N TYR C 226 8.51 41.13 -20.26
CA TYR C 226 7.93 42.44 -20.53
C TYR C 226 7.57 43.08 -19.20
N PHE C 227 7.63 44.41 -19.12
CA PHE C 227 7.24 45.09 -17.90
C PHE C 227 5.73 45.29 -17.87
N VAL C 228 5.17 45.33 -16.66
CA VAL C 228 3.73 45.51 -16.49
C VAL C 228 3.44 46.75 -15.64
N TYR C 229 2.66 47.67 -16.20
CA TYR C 229 2.32 48.90 -15.50
C TYR C 229 0.84 48.95 -15.11
N GLU C 230 0.54 49.73 -14.08
CA GLU C 230 -0.83 49.90 -13.60
C GLU C 230 -1.72 50.57 -14.65
N ASN C 231 -1.22 51.66 -15.21
CA ASN C 231 -1.93 52.39 -16.26
C ASN C 231 -0.97 53.30 -17.01
N LYS C 232 -1.49 53.96 -18.05
CA LYS C 232 -0.69 54.80 -18.91
C LYS C 232 -0.11 55.99 -18.15
N ALA C 233 -0.87 56.48 -17.16
CA ALA C 233 -0.47 57.62 -16.36
C ALA C 233 0.80 57.35 -15.57
N LYS C 234 0.84 56.19 -14.92
CA LYS C 234 1.99 55.85 -14.08
C LYS C 234 3.20 55.46 -14.92
N PHE C 235 2.96 55.00 -16.15
CA PHE C 235 4.05 54.70 -17.06
C PHE C 235 4.74 55.98 -17.52
N ASN C 236 3.99 57.08 -17.61
CA ASN C 236 4.52 58.32 -18.15
C ASN C 236 5.48 59.03 -17.18
N THR C 237 5.74 58.39 -16.05
CA THR C 237 6.81 58.82 -15.16
C THR C 237 8.16 58.47 -15.79
N PHE C 238 8.16 57.49 -16.68
CA PHE C 238 9.40 56.96 -17.25
C PHE C 238 9.49 57.16 -18.76
N GLY C 239 8.42 56.84 -19.47
CA GLY C 239 8.40 56.93 -20.92
C GLY C 239 7.18 57.66 -21.44
N CYS C 240 7.24 58.09 -22.70
CA CYS C 240 6.15 58.87 -23.29
C CYS C 240 5.06 57.99 -23.92
N GLY C 241 3.93 57.87 -23.23
CA GLY C 241 2.71 57.32 -23.81
C GLY C 241 2.64 55.86 -24.23
N ASP C 242 3.79 55.26 -24.56
CA ASP C 242 3.78 53.95 -25.20
C ASP C 242 3.39 52.77 -24.30
N TYR C 243 4.28 52.45 -23.38
CA TYR C 243 4.75 51.09 -23.12
C TYR C 243 4.32 50.02 -24.12
N TYR C 244 5.32 49.39 -24.72
CA TYR C 244 5.14 48.19 -25.51
C TYR C 244 6.49 47.47 -25.60
N GLN C 245 6.44 46.14 -25.68
CA GLN C 245 7.64 45.33 -25.87
C GLN C 245 7.24 44.11 -26.69
N ASN C 246 7.57 44.13 -27.99
CA ASN C 246 7.12 43.08 -28.89
C ASN C 246 8.25 42.19 -29.41
N TYR C 247 7.97 40.90 -29.53
CA TYR C 247 8.92 39.94 -30.06
C TYR C 247 8.46 39.39 -31.40
N TYR C 248 9.38 39.29 -32.36
CA TYR C 248 9.04 38.79 -33.69
C TYR C 248 10.01 37.73 -34.16
N ASP C 249 9.53 36.73 -34.90
CA ASP C 249 10.44 35.75 -35.50
C ASP C 249 11.03 36.31 -36.80
N GLY C 250 11.67 35.45 -37.58
CA GLY C 250 12.35 35.86 -38.78
C GLY C 250 11.44 36.34 -39.90
N ASN C 251 10.16 36.01 -39.82
CA ASN C 251 9.21 36.39 -40.86
C ASN C 251 8.46 37.67 -40.53
N GLY C 252 8.47 38.06 -39.26
CA GLY C 252 7.79 39.26 -38.83
C GLY C 252 6.59 38.96 -37.97
N ASN C 253 6.41 37.68 -37.64
CA ASN C 253 5.27 37.26 -36.82
C ASN C 253 5.47 37.52 -35.34
N LEU C 254 4.47 38.13 -34.72
CA LEU C 254 4.49 38.41 -33.29
C LEU C 254 4.49 37.10 -32.50
N ILE C 255 5.43 36.95 -31.57
CA ILE C 255 5.50 35.71 -30.80
C ILE C 255 5.49 35.95 -29.30
N GLY C 256 5.41 37.21 -28.88
CA GLY C 256 5.34 37.49 -27.46
C GLY C 256 5.49 38.95 -27.08
N GLY C 257 5.46 39.19 -25.77
CA GLY C 257 5.59 40.53 -25.23
C GLY C 257 4.26 41.10 -24.79
N MET C 258 4.22 42.41 -24.57
CA MET C 258 2.95 43.10 -24.31
C MET C 258 2.93 44.47 -24.96
N ASP C 259 1.88 44.72 -25.73
CA ASP C 259 1.73 45.99 -26.45
C ASP C 259 0.57 46.80 -25.88
N ASN C 260 0.88 47.81 -25.06
CA ASN C 260 -0.17 48.60 -24.43
C ASN C 260 -0.70 49.73 -25.32
N ARG C 261 -0.52 49.57 -26.63
CA ARG C 261 -1.19 50.42 -27.61
C ARG C 261 -2.43 49.68 -28.10
N VAL C 262 -2.47 48.38 -27.80
CA VAL C 262 -3.56 47.52 -28.22
C VAL C 262 -4.26 46.89 -27.02
N ALA C 263 -3.45 46.42 -26.06
CA ALA C 263 -3.96 45.71 -24.90
C ALA C 263 -4.03 46.63 -23.67
N ALA C 264 -5.02 46.40 -22.83
CA ALA C 264 -5.23 47.20 -21.63
C ALA C 264 -4.12 46.98 -20.60
N TYR C 265 -3.79 48.03 -19.86
CA TYR C 265 -2.90 47.91 -18.71
C TYR C 265 -3.56 47.04 -17.65
N ARG C 266 -2.81 46.11 -17.08
CA ARG C 266 -3.35 45.22 -16.06
C ARG C 266 -2.43 45.06 -14.85
N GLY C 267 -1.63 46.09 -14.57
CA GLY C 267 -0.80 46.10 -13.39
C GLY C 267 -1.65 46.17 -12.13
N ILE C 268 -1.43 45.24 -11.20
CA ILE C 268 -2.19 45.17 -9.97
C ILE C 268 -2.13 46.49 -9.21
N ALA C 269 -3.30 46.98 -8.81
CA ALA C 269 -3.48 48.33 -8.27
C ALA C 269 -2.41 48.78 -7.26
N ASN C 270 -1.70 49.84 -7.63
CA ASN C 270 -0.71 50.48 -6.76
C ASN C 270 0.46 49.58 -6.33
N ALA C 271 0.71 48.53 -7.09
CA ALA C 271 1.83 47.63 -6.79
C ALA C 271 3.16 48.17 -7.29
N GLY C 272 3.11 49.12 -8.22
CA GLY C 272 4.31 49.58 -8.89
C GLY C 272 4.61 48.68 -10.09
N VAL C 273 5.66 48.98 -10.84
CA VAL C 273 5.97 48.21 -12.04
C VAL C 273 6.41 46.79 -11.69
N LYS C 274 5.91 45.82 -12.44
CA LYS C 274 6.36 44.45 -12.29
C LYS C 274 6.88 43.92 -13.62
N ILE C 275 7.57 42.78 -13.56
CA ILE C 275 8.03 42.11 -14.77
C ILE C 275 7.42 40.71 -14.80
N GLU C 276 6.96 40.29 -15.97
CA GLU C 276 6.50 38.92 -16.16
C GLU C 276 7.45 38.24 -17.14
N CYS C 277 7.74 36.96 -16.91
CA CYS C 277 8.70 36.26 -17.76
C CYS C 277 8.25 34.88 -18.18
N PRO C 278 7.22 34.81 -19.04
CA PRO C 278 6.75 33.50 -19.51
C PRO C 278 7.82 32.83 -20.37
N SER C 279 7.95 31.51 -20.23
CA SER C 279 8.90 30.76 -21.04
C SER C 279 8.21 30.24 -22.28
N LYS C 280 8.97 30.16 -23.37
CA LYS C 280 8.45 29.62 -24.61
C LYS C 280 9.48 28.71 -25.25
N ILE C 281 9.01 27.69 -25.96
CA ILE C 281 9.89 26.83 -26.70
C ILE C 281 10.01 27.35 -28.13
N LEU C 282 11.24 27.67 -28.54
CA LEU C 282 11.48 28.28 -29.84
C LEU C 282 12.54 27.54 -30.65
N ASN C 283 12.46 27.65 -31.97
CA ASN C 283 13.44 27.04 -32.86
C ASN C 283 14.69 27.91 -32.95
N PRO C 284 15.83 27.28 -33.28
CA PRO C 284 17.04 28.09 -33.56
C PRO C 284 16.75 29.10 -34.65
N GLY C 285 17.38 30.27 -34.57
CA GLY C 285 17.20 31.31 -35.56
C GLY C 285 17.46 32.68 -34.96
N THR C 286 17.15 33.71 -35.72
CA THR C 286 17.31 35.09 -35.25
C THR C 286 15.96 35.72 -35.02
N TYR C 287 15.80 36.45 -33.91
CA TYR C 287 14.52 37.01 -33.54
C TYR C 287 14.64 38.51 -33.31
N SER C 288 13.55 39.24 -33.51
CA SER C 288 13.56 40.69 -33.43
C SER C 288 12.80 41.18 -32.21
N ILE C 289 13.16 42.37 -31.74
CA ILE C 289 12.44 43.01 -30.65
C ILE C 289 12.20 44.49 -30.97
N LYS C 290 11.02 44.98 -30.61
CA LYS C 290 10.68 46.40 -30.66
C LYS C 290 10.16 46.84 -29.29
N SER C 291 10.65 47.97 -28.77
CA SER C 291 10.16 48.45 -27.48
C SER C 291 10.07 49.97 -27.39
N THR C 292 9.30 50.43 -26.42
CA THR C 292 9.24 51.85 -26.07
C THR C 292 10.66 52.34 -25.79
N PRO C 293 10.96 53.60 -26.17
CA PRO C 293 12.32 54.14 -26.07
C PRO C 293 12.98 53.94 -24.72
N ARG C 294 12.27 54.22 -23.64
CA ARG C 294 12.85 54.21 -22.31
C ARG C 294 13.41 52.85 -21.88
N PHE C 295 12.68 51.77 -22.15
CA PHE C 295 13.01 50.45 -21.61
C PHE C 295 13.01 49.34 -22.64
N LEU C 296 14.09 48.55 -22.65
CA LEU C 296 14.19 47.39 -23.55
C LEU C 296 14.69 46.15 -22.80
N LEU C 297 14.01 45.02 -23.02
CA LEU C 297 14.44 43.74 -22.45
C LEU C 297 14.89 42.78 -23.55
N VAL C 298 16.07 42.19 -23.37
CA VAL C 298 16.63 41.26 -24.35
C VAL C 298 17.01 39.94 -23.70
N PRO C 299 16.40 38.83 -24.15
CA PRO C 299 16.80 37.50 -23.67
C PRO C 299 18.27 37.25 -23.92
N LYS C 300 18.98 36.68 -22.94
CA LYS C 300 20.44 36.56 -23.02
C LYS C 300 20.87 35.12 -22.77
N ARG C 301 19.94 34.27 -22.37
CA ARG C 301 20.23 32.87 -22.10
C ARG C 301 19.12 31.96 -22.60
N SER C 302 19.40 30.66 -22.66
CA SER C 302 18.38 29.69 -23.01
C SER C 302 18.81 28.32 -22.53
N TYR C 303 17.91 27.34 -22.65
CA TYR C 303 18.29 25.95 -22.48
C TYR C 303 18.14 25.26 -23.84
N CYS C 304 19.24 24.64 -24.27
CA CYS C 304 19.33 24.01 -25.57
C CYS C 304 18.96 22.52 -25.50
N PHE C 305 18.01 22.08 -26.33
CA PHE C 305 17.58 20.70 -26.38
C PHE C 305 17.69 20.14 -27.81
N ASP C 306 17.85 18.83 -27.95
CA ASP C 306 17.78 18.21 -29.27
C ASP C 306 16.44 17.49 -29.45
N THR C 307 16.28 16.82 -30.59
CA THR C 307 15.08 16.04 -30.87
C THR C 307 15.46 14.63 -31.29
N ASP C 308 16.53 14.12 -30.69
CA ASP C 308 16.99 12.77 -30.99
C ASP C 308 16.21 11.72 -30.21
N GLY C 309 15.28 12.19 -29.38
CA GLY C 309 14.43 11.29 -28.63
C GLY C 309 14.92 11.05 -27.22
N GLY C 310 13.99 10.61 -26.35
CA GLY C 310 14.30 10.30 -24.98
C GLY C 310 13.13 9.65 -24.29
N TYR C 311 13.31 9.32 -23.01
CA TYR C 311 12.28 8.64 -22.23
C TYR C 311 11.44 9.61 -21.42
N PRO C 312 10.32 9.13 -20.86
CA PRO C 312 9.65 9.97 -19.85
C PRO C 312 10.64 10.33 -18.75
N ILE C 313 10.58 11.57 -18.29
CA ILE C 313 11.53 12.07 -17.31
C ILE C 313 11.03 11.86 -15.91
N GLN C 314 11.94 11.95 -14.93
CA GLN C 314 11.55 11.91 -13.52
C GLN C 314 11.91 13.23 -12.85
N VAL C 315 10.93 13.82 -12.18
CA VAL C 315 11.14 15.04 -11.42
C VAL C 315 10.94 14.74 -9.93
N VAL C 316 11.94 15.09 -9.13
CA VAL C 316 11.90 14.83 -7.71
C VAL C 316 11.52 16.12 -6.98
N GLN C 317 10.52 16.01 -6.11
CA GLN C 317 10.07 17.10 -5.24
C GLN C 317 11.24 17.85 -4.66
N SER C 318 11.24 19.18 -4.79
CA SER C 318 12.36 19.98 -4.33
C SER C 318 11.90 21.11 -3.42
N GLU C 319 11.80 20.80 -2.12
CA GLU C 319 11.30 21.73 -1.12
C GLU C 319 12.23 21.80 0.09
N TRP C 320 12.15 22.91 0.83
CA TRP C 320 12.92 23.06 2.07
C TRP C 320 12.29 22.29 3.22
N SER C 321 13.00 22.24 4.34
CA SER C 321 12.39 21.80 5.61
C SER C 321 11.29 22.78 6.00
N ALA C 322 10.47 22.40 6.97
CA ALA C 322 9.28 23.19 7.34
C ALA C 322 9.60 24.62 7.74
N SER C 323 10.81 24.86 8.24
CA SER C 323 11.19 26.18 8.73
C SER C 323 11.32 27.24 7.63
N ARG C 324 11.41 26.81 6.37
CA ARG C 324 11.56 27.76 5.27
C ARG C 324 10.35 27.77 4.34
N ARG C 325 10.27 28.79 3.50
CA ARG C 325 9.12 28.96 2.61
C ARG C 325 9.37 28.30 1.25
N SER C 326 8.62 27.24 0.99
CA SER C 326 8.77 26.46 -0.24
C SER C 326 7.65 26.72 -1.24
N ASP C 327 7.72 26.03 -2.38
CA ASP C 327 6.61 26.00 -3.33
C ASP C 327 6.57 24.63 -3.98
N ASN C 328 5.45 24.32 -4.63
CA ASN C 328 5.34 23.06 -5.33
C ASN C 328 5.22 23.28 -6.83
N ALA C 329 5.88 24.33 -7.31
CA ALA C 329 5.82 24.70 -8.72
C ALA C 329 6.35 23.60 -9.64
N THR C 330 7.45 22.95 -9.29
CA THR C 330 7.98 21.89 -10.13
C THR C 330 7.04 20.68 -10.10
N GLU C 331 6.31 20.52 -9.00
CA GLU C 331 5.34 19.44 -8.89
C GLU C 331 4.19 19.61 -9.89
N GLU C 332 3.65 20.82 -9.97
CA GLU C 332 2.49 21.07 -10.81
C GLU C 332 2.91 21.15 -12.26
N ALA C 333 4.12 21.65 -12.49
CA ALA C 333 4.69 21.72 -13.83
C ALA C 333 4.83 20.32 -14.39
N CYS C 334 5.31 19.40 -13.55
CA CYS C 334 5.44 17.99 -13.94
C CYS C 334 4.08 17.33 -14.16
N LEU C 335 3.13 17.62 -13.27
CA LEU C 335 1.78 17.07 -13.38
C LEU C 335 1.08 17.49 -14.67
N GLN C 336 1.32 18.71 -15.13
CA GLN C 336 0.65 19.20 -16.34
C GLN C 336 1.45 18.92 -17.60
N THR C 337 2.55 18.17 -17.48
CA THR C 337 3.41 17.92 -18.64
C THR C 337 3.48 16.45 -18.99
N GLU C 338 3.04 16.12 -20.21
CA GLU C 338 3.08 14.75 -20.69
C GLU C 338 4.48 14.17 -20.62
N GLY C 339 4.59 12.90 -20.23
CA GLY C 339 5.87 12.25 -20.16
C GLY C 339 6.67 12.56 -18.91
N CYS C 340 6.05 13.23 -17.94
CA CYS C 340 6.75 13.55 -16.70
C CYS C 340 6.23 12.72 -15.51
N ILE C 341 7.16 12.11 -14.77
CA ILE C 341 6.85 11.34 -13.57
C ILE C 341 7.34 12.08 -12.33
N PHE C 342 6.46 12.28 -11.36
CA PHE C 342 6.84 13.02 -10.15
C PHE C 342 7.10 12.08 -8.99
N ILE C 343 8.22 12.31 -8.29
CA ILE C 343 8.56 11.54 -7.09
C ILE C 343 8.38 12.44 -5.86
N LYS C 344 7.50 12.02 -4.94
CA LYS C 344 7.09 12.88 -3.84
C LYS C 344 7.27 12.21 -2.48
N LYS C 345 7.77 12.97 -1.51
CA LYS C 345 7.86 12.48 -0.13
C LYS C 345 6.48 12.50 0.55
N THR C 346 6.32 11.66 1.56
CA THR C 346 5.10 11.59 2.36
C THR C 346 5.27 12.32 3.70
N THR C 347 6.51 12.66 4.03
CA THR C 347 6.82 13.35 5.27
C THR C 347 7.59 14.63 4.96
N PRO C 348 7.67 15.57 5.91
CA PRO C 348 8.49 16.75 5.61
C PRO C 348 9.97 16.43 5.42
N TYR C 349 10.69 17.36 4.80
CA TYR C 349 12.13 17.21 4.62
C TYR C 349 12.85 17.51 5.92
N VAL C 350 13.59 16.56 6.46
CA VAL C 350 14.40 16.80 7.65
C VAL C 350 15.83 16.38 7.39
N GLY C 351 16.71 17.35 7.23
CA GLY C 351 18.08 17.09 6.81
C GLY C 351 19.04 16.74 7.92
N GLU C 352 19.93 15.78 7.64
CA GLU C 352 20.98 15.38 8.55
C GLU C 352 22.04 16.47 8.63
N ALA C 353 22.27 17.16 7.52
CA ALA C 353 23.33 18.15 7.45
C ALA C 353 22.93 19.41 8.21
N ALA C 354 22.56 20.46 7.48
CA ALA C 354 22.19 21.72 8.10
C ALA C 354 20.69 21.96 7.97
N ASP C 355 19.91 21.02 8.51
CA ASP C 355 18.44 21.01 8.46
C ASP C 355 17.85 20.77 7.07
N ASN C 356 18.56 21.13 6.01
CA ASN C 356 17.94 21.13 4.69
C ASN C 356 18.59 20.25 3.63
N ALA C 357 19.46 19.35 4.07
CA ALA C 357 20.10 18.43 3.13
C ALA C 357 20.42 17.09 3.80
N GLY C 358 19.95 16.00 3.21
CA GLY C 358 20.24 14.66 3.71
C GLY C 358 19.09 14.07 4.49
N ASP C 359 18.02 13.74 3.77
CA ASP C 359 16.75 13.33 4.37
C ASP C 359 16.56 11.82 4.26
N ILE C 360 16.15 11.20 5.36
CA ILE C 360 16.03 9.75 5.44
C ILE C 360 15.03 9.18 4.43
N GLU C 361 13.87 9.81 4.32
CA GLU C 361 12.86 9.30 3.38
C GLU C 361 13.31 9.48 1.93
N MET C 362 13.93 10.61 1.61
CA MET C 362 14.37 10.84 0.23
C MET C 362 15.47 9.88 -0.17
N ARG C 363 16.37 9.56 0.75
CA ARG C 363 17.41 8.56 0.45
C ARG C 363 16.76 7.22 0.11
N GLN C 364 15.68 6.88 0.82
CA GLN C 364 14.92 5.67 0.51
C GLN C 364 14.29 5.75 -0.87
N LEU C 365 13.63 6.88 -1.15
CA LEU C 365 12.95 7.05 -2.43
C LEU C 365 13.90 7.12 -3.62
N LEU C 366 15.13 7.54 -3.38
CA LEU C 366 16.10 7.68 -4.46
C LEU C 366 17.08 6.51 -4.53
N SER C 367 16.98 5.57 -3.59
CA SER C 367 17.93 4.45 -3.54
C SER C 367 17.89 3.59 -4.81
N GLY C 368 16.74 3.60 -5.48
CA GLY C 368 16.60 2.83 -6.71
C GLY C 368 17.48 3.26 -7.87
N LEU C 369 18.15 4.40 -7.73
CA LEU C 369 18.84 5.04 -8.86
C LEU C 369 20.26 4.65 -9.35
N GLY C 370 21.04 3.79 -8.71
CA GLY C 370 20.70 2.89 -7.64
C GLY C 370 20.93 1.46 -8.13
N ASN C 371 19.84 0.80 -8.50
CA ASN C 371 19.84 -0.62 -8.79
C ASN C 371 20.31 -1.00 -10.19
N ASN C 372 20.69 -2.26 -10.35
CA ASN C 372 21.15 -2.76 -11.64
C ASN C 372 20.11 -3.64 -12.32
N ASP C 373 18.94 -3.77 -11.71
CA ASP C 373 17.94 -4.72 -12.21
C ASP C 373 16.52 -4.18 -12.31
N THR C 374 16.36 -2.87 -12.39
CA THR C 374 15.05 -2.29 -12.68
C THR C 374 14.73 -2.45 -14.16
N VAL C 375 13.50 -2.87 -14.49
CA VAL C 375 13.12 -3.08 -15.88
C VAL C 375 12.02 -2.14 -16.32
N CYS C 376 11.29 -1.58 -15.36
CA CYS C 376 10.16 -0.71 -15.65
C CYS C 376 10.10 0.43 -14.64
N VAL C 377 9.95 1.65 -15.14
CA VAL C 377 9.78 2.82 -14.29
C VAL C 377 8.41 3.44 -14.59
N SER C 378 7.62 3.70 -13.56
CA SER C 378 6.28 4.24 -13.73
C SER C 378 5.91 5.26 -12.66
N GLN C 379 4.78 5.95 -12.85
CA GLN C 379 4.27 6.87 -11.85
C GLN C 379 3.83 6.12 -10.59
N SER C 380 3.60 4.81 -10.71
CA SER C 380 3.28 3.99 -9.54
C SER C 380 4.55 3.53 -8.82
N GLY C 381 5.69 3.61 -9.51
CA GLY C 381 6.94 3.14 -8.97
C GLY C 381 7.67 2.26 -9.96
N TYR C 382 8.70 1.56 -9.50
CA TYR C 382 9.53 0.78 -10.40
C TYR C 382 9.52 -0.70 -10.05
N THR C 383 9.76 -1.55 -11.04
CA THR C 383 9.72 -2.99 -10.84
C THR C 383 10.93 -3.73 -11.40
N LYS C 384 11.19 -4.91 -10.84
CA LYS C 384 12.16 -5.83 -11.40
C LYS C 384 11.47 -6.76 -12.40
N GLY C 385 12.24 -7.55 -13.13
CA GLY C 385 11.69 -8.42 -14.15
C GLY C 385 11.37 -9.82 -13.66
N GLU C 386 10.61 -9.92 -12.57
CA GLU C 386 10.30 -11.22 -11.98
C GLU C 386 9.13 -11.93 -12.66
N THR C 387 8.03 -11.22 -12.87
CA THR C 387 6.86 -11.75 -13.55
C THR C 387 6.31 -10.71 -14.50
N PRO C 388 5.40 -11.11 -15.41
CA PRO C 388 4.83 -10.08 -16.30
C PRO C 388 3.58 -9.43 -15.72
N PHE C 389 3.22 -9.73 -14.47
CA PHE C 389 1.97 -9.22 -13.90
C PHE C 389 2.15 -8.44 -12.60
N VAL C 390 1.20 -7.55 -12.33
CA VAL C 390 1.13 -6.83 -11.06
C VAL C 390 -0.29 -6.84 -10.50
N LYS C 391 -0.41 -6.56 -9.20
CA LYS C 391 -1.70 -6.55 -8.53
C LYS C 391 -2.55 -5.36 -8.97
N ASP C 392 -1.94 -4.17 -9.01
CA ASP C 392 -2.64 -2.98 -9.46
C ASP C 392 -1.99 -2.45 -10.72
N TYR C 393 -2.72 -1.64 -11.48
CA TYR C 393 -2.17 -1.03 -12.68
C TYR C 393 -0.91 -0.23 -12.35
N LEU C 394 0.05 -0.25 -13.27
CA LEU C 394 1.17 0.66 -13.20
C LEU C 394 0.73 1.94 -13.86
N SER C 395 0.59 3.01 -13.09
CA SER C 395 0.08 4.26 -13.64
C SER C 395 1.11 4.90 -14.55
N PRO C 396 0.66 5.40 -15.70
CA PRO C 396 1.50 6.18 -16.61
C PRO C 396 1.80 7.55 -16.02
N PRO C 397 2.82 8.26 -16.52
CA PRO C 397 3.74 7.85 -17.59
C PRO C 397 4.63 6.69 -17.16
N LYS C 398 5.04 5.86 -18.11
CA LYS C 398 5.86 4.71 -17.79
C LYS C 398 6.61 4.19 -19.01
N TYR C 399 7.68 3.46 -18.76
CA TYR C 399 8.50 2.93 -19.86
C TYR C 399 9.32 1.74 -19.38
N GLY C 400 9.74 0.91 -20.33
CA GLY C 400 10.48 -0.30 -20.02
C GLY C 400 9.62 -1.54 -20.20
N ARG C 401 10.02 -2.63 -19.57
CA ARG C 401 9.28 -3.89 -19.66
C ARG C 401 8.27 -3.93 -18.53
N CYS C 402 7.10 -3.35 -18.79
CA CYS C 402 6.19 -3.03 -17.71
C CYS C 402 5.11 -4.09 -17.53
N GLN C 403 4.87 -4.47 -16.29
CA GLN C 403 3.92 -5.53 -15.97
C GLN C 403 2.49 -5.13 -16.27
N LEU C 404 1.62 -6.12 -16.40
CA LEU C 404 0.20 -5.87 -16.65
C LEU C 404 -0.64 -6.36 -15.50
N LYS C 405 -1.70 -5.63 -15.18
CA LYS C 405 -2.60 -6.08 -14.13
C LYS C 405 -3.54 -7.16 -14.65
N THR C 406 -3.63 -8.25 -13.91
CA THR C 406 -4.63 -9.26 -14.16
C THR C 406 -5.23 -9.67 -12.82
N ASP C 407 -6.49 -10.09 -12.83
CA ASP C 407 -7.12 -10.59 -11.61
C ASP C 407 -6.39 -11.83 -11.11
N SER C 408 -6.37 -11.99 -9.79
CA SER C 408 -5.82 -13.20 -9.16
C SER C 408 -6.46 -14.46 -9.72
N GLY C 409 -7.78 -14.43 -9.90
CA GLY C 409 -8.54 -15.59 -10.32
C GLY C 409 -8.21 -16.15 -11.70
N ARG C 410 -7.54 -15.35 -12.53
CA ARG C 410 -7.19 -15.77 -13.88
C ARG C 410 -5.76 -16.30 -13.96
N ILE C 411 -5.12 -16.41 -12.80
CA ILE C 411 -3.76 -16.95 -12.74
C ILE C 411 -3.80 -18.48 -12.73
N PRO C 412 -3.37 -19.09 -13.85
CA PRO C 412 -3.45 -20.55 -14.00
C PRO C 412 -2.37 -21.28 -13.22
N THR C 413 -2.68 -22.50 -12.77
CA THR C 413 -1.77 -23.27 -11.95
C THR C 413 -1.33 -24.56 -12.65
N LEU C 414 -0.45 -25.31 -11.99
CA LEU C 414 0.04 -26.58 -12.51
C LEU C 414 -0.14 -27.67 -11.47
N PRO C 415 -0.46 -28.90 -11.91
CA PRO C 415 -0.56 -30.01 -10.97
C PRO C 415 0.75 -30.25 -10.23
N SER C 416 0.64 -30.71 -8.99
CA SER C 416 1.81 -30.99 -8.17
C SER C 416 1.46 -32.06 -7.15
N GLY C 417 2.44 -32.48 -6.36
CA GLY C 417 2.24 -33.54 -5.40
C GLY C 417 2.05 -34.88 -6.09
N LEU C 418 1.26 -35.76 -5.48
CA LEU C 418 0.97 -37.06 -6.05
C LEU C 418 0.15 -36.88 -7.33
N ILE C 419 0.68 -37.43 -8.41
CA ILE C 419 0.16 -37.19 -9.76
C ILE C 419 -0.05 -38.52 -10.50
N ILE C 420 -1.17 -38.63 -11.21
CA ILE C 420 -1.48 -39.83 -11.99
C ILE C 420 -1.90 -39.43 -13.40
N PRO C 421 -1.25 -40.01 -14.42
CA PRO C 421 -1.54 -39.64 -15.80
C PRO C 421 -2.87 -40.22 -16.29
N GLN C 422 -3.57 -39.48 -17.14
CA GLN C 422 -4.83 -39.96 -17.70
C GLN C 422 -4.88 -39.69 -19.19
N ALA C 423 -5.32 -40.69 -19.94
CA ALA C 423 -5.47 -40.60 -21.39
C ALA C 423 -6.58 -41.53 -21.84
N GLY C 424 -7.10 -41.28 -23.03
CA GLY C 424 -8.20 -42.08 -23.55
C GLY C 424 -9.48 -41.72 -22.82
N THR C 425 -10.55 -42.45 -23.09
CA THR C 425 -11.83 -42.20 -22.44
C THR C 425 -11.98 -43.04 -21.17
N ASP C 426 -11.17 -44.08 -21.03
CA ASP C 426 -11.24 -45.02 -19.91
C ASP C 426 -12.65 -45.62 -19.75
N SER C 427 -13.30 -45.91 -20.88
CA SER C 427 -14.64 -46.50 -20.85
C SER C 427 -14.65 -47.91 -21.45
N PHE D 9 -6.43 -52.12 -12.79
CA PHE D 9 -6.90 -52.43 -14.14
C PHE D 9 -5.78 -52.21 -15.14
N GLY D 10 -4.62 -51.74 -14.66
CA GLY D 10 -3.43 -51.65 -15.48
C GLY D 10 -3.21 -50.42 -16.36
N LEU D 11 -2.52 -49.43 -15.80
CA LEU D 11 -1.82 -48.35 -16.53
C LEU D 11 -2.51 -47.62 -17.69
N LEU D 12 -3.49 -48.22 -18.34
CA LEU D 12 -4.27 -47.52 -19.35
C LEU D 12 -5.53 -46.93 -18.75
N PHE D 13 -5.79 -47.26 -17.48
CA PHE D 13 -7.03 -46.85 -16.82
C PHE D 13 -6.76 -46.20 -15.47
N VAL D 14 -7.63 -45.26 -15.11
CA VAL D 14 -7.65 -44.68 -13.77
C VAL D 14 -9.06 -44.82 -13.20
N GLY D 15 -9.16 -45.47 -12.04
CA GLY D 15 -10.45 -45.69 -11.41
C GLY D 15 -10.69 -44.71 -10.27
N PHE D 16 -11.93 -44.61 -9.83
CA PHE D 16 -12.30 -43.71 -8.73
C PHE D 16 -12.78 -44.50 -7.52
N VAL D 17 -12.53 -43.95 -6.33
CA VAL D 17 -13.00 -44.55 -5.09
C VAL D 17 -13.64 -43.49 -4.20
N ALA D 18 -14.58 -43.90 -3.37
CA ALA D 18 -15.36 -42.97 -2.55
C ALA D 18 -14.84 -42.88 -1.13
N GLY D 19 -15.37 -41.90 -0.40
CA GLY D 19 -15.12 -41.75 1.03
C GLY D 19 -13.65 -41.72 1.40
N GLY D 20 -13.22 -42.68 2.22
CA GLY D 20 -11.82 -42.84 2.56
C GLY D 20 -11.08 -43.36 1.35
N VAL D 21 -10.41 -44.50 1.51
CA VAL D 21 -9.69 -45.16 0.42
C VAL D 21 -8.67 -44.26 -0.26
N ALA D 22 -7.39 -44.48 0.08
CA ALA D 22 -6.31 -43.67 -0.46
C ALA D 22 -6.21 -43.79 -1.98
N GLY D 23 -5.81 -42.70 -2.63
CA GLY D 23 -5.56 -42.74 -4.06
C GLY D 23 -4.08 -42.97 -4.31
N GLY D 24 -3.74 -43.39 -5.52
CA GLY D 24 -2.34 -43.60 -5.89
C GLY D 24 -2.14 -44.84 -6.74
N TYR D 25 -1.01 -45.50 -6.52
CA TYR D 25 -0.63 -46.71 -7.25
C TYR D 25 -0.59 -47.89 -6.29
N PHE D 26 -1.32 -48.95 -6.62
CA PHE D 26 -1.45 -50.11 -5.74
C PHE D 26 -1.25 -51.40 -6.54
N TRP D 27 -1.13 -52.53 -5.83
CA TRP D 27 -1.03 -53.83 -6.48
C TRP D 27 -2.38 -54.54 -6.53
N GLY D 28 -2.72 -55.06 -7.69
CA GLY D 28 -3.95 -55.82 -7.88
C GLY D 28 -3.70 -57.15 -8.53
N ARG D 29 -4.38 -58.18 -8.03
CA ARG D 29 -4.22 -59.57 -8.48
C ARG D 29 -5.56 -60.07 -9.02
N SER D 30 -5.68 -61.35 -9.35
CA SER D 30 -6.95 -61.80 -9.89
C SER D 30 -7.50 -63.12 -9.33
N ASN D 31 -7.31 -64.20 -10.08
CA ASN D 31 -8.06 -65.44 -9.89
C ASN D 31 -7.47 -66.44 -8.90
N GLY D 32 -7.94 -67.68 -8.99
CA GLY D 32 -7.47 -68.76 -8.14
C GLY D 32 -8.32 -70.01 -8.23
N GLY D 33 -9.57 -69.91 -7.78
CA GLY D 33 -10.45 -71.07 -7.71
C GLY D 33 -11.40 -71.22 -8.88
N GLY D 34 -11.87 -70.10 -9.43
CA GLY D 34 -12.76 -70.11 -10.58
C GLY D 34 -14.21 -70.44 -10.24
N GLY D 35 -15.04 -69.41 -10.10
CA GLY D 35 -14.60 -68.04 -10.24
C GLY D 35 -14.37 -67.40 -8.89
N GLY D 36 -13.21 -66.76 -8.74
CA GLY D 36 -12.83 -66.18 -7.46
C GLY D 36 -13.43 -64.81 -7.21
N ALA D 37 -12.71 -64.02 -6.41
CA ALA D 37 -13.07 -62.64 -6.10
C ALA D 37 -11.80 -61.95 -5.63
N SER D 38 -11.39 -60.92 -6.35
CA SER D 38 -10.00 -60.47 -6.30
C SER D 38 -9.70 -59.29 -5.37
N VAL D 39 -8.41 -59.01 -5.13
CA VAL D 39 -7.95 -58.05 -4.11
C VAL D 39 -7.09 -56.91 -4.65
N SER D 40 -7.18 -55.75 -3.99
CA SER D 40 -6.28 -54.61 -4.20
C SER D 40 -5.58 -54.25 -2.89
N SER D 41 -4.25 -54.19 -2.92
CA SER D 41 -3.48 -53.88 -1.72
C SER D 41 -3.64 -52.44 -1.26
N THR D 42 -2.71 -51.99 -0.43
CA THR D 42 -2.65 -50.57 -0.10
C THR D 42 -1.19 -50.13 -0.31
N GLN D 43 -0.82 -50.04 -1.59
CA GLN D 43 0.43 -49.43 -2.05
C GLN D 43 1.62 -50.31 -1.71
N ALA D 44 2.61 -50.29 -2.59
CA ALA D 44 3.88 -50.95 -2.29
C ALA D 44 5.02 -49.93 -2.28
N GLY D 45 6.22 -50.39 -2.59
CA GLY D 45 7.40 -49.55 -2.49
C GLY D 45 7.87 -48.95 -3.81
N PHE D 46 6.94 -48.38 -4.58
CA PHE D 46 7.31 -47.72 -5.84
C PHE D 46 7.90 -46.34 -5.58
N ASP D 47 9.09 -46.30 -4.97
CA ASP D 47 9.74 -45.01 -4.75
C ASP D 47 10.27 -44.46 -6.07
N LYS D 48 10.45 -45.34 -7.05
CA LYS D 48 10.85 -44.92 -8.40
C LYS D 48 9.85 -43.89 -8.92
N ILE D 49 8.56 -44.18 -8.75
CA ILE D 49 7.50 -43.27 -9.16
C ILE D 49 7.64 -41.95 -8.44
N GLY D 50 7.93 -42.02 -7.14
CA GLY D 50 8.09 -40.82 -6.34
C GLY D 50 9.22 -39.94 -6.82
N LYS D 51 10.34 -40.55 -7.19
CA LYS D 51 11.50 -39.79 -7.62
C LYS D 51 11.29 -39.29 -9.05
N ASP D 52 10.57 -40.09 -9.85
CA ASP D 52 10.21 -39.69 -11.21
C ASP D 52 9.33 -38.46 -11.20
N ILE D 53 8.29 -38.47 -10.38
CA ILE D 53 7.38 -37.34 -10.24
C ILE D 53 8.14 -36.08 -9.83
N GLN D 54 9.02 -36.22 -8.85
CA GLN D 54 9.81 -35.10 -8.37
C GLN D 54 10.68 -34.51 -9.47
N GLN D 55 11.37 -35.37 -10.21
CA GLN D 55 12.21 -34.94 -11.32
C GLN D 55 11.39 -34.23 -12.41
N LEU D 56 10.24 -34.80 -12.74
CA LEU D 56 9.39 -34.24 -13.78
C LEU D 56 8.87 -32.84 -13.40
N ARG D 57 8.48 -32.66 -12.15
CA ARG D 57 7.91 -31.39 -11.74
C ARG D 57 8.97 -30.30 -11.70
N ASN D 58 10.14 -30.58 -11.12
CA ASN D 58 11.26 -29.68 -11.31
C ASN D 58 11.54 -29.26 -12.76
N ASP D 59 11.42 -30.22 -13.66
CA ASP D 59 11.72 -29.97 -15.06
C ASP D 59 10.82 -28.92 -15.66
N THR D 60 9.70 -28.63 -14.99
CA THR D 60 8.74 -27.67 -15.52
C THR D 60 9.22 -26.22 -15.34
N ASN D 61 10.16 -26.02 -14.41
CA ASN D 61 10.67 -24.69 -14.11
C ASN D 61 11.24 -24.00 -15.34
N ALA D 62 11.85 -24.78 -16.22
CA ALA D 62 12.42 -24.24 -17.46
C ALA D 62 11.35 -23.53 -18.29
N ALA D 63 10.19 -24.14 -18.44
CA ALA D 63 9.10 -23.54 -19.19
C ALA D 63 8.48 -22.37 -18.43
N ILE D 64 8.42 -22.51 -17.11
CA ILE D 64 7.85 -21.46 -16.27
C ILE D 64 8.70 -20.19 -16.28
N GLU D 65 10.00 -20.36 -16.08
CA GLU D 65 10.94 -19.24 -16.06
C GLU D 65 10.98 -18.52 -17.40
N GLY D 66 10.89 -19.28 -18.48
CA GLY D 66 10.85 -18.71 -19.81
C GLY D 66 9.70 -17.73 -19.98
N PHE D 67 8.52 -18.11 -19.50
CA PHE D 67 7.35 -17.24 -19.61
C PHE D 67 7.52 -15.99 -18.74
N ASN D 68 7.84 -16.20 -17.47
CA ASN D 68 7.96 -15.10 -16.51
C ASN D 68 9.03 -14.09 -16.88
N GLY D 69 10.01 -14.52 -17.66
CA GLY D 69 11.10 -13.65 -18.08
C GLY D 69 10.87 -12.92 -19.39
N ARG D 70 9.67 -13.03 -19.94
CA ARG D 70 9.34 -12.32 -21.16
C ARG D 70 8.30 -11.24 -20.90
N ILE D 71 8.75 -10.00 -20.86
CA ILE D 71 7.88 -8.86 -20.62
C ILE D 71 8.09 -7.81 -21.71
N ALA D 72 7.02 -7.46 -22.42
CA ALA D 72 7.12 -6.54 -23.55
C ALA D 72 7.51 -5.13 -23.13
N HIS D 73 8.35 -4.50 -23.94
CA HIS D 73 8.72 -3.10 -23.71
C HIS D 73 7.54 -2.22 -24.05
N ASP D 74 7.45 -1.07 -23.38
CA ASP D 74 6.35 -0.15 -23.58
C ASP D 74 6.83 1.26 -23.27
N GLU D 75 6.12 2.26 -23.77
CA GLU D 75 6.43 3.63 -23.41
C GLU D 75 5.19 4.49 -23.51
N GLN D 76 4.72 4.99 -22.37
CA GLN D 76 3.52 5.81 -22.34
C GLN D 76 3.79 7.17 -21.70
N ALA D 77 3.47 8.23 -22.43
CA ALA D 77 3.68 9.58 -21.95
C ALA D 77 2.40 10.18 -21.36
N ILE D 78 1.27 9.62 -21.77
CA ILE D 78 -0.06 10.07 -21.34
C ILE D 78 -0.20 9.97 -19.81
N LYS D 79 -0.97 10.87 -19.23
CA LYS D 79 -1.13 10.90 -17.79
C LYS D 79 -2.28 10.03 -17.30
N ASN D 80 -3.17 9.64 -18.20
CA ASN D 80 -4.33 8.84 -17.81
C ASN D 80 -4.26 7.39 -18.29
N LEU D 81 -4.49 6.47 -17.36
CA LEU D 81 -4.42 5.05 -17.61
C LEU D 81 -5.24 4.61 -18.81
N ALA D 82 -4.61 3.87 -19.72
CA ALA D 82 -5.32 3.31 -20.87
C ALA D 82 -5.85 1.92 -20.48
N LYS D 83 -6.89 1.91 -19.66
CA LYS D 83 -7.33 0.71 -18.95
C LYS D 83 -7.73 -0.43 -19.88
N GLU D 84 -8.47 -0.11 -20.94
CA GLU D 84 -8.95 -1.13 -21.87
C GLU D 84 -7.81 -1.77 -22.65
N ILE D 85 -6.86 -0.96 -23.08
CA ILE D 85 -5.65 -1.48 -23.72
C ILE D 85 -4.89 -2.33 -22.72
N GLU D 86 -4.77 -1.84 -21.50
CA GLU D 86 -4.10 -2.55 -20.43
C GLU D 86 -4.75 -3.91 -20.13
N ASP D 87 -6.09 -3.96 -20.20
CA ASP D 87 -6.80 -5.20 -19.92
C ASP D 87 -6.70 -6.18 -21.09
N ALA D 88 -6.76 -5.66 -22.30
CA ALA D 88 -6.70 -6.52 -23.49
C ALA D 88 -5.34 -7.18 -23.58
N ARG D 89 -4.29 -6.41 -23.31
CA ARG D 89 -2.92 -6.92 -23.32
C ARG D 89 -2.72 -8.03 -22.28
N ALA D 90 -3.28 -7.81 -21.10
CA ALA D 90 -3.18 -8.79 -20.02
C ALA D 90 -3.96 -10.05 -20.40
N GLU D 91 -5.13 -9.85 -20.99
CA GLU D 91 -5.97 -10.96 -21.42
C GLU D 91 -5.27 -11.80 -22.48
N ALA D 92 -4.62 -11.13 -23.42
CA ALA D 92 -3.89 -11.82 -24.46
C ALA D 92 -2.77 -12.67 -23.86
N LEU D 93 -2.06 -12.13 -22.89
CA LEU D 93 -0.93 -12.83 -22.27
C LEU D 93 -1.39 -14.02 -21.41
N VAL D 94 -2.52 -13.85 -20.71
CA VAL D 94 -3.10 -14.95 -19.95
C VAL D 94 -3.54 -16.08 -20.88
N GLY D 95 -3.96 -15.70 -22.08
CA GLY D 95 -4.38 -16.66 -23.09
C GLY D 95 -3.21 -17.50 -23.60
N GLU D 96 -2.08 -16.85 -23.84
CA GLU D 96 -0.88 -17.57 -24.26
C GLU D 96 -0.35 -18.45 -23.13
N LEU D 97 -0.55 -17.98 -21.89
CA LEU D 97 -0.09 -18.74 -20.73
C LEU D 97 -0.93 -20.00 -20.55
N GLY D 98 -2.19 -19.95 -20.97
CA GLY D 98 -3.06 -21.11 -20.91
C GLY D 98 -2.59 -22.21 -21.85
N ILE D 99 -2.21 -21.81 -23.05
CA ILE D 99 -1.71 -22.74 -24.05
C ILE D 99 -0.44 -23.43 -23.56
N ILE D 100 0.48 -22.65 -23.02
CA ILE D 100 1.71 -23.20 -22.45
C ILE D 100 1.41 -24.14 -21.29
N ARG D 101 0.44 -23.74 -20.45
CA ARG D 101 -0.02 -24.60 -19.37
C ARG D 101 -0.52 -25.94 -19.88
N SER D 102 -1.37 -25.88 -20.91
CA SER D 102 -1.91 -27.09 -21.51
C SER D 102 -0.80 -27.95 -22.09
N LEU D 103 0.24 -27.31 -22.61
CA LEU D 103 1.38 -28.03 -23.16
C LEU D 103 2.18 -28.71 -22.05
N ILE D 104 2.42 -27.98 -20.97
CA ILE D 104 3.19 -28.51 -19.86
C ILE D 104 2.49 -29.70 -19.21
N VAL D 105 1.16 -29.58 -19.04
CA VAL D 105 0.38 -30.65 -18.42
C VAL D 105 0.49 -31.94 -19.22
N ALA D 106 0.38 -31.83 -20.53
CA ALA D 106 0.51 -32.98 -21.41
C ALA D 106 1.91 -33.57 -21.36
N ASN D 107 2.90 -32.68 -21.28
CA ASN D 107 4.29 -33.09 -21.25
C ASN D 107 4.58 -33.87 -19.98
N ILE D 108 4.01 -33.41 -18.87
CA ILE D 108 4.07 -34.14 -17.61
C ILE D 108 3.34 -35.47 -17.74
N SER D 109 2.13 -35.44 -18.30
CA SER D 109 1.32 -36.64 -18.47
C SER D 109 2.03 -37.73 -19.26
N MET D 110 2.56 -37.36 -20.43
CA MET D 110 3.20 -38.31 -21.32
C MET D 110 4.49 -38.85 -20.68
N ASN D 111 5.27 -37.99 -20.06
CA ASN D 111 6.55 -38.44 -19.51
C ASN D 111 6.38 -39.27 -18.23
N LEU D 112 5.33 -39.01 -17.47
CA LEU D 112 5.03 -39.82 -16.30
C LEU D 112 4.52 -41.19 -16.73
N LYS D 113 3.66 -41.19 -17.74
CA LYS D 113 3.15 -42.42 -18.33
C LYS D 113 4.30 -43.29 -18.84
N GLU D 114 5.26 -42.67 -19.51
CA GLU D 114 6.42 -43.38 -20.03
C GLU D 114 7.30 -43.92 -18.89
N SER D 115 7.40 -43.15 -17.81
CA SER D 115 8.17 -43.58 -16.65
C SER D 115 7.51 -44.77 -15.98
N LEU D 116 6.18 -44.80 -16.01
CA LEU D 116 5.43 -45.93 -15.50
C LEU D 116 5.62 -47.14 -16.40
N TYR D 117 5.61 -46.93 -17.72
CA TYR D 117 5.89 -48.00 -18.66
C TYR D 117 7.29 -48.57 -18.42
N GLU D 118 8.21 -47.70 -18.01
CA GLU D 118 9.58 -48.09 -17.77
C GLU D 118 9.72 -48.91 -16.49
N LEU D 119 8.90 -48.57 -15.49
CA LEU D 119 8.85 -49.39 -14.27
C LEU D 119 8.29 -50.79 -14.55
N ALA D 120 7.15 -50.84 -15.23
CA ALA D 120 6.52 -52.10 -15.59
C ALA D 120 7.43 -52.96 -16.46
N ASN D 121 8.25 -52.31 -17.29
CA ASN D 121 9.17 -53.02 -18.17
C ASN D 121 10.30 -53.68 -17.38
N GLN D 122 10.70 -53.06 -16.27
CA GLN D 122 11.72 -53.64 -15.41
C GLN D 122 11.15 -54.86 -14.68
N ILE D 123 9.85 -54.85 -14.46
CA ILE D 123 9.17 -55.97 -13.80
C ILE D 123 9.08 -57.17 -14.73
N THR D 124 8.78 -56.90 -16.00
CA THR D 124 8.75 -57.96 -17.02
C THR D 124 10.10 -58.67 -17.12
N LYS D 125 11.18 -57.91 -16.99
CA LYS D 125 12.52 -58.47 -17.09
C LYS D 125 13.00 -59.13 -15.81
N ARG D 126 12.44 -58.73 -14.66
CA ARG D 126 12.85 -59.35 -13.40
C ARG D 126 12.40 -60.80 -13.41
N GLY D 127 11.18 -61.03 -13.91
CA GLY D 127 10.74 -62.36 -14.25
C GLY D 127 11.24 -62.65 -15.65
N GLY D 128 10.36 -63.17 -16.50
CA GLY D 128 10.69 -63.29 -17.91
C GLY D 128 11.38 -64.58 -18.26
N GLY D 129 10.73 -65.39 -19.11
CA GLY D 129 9.44 -65.04 -19.69
C GLY D 129 8.27 -65.44 -18.83
N ILE D 130 8.52 -65.61 -17.54
CA ILE D 130 7.51 -65.98 -16.57
C ILE D 130 6.39 -64.93 -16.49
N ALA D 131 6.80 -63.67 -16.50
CA ALA D 131 5.89 -62.53 -16.32
C ALA D 131 4.73 -62.51 -17.32
N GLN D 132 5.06 -62.32 -18.60
CA GLN D 132 4.05 -62.29 -19.67
C GLN D 132 3.09 -61.11 -19.59
N GLU D 133 3.35 -60.09 -20.42
CA GLU D 133 2.59 -58.86 -20.41
C GLU D 133 1.16 -59.01 -20.93
N ALA D 134 0.21 -58.45 -20.20
CA ALA D 134 -1.17 -58.36 -20.66
C ALA D 134 -1.55 -56.88 -20.79
N GLY D 135 -0.86 -56.19 -21.69
CA GLY D 135 -0.96 -54.74 -21.74
C GLY D 135 -0.02 -54.15 -20.72
N PRO D 136 0.19 -52.82 -20.78
CA PRO D 136 1.12 -52.16 -19.87
C PRO D 136 0.65 -52.18 -18.41
N GLY D 137 1.51 -52.63 -17.51
CA GLY D 137 1.20 -52.66 -16.10
C GLY D 137 0.33 -53.83 -15.68
N CYS D 138 0.13 -54.79 -16.58
CA CYS D 138 -0.61 -56.02 -16.27
C CYS D 138 0.18 -57.24 -16.74
N TRP D 139 0.11 -58.31 -15.97
CA TRP D 139 0.80 -59.55 -16.32
C TRP D 139 -0.04 -60.78 -16.05
N TYR D 140 0.16 -61.80 -16.88
CA TYR D 140 -0.44 -63.11 -16.63
C TYR D 140 0.60 -64.07 -16.08
N VAL D 141 0.40 -64.47 -14.82
CA VAL D 141 1.33 -65.36 -14.13
C VAL D 141 0.67 -66.72 -13.93
N ASP D 142 1.35 -67.76 -14.38
CA ASP D 142 0.79 -69.11 -14.41
C ASP D 142 1.10 -69.85 -13.11
N SER D 143 0.08 -70.09 -12.29
CA SER D 143 0.24 -70.80 -11.02
C SER D 143 0.90 -72.18 -11.23
N GLU D 144 2.18 -72.15 -11.57
CA GLU D 144 2.94 -73.28 -12.11
C GLU D 144 4.40 -73.04 -11.83
N ASN D 145 4.71 -71.76 -11.83
CA ASN D 145 5.99 -71.21 -12.21
C ASN D 145 6.83 -70.84 -11.04
N CYS D 146 6.11 -70.37 -10.04
CA CYS D 146 6.58 -69.43 -9.08
C CYS D 146 5.57 -69.45 -7.96
N ASP D 147 6.08 -69.79 -6.79
CA ASP D 147 5.25 -70.01 -5.62
C ASP D 147 4.64 -68.68 -5.14
N ALA D 148 5.32 -68.05 -4.20
CA ALA D 148 4.82 -66.79 -3.64
C ALA D 148 6.00 -65.85 -3.40
N SER D 149 7.10 -66.40 -2.89
CA SER D 149 8.32 -65.62 -2.74
C SER D 149 8.89 -65.32 -4.13
N CYS D 150 8.48 -66.11 -5.11
CA CYS D 150 8.82 -65.83 -6.50
C CYS D 150 8.02 -64.62 -7.00
N LYS D 151 6.71 -64.62 -6.77
CA LYS D 151 5.89 -63.45 -7.09
C LYS D 151 6.43 -62.24 -6.34
N GLU D 152 6.84 -62.48 -5.10
CA GLU D 152 7.45 -61.45 -4.27
C GLU D 152 8.83 -61.06 -4.80
N TYR D 153 9.45 -61.95 -5.57
CA TYR D 153 10.71 -61.61 -6.22
C TYR D 153 10.45 -60.73 -7.44
N ILE D 154 9.52 -61.17 -8.28
CA ILE D 154 9.18 -60.46 -9.50
C ILE D 154 8.47 -59.14 -9.23
N PHE D 155 7.35 -59.20 -8.51
CA PHE D 155 6.49 -58.04 -8.35
C PHE D 155 6.77 -57.25 -7.09
N ASN D 156 7.58 -57.83 -6.19
CA ASN D 156 7.91 -57.20 -4.92
C ASN D 156 6.65 -56.68 -4.23
N PHE D 157 5.83 -57.63 -3.74
CA PHE D 157 4.64 -57.47 -2.88
C PHE D 157 3.34 -57.95 -3.54
C1 NAG E . -28.31 -13.88 -7.05
C2 NAG E . -28.19 -13.00 -8.30
C3 NAG E . -26.81 -12.33 -8.35
C4 NAG E . -26.51 -11.62 -7.04
C5 NAG E . -26.73 -12.56 -5.85
C6 NAG E . -26.58 -11.88 -4.51
C7 NAG E . -29.46 -13.60 -10.32
C8 NAG E . -29.52 -14.50 -11.51
N2 NAG E . -28.41 -13.78 -9.51
O3 NAG E . -26.75 -11.42 -9.44
O4 NAG E . -25.15 -11.21 -7.04
O5 NAG E . -28.06 -13.10 -5.90
O6 NAG E . -27.42 -10.74 -4.38
O7 NAG E . -30.31 -12.76 -10.08
C1 NAG E . -25.02 -9.79 -6.91
C2 NAG E . -23.58 -9.51 -6.47
C3 NAG E . -23.32 -8.01 -6.43
C4 NAG E . -23.77 -7.31 -7.70
C5 NAG E . -25.21 -7.73 -8.03
C6 NAG E . -25.71 -7.15 -9.34
C7 NAG E . -22.95 -11.37 -4.98
C8 NAG E . -22.74 -11.80 -3.55
N2 NAG E . -23.32 -10.11 -5.17
O3 NAG E . -21.92 -7.81 -6.24
O4 NAG E . -23.81 -5.89 -7.53
O5 NAG E . -25.28 -9.15 -8.14
O6 NAG E . -24.98 -7.69 -10.44
O7 NAG E . -22.79 -12.16 -5.91
C1 BMA E . -22.55 -5.22 -7.61
C2 BMA E . -22.79 -3.85 -8.28
C3 BMA E . -21.56 -2.96 -8.18
C4 BMA E . -21.00 -2.93 -6.75
C5 BMA E . -20.71 -4.37 -6.30
C6 BMA E . -20.20 -4.46 -4.87
O2 BMA E . -23.82 -3.16 -7.60
O3 BMA E . -21.80 -1.63 -8.65
O4 BMA E . -19.80 -2.18 -6.73
O5 BMA E . -21.94 -5.11 -6.36
O6 BMA E . -21.10 -3.70 -4.08
C1 MAN E . -20.68 -3.60 -2.70
C2 MAN E . -21.73 -2.77 -1.97
C3 MAN E . -21.64 -1.29 -2.39
C4 MAN E . -20.19 -0.78 -2.30
C5 MAN E . -19.21 -1.72 -3.01
C6 MAN E . -17.78 -1.34 -2.77
O2 MAN E . -21.50 -2.78 -0.57
O3 MAN E . -22.46 -0.48 -1.57
O4 MAN E . -20.11 0.50 -2.92
O5 MAN E . -19.39 -3.08 -2.55
O6 MAN E . -17.01 -2.06 -3.71
C1 MAN E . -23.83 -0.51 -2.00
C2 MAN E . -24.31 0.93 -1.95
C3 MAN E . -24.19 1.41 -0.52
C4 MAN E . -24.93 0.48 0.47
C5 MAN E . -24.61 -1.02 0.24
C6 MAN E . -25.62 -1.92 0.97
O2 MAN E . -25.71 1.03 -2.29
O3 MAN E . -24.64 2.74 -0.36
O4 MAN E . -24.53 0.80 1.80
O5 MAN E . -24.62 -1.35 -1.19
O6 MAN E . -25.49 -3.25 0.52
C1 MAN E . -15.67 -1.54 -3.79
C2 MAN E . -15.10 -1.95 -5.16
C3 MAN E . -14.78 -3.46 -5.15
C4 MAN E . -13.94 -3.86 -3.92
C5 MAN E . -14.62 -3.39 -2.63
C6 MAN E . -13.76 -3.66 -1.39
O2 MAN E . -13.88 -1.25 -5.48
O3 MAN E . -14.12 -3.90 -6.33
O4 MAN E . -13.82 -5.27 -3.88
O5 MAN E . -14.89 -1.96 -2.70
O6 MAN E . -14.50 -3.31 -0.23
C1 NAG F . -18.53 -9.53 -5.60
C2 NAG F . -17.91 -8.13 -5.54
C3 NAG F . -18.57 -7.19 -6.54
C4 NAG F . -18.63 -7.82 -7.93
C5 NAG F . -19.25 -9.21 -7.85
C6 NAG F . -19.28 -9.92 -9.18
C7 NAG F . -17.03 -6.87 -3.61
C8 NAG F . -17.33 -6.36 -2.23
N2 NAG F . -18.02 -7.58 -4.19
O3 NAG F . -17.82 -5.98 -6.60
O4 NAG F . -19.47 -7.01 -8.77
O5 NAG F . -18.48 -10.02 -6.93
O6 NAG F . -18.00 -10.41 -9.56
O7 NAG F . -15.97 -6.67 -4.17
C1 NAG F . -18.73 -6.20 -9.68
C2 NAG F . -19.63 -5.89 -10.86
C3 NAG F . -18.90 -5.04 -11.89
C4 NAG F . -18.32 -3.79 -11.25
C5 NAG F . -17.50 -4.15 -10.00
C6 NAG F . -17.03 -2.94 -9.22
C7 NAG F . -21.45 -7.42 -11.47
C8 NAG F . -21.81 -8.70 -12.16
N2 NAG F . -20.15 -7.09 -11.47
O3 NAG F . -19.85 -4.75 -12.90
O4 NAG F . -17.37 -3.14 -12.12
O5 NAG F . -18.27 -4.97 -9.10
O6 NAG F . -18.10 -2.21 -8.63
O7 NAG F . -22.30 -6.71 -10.93
C1 BMA F . -17.69 -2.33 -13.29
C2 BMA F . -19.14 -2.26 -13.76
C3 BMA F . -19.17 -1.81 -15.18
C4 BMA F . -18.68 -0.35 -15.13
C5 BMA F . -17.22 -0.36 -14.60
C6 BMA F . -16.71 1.02 -14.40
O2 BMA F . -19.85 -1.25 -13.03
O3 BMA F . -20.52 -1.92 -15.70
O4 BMA F . -18.70 0.29 -16.40
O5 BMA F . -17.12 -1.05 -13.30
O6 BMA F . -15.67 0.89 -13.51
C1 MAN F . -20.76 -2.95 -16.72
C2 MAN F . -22.16 -3.64 -16.51
C3 MAN F . -22.04 -5.00 -15.82
C4 MAN F . -20.97 -5.85 -16.48
C5 MAN F . -19.61 -5.16 -16.49
C6 MAN F . -18.59 -5.95 -17.32
O2 MAN F . -22.83 -3.90 -17.77
O3 MAN F . -23.26 -5.73 -15.90
O4 MAN F . -20.87 -7.08 -15.75
O5 MAN F . -19.68 -3.82 -17.08
O6 MAN F . -17.28 -5.45 -17.08
C1 MAN F . -24.28 -5.21 -15.04
C2 MAN F . -24.92 -6.39 -14.29
C3 MAN F . -25.71 -7.27 -15.27
C4 MAN F . -26.67 -6.42 -16.12
C5 MAN F . -25.90 -5.28 -16.80
C6 MAN F . -26.81 -4.35 -17.59
O2 MAN F . -25.88 -5.95 -13.33
O3 MAN F . -26.44 -8.27 -14.60
O4 MAN F . -27.28 -7.22 -17.12
O5 MAN F . -25.23 -4.50 -15.78
O6 MAN F . -25.98 -3.45 -18.31
C1 MAN F . -15.47 2.16 -12.86
C2 MAN F . -14.43 2.90 -13.69
C3 MAN F . -13.08 2.17 -13.59
C4 MAN F . -12.73 1.80 -12.13
C5 MAN F . -13.91 1.06 -11.51
C6 MAN F . -13.68 0.69 -10.05
O2 MAN F . -14.21 4.23 -13.20
O3 MAN F . -12.03 2.94 -14.13
O4 MAN F . -11.57 0.98 -12.10
O5 MAN F . -15.05 1.93 -11.58
O6 MAN F . -14.76 -0.16 -9.66
C1 NAG G . 29.48 25.25 14.50
C2 NAG G . 29.96 24.68 13.16
C3 NAG G . 29.72 23.18 13.11
C4 NAG G . 30.32 22.48 14.32
C5 NAG G . 29.79 23.14 15.59
C6 NAG G . 30.41 22.57 16.85
C7 NAG G . 29.90 26.34 11.36
C8 NAG G . 29.09 26.91 10.24
N2 NAG G . 29.32 25.35 12.04
O3 NAG G . 30.29 22.66 11.91
O4 NAG G . 29.92 21.13 14.34
O5 NAG G . 30.08 24.55 15.58
O6 NAG G . 31.37 23.46 17.41
O7 NAG G . 31.02 26.74 11.63
C1 NAG G . 30.97 20.23 13.94
C2 NAG G . 30.76 18.93 14.71
C3 NAG G . 31.72 17.84 14.22
C4 NAG G . 31.64 17.70 12.71
C5 NAG G . 31.88 19.05 12.06
C6 NAG G . 31.75 19.02 10.56
C7 NAG G . 30.54 18.30 17.08
C8 NAG G . 30.79 18.72 18.51
N2 NAG G . 30.93 19.15 16.14
O3 NAG G . 31.40 16.60 14.83
O4 NAG G . 32.59 16.74 12.24
O5 NAG G . 30.89 19.98 12.53
O6 NAG G . 30.41 19.29 10.14
O7 NAG G . 29.99 17.23 16.81
C1 GAL H . -43.39 -31.97 -11.69
C2 GAL H . -43.73 -32.94 -10.59
C3 GAL H . -42.55 -33.17 -9.74
C4 GAL H . -41.30 -33.50 -10.49
C5 GAL H . -41.13 -32.67 -11.74
C6 GAL H . -40.23 -33.38 -12.70
O1 GAL H . -44.50 -31.82 -12.58
O2 GAL H . -44.72 -32.41 -9.74
O3 GAL H . -42.83 -34.25 -8.88
O4 GAL H . -41.28 -34.87 -10.71
O5 GAL H . -42.33 -32.55 -12.43
O6 GAL H . -39.26 -32.46 -13.19
CAF 5N6 H . -43.37 -27.19 -4.32
CAG 5N6 H . -44.18 -27.11 -5.57
C11 5N6 H . -44.46 -32.50 -1.48
C10 5N6 H . -44.74 -32.57 -2.96
C9 5N6 H . -44.82 -29.02 -6.40
C8 5N6 H . -44.11 -30.26 -6.79
C7 5N6 H . -44.16 -31.17 -5.60
N5 5N6 H . -43.93 -33.37 -3.65
C5 5N6 H . -44.02 -33.62 -5.08
C4 5N6 H . -43.06 -34.75 -5.33
C6 5N6 H . -43.46 -32.49 -5.84
C3 5N6 H . -42.95 -35.13 -6.76
C2 5N6 H . -42.62 -33.93 -7.53
C1 5N6 H . -41.18 -33.54 -7.27
OBJ 5N6 H . -45.00 -26.24 -5.71
O9 5N6 H . -43.88 -28.02 -6.48
O10 5N6 H . -45.62 -31.89 -3.45
O7 5N6 H . -45.50 -31.36 -5.25
O8 5N6 H . -42.82 -29.85 -7.00
O4 5N6 H . -43.48 -35.86 -4.65
O6 5N6 H . -43.44 -32.85 -7.21
O1B 5N6 H . -40.94 -32.34 -7.33
O1A 5N6 H . -40.36 -34.43 -7.08
C1 NAG I . 14.27 15.79 34.78
C2 NAG I . 13.47 14.49 34.98
C3 NAG I . 14.12 13.61 36.06
C4 NAG I . 15.62 13.45 35.83
C5 NAG I . 16.27 14.81 35.61
C6 NAG I . 17.73 14.72 35.27
C7 NAG I . 11.04 14.14 34.92
C8 NAG I . 9.71 14.59 35.45
N2 NAG I . 12.10 14.81 35.36
O3 NAG I . 13.47 12.35 36.05
O4 NAG I . 16.22 12.89 36.99
O5 NAG I . 15.63 15.47 34.51
O6 NAG I . 17.95 14.15 33.98
O7 NAG I . 11.13 13.21 34.12
C1 NAG I . 16.44 11.47 36.89
C2 NAG I . 17.73 11.17 37.63
C3 NAG I . 17.97 9.67 37.71
C4 NAG I . 16.76 8.98 38.33
C5 NAG I . 15.50 9.36 37.55
C6 NAG I . 14.24 8.82 38.17
C7 NAG I . 19.61 12.75 37.68
C8 NAG I . 20.75 13.34 36.91
N2 NAG I . 18.87 11.84 37.02
O3 NAG I . 19.12 9.42 38.49
O4 NAG I . 16.94 7.58 38.34
O5 NAG I . 15.35 10.78 37.50
O6 NAG I . 13.12 9.04 37.32
O7 NAG I . 19.36 13.06 38.83
C1 NAG J . 1.48 32.97 -8.27
C2 NAG J . 0.10 33.10 -7.65
C3 NAG J . -0.32 31.79 -6.99
C4 NAG J . -0.12 30.60 -7.92
C5 NAG J . 1.28 30.63 -8.54
C6 NAG J . 1.50 29.56 -9.59
C7 NAG J . -0.68 35.29 -6.85
C8 NAG J . -0.59 36.31 -5.76
N2 NAG J . 0.06 34.19 -6.70
O3 NAG J . -1.70 31.86 -6.61
O4 NAG J . -0.24 29.40 -7.15
O5 NAG J . 1.49 31.89 -9.17
O6 NAG J . 0.58 29.71 -10.67
O7 NAG J . -1.40 35.45 -7.84
C1 NAG J . -1.27 28.53 -7.64
C2 NAG J . -1.01 27.14 -7.04
C3 NAG J . -2.14 26.16 -7.37
C4 NAG J . -3.51 26.78 -7.15
C5 NAG J . -3.58 28.15 -7.78
C6 NAG J . -4.89 28.88 -7.53
C7 NAG J . 1.44 26.84 -6.94
C8 NAG J . 2.64 26.25 -7.61
N2 NAG J . 0.26 26.62 -7.53
O3 NAG J . -1.97 25.00 -6.56
O4 NAG J . -4.52 25.99 -7.80
O5 NAG J . -2.54 28.97 -7.25
O6 NAG J . -5.05 29.17 -6.15
O7 NAG J . 1.54 27.50 -5.91
C1 BMA J . -4.88 24.76 -7.14
C2 BMA J . -6.36 24.53 -7.40
C3 BMA J . -6.79 23.15 -6.88
C4 BMA J . -5.85 22.04 -7.38
C5 BMA J . -4.39 22.39 -7.07
C6 BMA J . -3.41 21.41 -7.68
O2 BMA J . -6.61 24.53 -8.81
O3 BMA J . -8.14 22.83 -7.21
O4 BMA J . -6.19 20.80 -6.75
O5 BMA J . -4.08 23.70 -7.60
O6 BMA J . -3.72 21.31 -9.08
C1 MAN J . -3.06 20.16 -9.67
C2 MAN J . -3.53 19.98 -11.11
C3 MAN J . -4.92 19.32 -11.16
C4 MAN J . -4.94 18.05 -10.36
C5 MAN J . -4.46 18.28 -8.94
C6 MAN J . -4.25 16.96 -8.24
O2 MAN J . -2.64 19.09 -11.79
O3 MAN J . -5.33 19.01 -12.48
O4 MAN J . -6.28 17.55 -10.29
O5 MAN J . -3.17 18.98 -8.92
O6 MAN J . -4.15 17.22 -6.87
C1 MAN J . -5.71 20.20 -13.18
C2 MAN J . -6.96 19.87 -13.99
C3 MAN J . -6.59 18.86 -15.08
C4 MAN J . -5.38 19.35 -15.91
C5 MAN J . -4.22 19.67 -14.98
C6 MAN J . -3.05 20.26 -15.73
O2 MAN J . -7.51 21.03 -14.66
O3 MAN J . -7.69 18.53 -15.95
O4 MAN J . -4.96 18.34 -16.83
O5 MAN J . -4.65 20.65 -13.99
O6 MAN J . -3.22 21.67 -15.81
C1 MAN J . -4.52 16.05 -6.15
C2 MAN J . -4.82 16.50 -4.73
C3 MAN J . -3.52 17.05 -4.12
C4 MAN J . -2.35 16.04 -4.26
C5 MAN J . -2.23 15.51 -5.71
C6 MAN J . -1.27 14.34 -5.84
O2 MAN J . -5.25 15.41 -3.90
O3 MAN J . -3.67 17.47 -2.78
O4 MAN J . -1.13 16.69 -3.90
O5 MAN J . -3.52 15.08 -6.19
O6 MAN J . -0.74 14.34 -7.16
C1 NAG K . 0.46 22.95 -4.31
C2 NAG K . -0.60 21.83 -4.32
C3 NAG K . -2.00 22.41 -4.19
C4 NAG K . -2.09 23.30 -2.95
C5 NAG K . -1.02 24.39 -3.06
C6 NAG K . -0.99 25.31 -1.86
C7 NAG K . -0.49 19.71 -5.55
C8 NAG K . -0.38 19.06 -6.89
N2 NAG K . -0.50 21.05 -5.55
O3 NAG K . -2.93 21.33 -4.09
O4 NAG K . -3.38 23.89 -2.87
O5 NAG K . 0.27 23.78 -3.16
O6 NAG K . -0.88 24.56 -0.66
O7 NAG K . -0.56 19.05 -4.52
C1 NAG K . -4.09 23.47 -1.68
C2 NAG K . -5.32 24.36 -1.55
C3 NAG K . -6.10 23.98 -0.29
C4 NAG K . -6.45 22.50 -0.31
C5 NAG K . -5.19 21.66 -0.52
C6 NAG K . -5.48 20.19 -0.74
C7 NAG K . -5.25 26.59 -2.54
C8 NAG K . -4.82 28.02 -2.37
N2 NAG K . -4.97 25.76 -1.53
O3 NAG K . -7.27 24.78 -0.20
O4 NAG K . -7.05 22.16 0.94
O5 NAG K . -4.48 22.10 -1.70
O6 NAG K . -6.02 19.97 -2.03
O7 NAG K . -5.82 26.21 -3.56
C1 NAG L . -7.54 -39.63 -1.13
C2 NAG L . -7.69 -39.35 0.38
C3 NAG L . -6.51 -38.54 0.91
C4 NAG L . -5.19 -39.17 0.52
C5 NAG L . -5.16 -39.32 -0.99
C6 NAG L . -3.88 -39.95 -1.50
C7 NAG L . -9.91 -39.17 1.42
C8 NAG L . -11.13 -38.31 1.60
N2 NAG L . -8.94 -38.68 0.65
O3 NAG L . -6.60 -38.47 2.33
O4 NAG L . -4.12 -38.34 0.94
O5 NAG L . -6.25 -40.15 -1.40
O6 NAG L . -3.81 -41.32 -1.17
O7 NAG L . -9.80 -40.27 1.97
C1 NAG L . -3.43 -38.88 2.08
C2 NAG L . -2.07 -38.17 2.09
C3 NAG L . -1.29 -38.48 3.37
C4 NAG L . -2.15 -38.20 4.59
C5 NAG L . -3.43 -39.00 4.50
C6 NAG L . -4.38 -38.76 5.66
C7 NAG L . -0.33 -37.77 0.40
C8 NAG L . 0.35 -38.32 -0.82
N2 NAG L . -1.30 -38.54 0.92
O3 NAG L . -0.11 -37.69 3.42
O4 NAG L . -1.44 -38.54 5.78
O5 NAG L . -4.13 -38.61 3.31
O6 NAG L . -5.60 -39.47 5.49
O7 NAG L . -0.01 -36.69 0.89
C1 GAL M . 11.34 54.97 -7.48
C2 GAL M . 12.68 55.41 -8.07
C3 GAL M . 13.57 54.16 -8.18
C4 GAL M . 13.68 53.48 -6.87
C5 GAL M . 12.34 53.12 -6.42
C6 GAL M . 12.38 52.65 -5.01
O1 GAL M . 10.47 56.04 -7.18
O2 GAL M . 12.43 55.91 -9.33
O3 GAL M . 14.86 54.43 -8.65
O4 GAL M . 14.23 54.35 -5.97
O5 GAL M . 11.58 54.30 -6.27
O6 GAL M . 11.17 53.05 -4.40
CAF 5N6 M . 11.37 49.26 -15.46
CAG 5N6 M . 10.88 50.40 -14.63
C11 5N6 M . 16.75 51.36 -15.58
C10 5N6 M . 16.39 52.50 -14.66
C9 5N6 M . 11.44 52.08 -13.17
C8 5N6 M . 12.43 52.43 -12.11
C7 5N6 M . 13.73 52.61 -12.78
N5 5N6 M . 16.43 52.24 -13.36
C5 5N6 M . 16.09 53.21 -12.33
C4 5N6 M . 17.07 53.17 -11.21
C6 5N6 M . 14.80 52.76 -11.77
C3 5N6 M . 16.69 54.01 -10.05
C2 5N6 M . 15.32 53.53 -9.61
C1 5N6 M . 15.41 52.13 -8.97
OBJ 5N6 M . 9.75 50.80 -14.81
O9 5N6 M . 11.79 50.87 -13.79
O10 5N6 M . 16.13 53.56 -15.15
O7 5N6 M . 13.65 53.72 -13.60
O8 5N6 M . 12.53 51.40 -11.19
O4 5N6 M . 18.32 53.40 -11.60
O6 5N6 M . 14.43 53.51 -10.65
O1B 5N6 M . 16.47 51.85 -8.43
O1A 5N6 M . 14.42 51.40 -8.98
C1 NAG N . 8.97 -31.97 -21.17
C2 NAG N . 9.98 -30.82 -21.27
C3 NAG N . 11.41 -31.35 -21.26
C4 NAG N . 11.65 -32.35 -20.13
C5 NAG N . 10.57 -33.41 -20.15
C6 NAG N . 10.67 -34.38 -18.99
C7 NAG N . 9.87 -28.71 -22.53
C8 NAG N . 9.63 -28.08 -23.86
N2 NAG N . 9.75 -30.04 -22.48
O3 NAG N . 12.30 -30.25 -21.13
O4 NAG N . 12.88 -33.03 -20.34
O5 NAG N . 9.29 -32.79 -20.05
O6 NAG N . 10.56 -33.69 -17.74
O7 NAG N . 10.16 -28.05 -21.53
C1 NAG N . 13.99 -32.48 -19.62
C2 NAG N . 14.91 -33.65 -19.30
C3 NAG N . 16.19 -33.16 -18.63
C4 NAG N . 16.86 -32.13 -19.51
C5 NAG N . 15.89 -31.01 -19.89
C6 NAG N . 16.46 -30.07 -20.92
C7 NAG N . 14.09 -35.91 -18.78
C8 NAG N . 13.37 -36.79 -17.81
N2 NAG N . 14.23 -34.62 -18.44
O3 NAG N . 17.06 -34.27 -18.42
O4 NAG N . 17.98 -31.56 -18.84
O5 NAG N . 14.69 -31.56 -20.45
O6 NAG N . 15.61 -28.95 -21.12
O7 NAG N . 14.52 -36.34 -19.85
C1 NAG O . 18.79 4.89 29.44
C2 NAG O . 19.30 4.10 30.66
C3 NAG O . 18.79 2.67 30.62
C4 NAG O . 17.27 2.65 30.51
C5 NAG O . 16.83 3.46 29.28
C6 NAG O . 15.34 3.58 29.17
C7 NAG O . 21.42 4.80 31.67
C8 NAG O . 22.92 4.71 31.59
N2 NAG O . 20.75 4.13 30.73
O3 NAG O . 19.20 1.99 31.80
O4 NAG O . 16.79 1.32 30.39
O5 NAG O . 17.34 4.80 29.38
O6 NAG O . 14.90 3.25 27.86
O7 NAG O . 20.85 5.41 32.57
C1 NAG P . 15.20 -27.81 -9.51
C2 NAG P . 16.48 -28.43 -10.08
C3 NAG P . 17.55 -27.36 -10.29
C4 NAG P . 17.02 -26.27 -11.21
C5 NAG P . 15.74 -25.68 -10.61
C6 NAG P . 15.03 -24.78 -11.58
C7 NAG P . 17.36 -30.66 -9.77
C8 NAG P . 17.88 -31.66 -8.81
N2 NAG P . 16.99 -29.49 -9.25
O3 NAG P . 18.73 -27.95 -10.86
O4 NAG P . 18.00 -25.26 -11.49
O5 NAG P . 14.77 -26.71 -10.34
O6 NAG P . 15.19 -23.42 -11.24
O7 NAG P . 17.27 -30.91 -10.99
#